data_8FTK
#
_entry.id   8FTK
#
_cell.length_a   1.00
_cell.length_b   1.00
_cell.length_c   1.00
_cell.angle_alpha   90.00
_cell.angle_beta   90.00
_cell.angle_gamma   90.00
#
_symmetry.space_group_name_H-M   'P 1'
#
_entity_poly.entity_id   1
_entity_poly.type   'polypeptide(L)'
_entity_poly.pdbx_seq_one_letter_code
;MENNDLYQAAIGWYRAFEDCPPELHLCCPKVDDDDYATYDEPDVVDDSGVPVEEKKRRISAYEERFQNVYNLSILLGLGK
EVAGPWLDEWTRAVDSLLKKCDTCVRNWHRNRDPYLKALHLSPEQVTYLQSKLDEFDRQRITEGLQRAKAILEQYGPMST
VKLVDHDMSAVLALYEALCSLPYLARPEHQPLFDFVFENTQRKKPLRMQGGIIPSMTLFLFDESPVRRRFAETAWENRQP
GSITAQEWDWAISGRLADQIVSLSFNRLQTLPPGQKILRFWSGFLFILHALSEKQIINSLRAMEVSPSIYFLALEHLGTN
SDEALAMVLRALQELMEKSSKAFWQALEQVPPNQLVEEIFKSAAFRPLLNKSLRPELLVTEGDSQVPALAAWMRALVRSL
PSTSWSDLCETSLRHLFETFRSDQAVDQSGRATCTLAGLVTLQQCLDGFLQQDSIDTGTGLIMVNQLLNRVVNYSEIIIR
AASLKPGDIYNVGISKAAMAIIHSALALDAKATEVEWAALIAEKPVQDAVNRDSGALWETFLEMLWAGQLGHFELAKAML
MATLRLRSIEQFIPKRKEQLKRELDKFNKRYQQQTTAIGKMLNRLTDFEPEVLDKLCSDPRGQTIHPIVSSLIHGEDAIR
EAGFQLLKAITSESQPSDAVGRMLEVYFTPFLNAFSQAVDKLTATKDANSPWSHMIPILKCSDFVLTGLCDPSSGQLRRK
VLTTEEHAAVKRWWECVWQAVDHSFRMMRIWHIKIDKKVMEDFCRDVMELGNKLLAQDGVMASSLAQESGEDAISKAMRE
VLDPPRKCSYSLADMLQLRDKYLVMGIIETIKKLLSRLQENEMNLPQRTRGHLDSMLKKTKQRDGRMDYLTKTNLTDVQR
IELLKALGEDAVIEEQFMGTKPGDREAKEKERALKQSKLDFSKAGISYSGDINEHLAQITPNFEKYHKSSLLETLKKEEP
AKPKAPAKLSQQAILANQQQIKEARARERAEKARRDAEAIAKAKALRAGKTIPGEGSGLQSIAGVRGKDHAPVVKDEIMV
GSSSEDEGDDDDDDDVINRAKTKSKKIWDEAERRRLELEAEKLRGPVKKMKILRSAKDMRARLIPPMDVLHQAILEWDIF
HEGNDPPNGYRCGNVSDTYPDPYSYKQTFFPLLINEAWRSFVTAKDETTSKPFGIKVLSRMTVDKFMEVTAAVPAQISKD
RGLTEGDIVIISKGEDPLNQPQELHCLSRIWKTTYKKDTVEVVYRLNAKGNQILPALTPGSEFQVVKITNMTTIEREYAA
LESLQYYDLMDEILKAQPSPMLTFGDEAIKAVMDNYQLNPGQARAILNAKENDGFTLIQGPPGTGKTKTIVAMVGCLLTG
VLKSSNTGAVQISRPGAGPTNGTAPSKKLLVCAPSNAAVDELVLRLKAGVKTMNGTFHKIEVLRLGRSDVINAAVKDVTL
DELVKARMDAELSKNSSPSERDQLHKEAGEIKAKLAEIRPQLDAARLSDDRASAMKLQREFDELKRRQAHIGAKIDADKA
SGNTYARETEIKRRQIQQEILDKAQVLCATLSGSGHEMFKNLNVEFETVIIDEAAQCVELSALIPLKYGCNKCILVGDPK
QLPPTVLSQSAAKYGYDQSLFVRMQKNHPKDVHLLDMQYRMHPEISRFPSKEFYEGLLQDGADMARLRLQPWHQSVLLGP
YRFFDVKGSQERGPKNQSLVNEEEVKVAMQLYMRFRSDYRDIDLTGKIGIITPYKAQLQRLRQKFVERYGESITEQIEFN
TTDAFQGRECEIIIFSCVRASPTGGIGFMTDIRRMNVGLTRARSSLWILGDSRALVQGEFWAKLIEDAKQRDRYTNGNIM
ALLSQPGPRVSLESLAKQYSVPVAPVARSKEDVEMHDTPRTSESIPPAMPYRGSGIGGLNERGEATTPTTRGGELPIIQS
TDGSAGKKRPRDANEENRPAFDPAKASSAFWFTQTTGIGIGIDRSFCDGSFGAGSSNPSASSATATPSSSGTF
;
_entity_poly.pdbx_strand_id   A
#
# COMPACT_ATOMS: atom_id res chain seq x y z
N MET A 1 99.16 29.08 -1.69
CA MET A 1 100.01 29.43 -0.56
C MET A 1 99.25 29.27 0.75
N GLU A 2 99.41 28.11 1.38
CA GLU A 2 98.70 27.85 2.63
C GLU A 2 98.95 28.95 3.66
N ASN A 3 100.22 29.25 3.92
CA ASN A 3 100.54 30.29 4.89
C ASN A 3 99.94 31.64 4.48
N ASN A 4 100.37 32.16 3.33
CA ASN A 4 99.99 33.52 2.94
C ASN A 4 98.50 33.62 2.58
N ASP A 5 98.01 32.74 1.70
CA ASP A 5 96.61 32.83 1.30
C ASP A 5 95.68 32.48 2.45
N LEU A 6 96.05 31.49 3.27
CA LEU A 6 95.28 31.21 4.46
C LEU A 6 95.29 32.37 5.43
N TYR A 7 96.40 33.12 5.51
CA TYR A 7 96.45 34.30 6.37
C TYR A 7 95.55 35.40 5.83
N GLN A 8 95.48 35.55 4.51
CA GLN A 8 94.58 36.54 3.93
C GLN A 8 93.12 36.16 4.19
N ALA A 9 92.76 34.89 3.95
CA ALA A 9 91.42 34.42 4.24
C ALA A 9 91.11 34.54 5.74
N ALA A 10 92.12 34.34 6.57
CA ALA A 10 91.95 34.48 8.02
C ALA A 10 91.82 35.94 8.42
N ILE A 11 92.44 36.86 7.71
CA ILE A 11 92.20 38.28 7.94
C ILE A 11 90.76 38.62 7.60
N GLY A 12 90.26 38.09 6.48
CA GLY A 12 88.85 38.27 6.15
C GLY A 12 87.93 37.68 7.20
N TRP A 13 88.24 36.48 7.66
CA TRP A 13 87.42 35.83 8.69
C TRP A 13 87.50 36.57 10.01
N TYR A 14 88.67 37.11 10.34
CA TYR A 14 88.82 37.89 11.56
C TYR A 14 88.05 39.19 11.47
N ARG A 15 87.98 39.80 10.28
CA ARG A 15 87.09 40.92 10.08
C ARG A 15 85.64 40.51 10.30
N ALA A 16 85.23 39.40 9.70
CA ALA A 16 83.84 38.93 9.84
C ALA A 16 83.53 38.54 11.28
N PHE A 17 84.56 38.27 12.09
CA PHE A 17 84.35 37.87 13.47
C PHE A 17 84.38 39.05 14.42
N GLU A 18 85.48 39.80 14.46
CA GLU A 18 85.65 40.94 15.36
C GLU A 18 85.06 42.23 14.80
N ASP A 19 85.35 42.55 13.54
CA ASP A 19 84.82 43.78 12.96
C ASP A 19 83.29 43.74 12.92
N CYS A 20 82.72 42.60 12.55
CA CYS A 20 81.28 42.43 12.66
C CYS A 20 80.87 42.39 14.13
N PRO A 21 79.65 42.81 14.45
CA PRO A 21 79.24 42.91 15.85
C PRO A 21 79.21 41.55 16.52
N PRO A 22 79.97 41.38 17.61
CA PRO A 22 79.92 40.11 18.35
C PRO A 22 78.89 40.08 19.45
N GLU A 23 78.26 41.21 19.77
CA GLU A 23 77.23 41.22 20.80
C GLU A 23 76.07 40.31 20.41
N LEU A 24 75.63 40.39 19.16
CA LEU A 24 74.64 39.45 18.66
C LEU A 24 75.26 38.05 18.56
N HIS A 25 74.41 37.04 18.70
CA HIS A 25 74.86 35.66 18.58
C HIS A 25 75.53 35.44 17.23
N LEU A 26 76.84 35.16 17.25
CA LEU A 26 77.57 35.00 16.00
C LEU A 26 77.20 33.70 15.28
N CYS A 27 77.00 32.62 16.04
CA CYS A 27 76.71 31.32 15.47
C CYS A 27 75.24 30.95 15.53
N CYS A 28 74.40 31.84 16.07
CA CYS A 28 72.97 31.58 16.18
C CYS A 28 72.21 32.81 15.69
N PRO A 29 70.98 32.63 15.22
CA PRO A 29 70.20 33.80 14.76
C PRO A 29 69.73 34.72 15.87
N LYS A 30 70.04 34.40 17.13
CA LYS A 30 69.57 35.20 18.25
C LYS A 30 70.18 36.60 18.22
N VAL A 31 69.34 37.61 18.48
CA VAL A 31 69.83 38.98 18.54
C VAL A 31 70.71 39.19 19.78
N ASP A 32 70.35 38.59 20.91
CA ASP A 32 71.12 38.75 22.14
C ASP A 32 70.97 37.46 22.95
N ASP A 33 71.40 37.52 24.22
CA ASP A 33 71.26 36.37 25.11
C ASP A 33 69.82 36.08 25.47
N ASP A 34 68.97 37.10 25.55
CA ASP A 34 67.56 36.94 25.86
C ASP A 34 66.70 36.76 24.63
N ASP A 35 67.31 36.69 23.45
CA ASP A 35 66.58 36.56 22.19
C ASP A 35 66.18 35.10 22.02
N TYR A 36 64.95 34.77 22.42
CA TYR A 36 64.40 33.42 22.26
C TYR A 36 63.29 33.40 21.21
N ALA A 37 63.46 34.15 20.13
CA ALA A 37 62.42 34.27 19.12
C ALA A 37 62.25 32.97 18.36
N THR A 38 61.12 32.87 17.64
CA THR A 38 60.81 31.68 16.84
C THR A 38 61.69 31.67 15.58
N TYR A 39 62.97 31.36 15.78
CA TYR A 39 63.90 31.29 14.67
C TYR A 39 63.56 30.14 13.72
N ASP A 40 62.81 29.14 14.20
CA ASP A 40 62.36 28.07 13.33
C ASP A 40 61.26 28.52 12.37
N GLU A 41 60.70 29.71 12.57
CA GLU A 41 59.65 30.22 11.70
C GLU A 41 60.17 31.39 10.88
N PRO A 42 61.07 31.15 9.92
CA PRO A 42 61.54 32.25 9.07
C PRO A 42 60.52 32.61 8.01
N ASP A 43 59.74 31.62 7.57
CA ASP A 43 58.68 31.88 6.62
C ASP A 43 57.53 32.66 7.22
N VAL A 44 57.30 32.53 8.53
CA VAL A 44 56.24 33.24 9.23
C VAL A 44 56.83 34.44 9.95
N VAL A 45 55.96 35.35 10.38
CA VAL A 45 56.37 36.54 11.11
C VAL A 45 56.94 36.13 12.47
N ASP A 46 58.24 36.28 12.64
CA ASP A 46 58.93 35.84 13.85
C ASP A 46 58.46 36.67 15.05
N ASP A 47 58.53 36.08 16.24
CA ASP A 47 58.08 36.77 17.46
C ASP A 47 58.96 37.96 17.81
N SER A 48 60.13 38.08 17.17
CA SER A 48 61.02 39.21 17.40
C SER A 48 60.63 40.45 16.60
N GLY A 49 59.42 40.50 16.06
CA GLY A 49 59.02 41.55 15.15
C GLY A 49 59.54 41.39 13.75
N VAL A 50 60.09 40.22 13.41
CA VAL A 50 60.63 39.97 12.08
C VAL A 50 59.55 39.30 11.23
N PRO A 51 59.02 39.98 10.21
CA PRO A 51 57.99 39.35 9.36
C PRO A 51 58.59 38.36 8.39
N VAL A 52 57.79 37.85 7.46
CA VAL A 52 58.29 36.84 6.52
C VAL A 52 59.55 37.34 5.82
N GLU A 53 59.53 38.58 5.34
CA GLU A 53 60.73 39.19 4.80
C GLU A 53 61.81 39.31 5.86
N GLU A 54 61.45 39.84 7.03
CA GLU A 54 62.46 40.11 8.06
C GLU A 54 62.91 38.83 8.77
N LYS A 55 61.98 37.89 8.98
CA LYS A 55 62.40 36.61 9.55
C LYS A 55 63.25 35.82 8.56
N LYS A 56 62.91 35.87 7.27
CA LYS A 56 63.78 35.27 6.27
C LYS A 56 65.12 36.00 6.21
N ARG A 57 65.13 37.29 6.52
CA ARG A 57 66.39 38.03 6.59
C ARG A 57 67.22 37.58 7.78
N ARG A 58 66.59 37.34 8.92
CA ARG A 58 67.31 36.80 10.08
C ARG A 58 67.86 35.42 9.77
N ILE A 59 67.07 34.57 9.11
CA ILE A 59 67.53 33.25 8.73
C ILE A 59 68.66 33.35 7.72
N SER A 60 68.58 34.31 6.79
CA SER A 60 69.64 34.49 5.80
C SER A 60 70.90 35.03 6.44
N ALA A 61 70.78 35.88 7.47
CA ALA A 61 71.95 36.32 8.21
C ALA A 61 72.60 35.16 8.95
N TYR A 62 71.77 34.29 9.55
CA TYR A 62 72.31 33.10 10.19
C TYR A 62 73.00 32.20 9.18
N GLU A 63 72.40 32.01 8.00
CA GLU A 63 72.98 31.14 6.99
C GLU A 63 74.23 31.77 6.37
N GLU A 64 74.28 33.10 6.30
CA GLU A 64 75.46 33.77 5.76
C GLU A 64 76.62 33.72 6.75
N ARG A 65 76.33 33.90 8.04
CA ARG A 65 77.35 33.65 9.05
C ARG A 65 77.77 32.19 9.06
N PHE A 66 76.84 31.28 8.76
CA PHE A 66 77.18 29.87 8.70
C PHE A 66 78.05 29.56 7.50
N GLN A 67 77.81 30.21 6.36
CA GLN A 67 78.67 30.03 5.20
C GLN A 67 80.04 30.64 5.43
N ASN A 68 80.07 31.79 6.11
CA ASN A 68 81.36 32.37 6.49
C ASN A 68 82.12 31.43 7.41
N VAL A 69 81.43 30.82 8.38
CA VAL A 69 82.09 29.88 9.28
C VAL A 69 82.40 28.57 8.57
N TYR A 70 81.72 28.29 7.46
CA TYR A 70 82.05 27.10 6.67
C TYR A 70 83.33 27.32 5.89
N ASN A 71 83.46 28.47 5.23
CA ASN A 71 84.73 28.82 4.61
C ASN A 71 85.83 29.03 5.64
N LEU A 72 85.44 29.36 6.87
CA LEU A 72 86.37 29.57 7.97
C LEU A 72 86.56 28.34 8.84
N SER A 73 85.98 27.20 8.46
CA SER A 73 86.41 25.95 9.06
C SER A 73 87.92 25.77 8.89
N ILE A 74 88.44 26.15 7.72
CA ILE A 74 89.87 26.18 7.52
C ILE A 74 90.53 27.16 8.48
N LEU A 75 89.88 28.29 8.75
CA LEU A 75 90.43 29.26 9.71
C LEU A 75 90.45 28.70 11.13
N LEU A 76 89.41 27.95 11.51
CA LEU A 76 89.34 27.40 12.87
C LEU A 76 90.34 26.26 13.04
N GLY A 77 90.56 25.48 11.98
CA GLY A 77 91.57 24.45 11.98
C GLY A 77 92.92 24.90 11.45
N LEU A 78 93.12 26.20 11.30
CA LEU A 78 94.38 26.71 10.74
C LEU A 78 95.54 26.44 11.68
N GLY A 79 95.29 26.48 12.99
CA GLY A 79 96.36 26.32 13.95
C GLY A 79 97.05 27.62 14.27
N LYS A 80 97.40 27.83 15.54
CA LYS A 80 98.00 29.09 15.94
C LYS A 80 99.39 29.27 15.35
N GLU A 81 100.17 28.20 15.23
CA GLU A 81 101.54 28.32 14.76
C GLU A 81 101.61 28.91 13.35
N VAL A 82 100.68 28.53 12.49
CA VAL A 82 100.62 29.06 11.13
C VAL A 82 100.19 30.52 11.10
N ALA A 83 99.22 30.89 11.94
CA ALA A 83 98.63 32.22 11.90
C ALA A 83 98.92 33.07 13.13
N GLY A 84 99.95 32.72 13.91
CA GLY A 84 100.29 33.46 15.10
C GLY A 84 99.17 33.46 16.13
N PRO A 85 98.85 34.63 16.66
CA PRO A 85 97.78 34.71 17.66
C PRO A 85 96.39 34.75 17.06
N TRP A 86 96.26 34.81 15.74
CA TRP A 86 94.93 34.88 15.12
C TRP A 86 94.13 33.61 15.40
N LEU A 87 94.73 32.45 15.16
CA LEU A 87 94.01 31.20 15.41
C LEU A 87 93.83 30.97 16.90
N ASP A 88 94.72 31.51 17.73
CA ASP A 88 94.52 31.44 19.18
C ASP A 88 93.28 32.21 19.61
N GLU A 89 93.14 33.44 19.11
CA GLU A 89 91.93 34.21 19.39
C GLU A 89 90.71 33.54 18.80
N TRP A 90 90.86 32.91 17.64
CA TRP A 90 89.74 32.17 17.04
C TRP A 90 89.32 31.01 17.94
N THR A 91 90.29 30.29 18.50
CA THR A 91 89.99 29.20 19.42
C THR A 91 89.32 29.71 20.69
N ARG A 92 89.79 30.86 21.19
CA ARG A 92 89.17 31.47 22.36
C ARG A 92 87.71 31.84 22.07
N ALA A 93 87.47 32.44 20.91
CA ALA A 93 86.11 32.80 20.53
C ALA A 93 85.25 31.56 20.32
N VAL A 94 85.83 30.49 19.78
CA VAL A 94 85.09 29.25 19.59
C VAL A 94 84.70 28.65 20.94
N ASP A 95 85.64 28.65 21.89
CA ASP A 95 85.30 28.19 23.24
C ASP A 95 84.21 29.04 23.86
N SER A 96 84.28 30.36 23.67
CA SER A 96 83.29 31.25 24.25
C SER A 96 81.89 31.05 23.63
N LEU A 97 81.82 30.94 22.31
CA LEU A 97 80.53 31.01 21.61
C LEU A 97 80.01 29.64 21.19
N LEU A 98 80.85 28.82 20.54
CA LEU A 98 80.44 27.48 20.16
C LEU A 98 79.94 26.66 21.34
N LYS A 99 80.47 26.91 22.53
CA LYS A 99 79.99 26.28 23.75
C LYS A 99 78.92 27.10 24.46
N LYS A 100 78.24 28.00 23.74
CA LYS A 100 77.19 28.84 24.30
C LYS A 100 75.84 28.62 23.65
N CYS A 101 75.79 28.39 22.35
CA CYS A 101 74.54 28.12 21.64
C CYS A 101 74.49 26.64 21.28
N ASP A 102 73.58 25.90 21.89
CA ASP A 102 73.49 24.47 21.67
C ASP A 102 73.12 24.15 20.23
N THR A 103 72.15 24.88 19.67
CA THR A 103 71.76 24.66 18.29
C THR A 103 72.93 24.95 17.35
N CYS A 104 73.71 25.99 17.65
CA CYS A 104 74.89 26.29 16.85
C CYS A 104 75.91 25.16 16.93
N VAL A 105 76.11 24.60 18.12
CA VAL A 105 77.05 23.50 18.28
C VAL A 105 76.60 22.28 17.47
N ARG A 106 75.30 21.95 17.54
CA ARG A 106 74.78 20.83 16.77
C ARG A 106 74.91 21.07 15.28
N ASN A 107 74.61 22.29 14.82
CA ASN A 107 74.72 22.61 13.41
C ASN A 107 76.17 22.51 12.94
N TRP A 108 77.11 23.00 13.75
CA TRP A 108 78.53 22.92 13.39
C TRP A 108 78.98 21.46 13.33
N HIS A 109 78.55 20.65 14.29
CA HIS A 109 78.91 19.23 14.28
C HIS A 109 78.35 18.53 13.05
N ARG A 110 77.09 18.81 12.69
CA ARG A 110 76.48 18.20 11.52
C ARG A 110 77.06 18.71 10.21
N ASN A 111 77.57 19.94 10.20
CA ASN A 111 78.16 20.51 9.00
C ASN A 111 79.62 20.12 8.82
N ARG A 112 80.33 19.80 9.90
CA ARG A 112 81.69 19.32 9.78
C ARG A 112 81.74 18.07 8.90
N ASP A 113 80.83 17.13 9.11
CA ASP A 113 80.67 16.02 8.18
C ASP A 113 80.29 16.51 6.79
N PRO A 114 79.31 17.40 6.62
CA PRO A 114 79.10 17.98 5.28
C PRO A 114 80.30 18.73 4.76
N TYR A 115 81.01 19.47 5.63
CA TYR A 115 82.23 20.13 5.20
C TYR A 115 83.31 19.11 4.83
N LEU A 116 83.38 18.00 5.57
CA LEU A 116 84.30 16.94 5.22
C LEU A 116 83.99 16.36 3.85
N LYS A 117 82.70 16.17 3.55
CA LYS A 117 82.30 15.75 2.21
C LYS A 117 82.67 16.82 1.17
N ALA A 118 82.66 18.08 1.57
CA ALA A 118 83.10 19.18 0.72
C ALA A 118 84.57 19.51 0.89
N LEU A 119 85.28 18.84 1.81
CA LEU A 119 86.69 19.11 2.04
C LEU A 119 87.52 18.41 0.97
N HIS A 120 88.32 19.19 0.23
CA HIS A 120 89.18 18.64 -0.82
C HIS A 120 90.58 18.43 -0.27
N LEU A 121 90.67 17.51 0.70
CA LEU A 121 91.92 17.16 1.34
C LEU A 121 92.21 15.68 1.13
N SER A 122 93.50 15.34 1.12
CA SER A 122 93.90 13.95 0.97
C SER A 122 93.47 13.16 2.20
N PRO A 123 93.36 11.82 2.06
CA PRO A 123 92.92 11.02 3.21
C PRO A 123 93.80 11.22 4.44
N GLU A 124 95.11 11.33 4.26
CA GLU A 124 95.98 11.69 5.38
C GLU A 124 95.70 13.12 5.83
N GLN A 125 95.55 14.06 4.89
CA GLN A 125 95.25 15.44 5.25
C GLN A 125 93.89 15.57 5.92
N VAL A 126 92.88 14.90 5.37
CA VAL A 126 91.55 14.93 5.97
C VAL A 126 91.58 14.31 7.36
N THR A 127 92.30 13.20 7.51
CA THR A 127 92.43 12.56 8.81
C THR A 127 93.11 13.48 9.81
N TYR A 128 94.17 14.18 9.37
CA TYR A 128 94.87 15.10 10.27
C TYR A 128 93.98 16.27 10.69
N LEU A 129 93.22 16.83 9.74
CA LEU A 129 92.33 17.94 10.07
C LEU A 129 91.23 17.48 11.02
N GLN A 130 90.63 16.32 10.76
CA GLN A 130 89.61 15.80 11.65
C GLN A 130 90.19 15.49 13.02
N SER A 131 91.42 14.97 13.07
CA SER A 131 92.07 14.68 14.35
C SER A 131 92.33 15.95 15.13
N LYS A 132 92.77 17.02 14.47
CA LYS A 132 92.99 18.28 15.16
C LYS A 132 91.69 18.85 15.70
N LEU A 133 90.63 18.83 14.88
CA LEU A 133 89.34 19.33 15.33
C LEU A 133 88.82 18.49 16.50
N ASP A 134 88.95 17.18 16.40
CA ASP A 134 88.50 16.29 17.48
C ASP A 134 89.34 16.50 18.73
N GLU A 135 90.64 16.79 18.57
CA GLU A 135 91.48 17.05 19.74
C GLU A 135 91.05 18.31 20.45
N PHE A 136 90.78 19.38 19.70
CA PHE A 136 90.29 20.62 20.31
C PHE A 136 88.96 20.38 21.01
N ASP A 137 88.04 19.69 20.33
CA ASP A 137 86.73 19.43 20.92
C ASP A 137 86.84 18.56 22.17
N ARG A 138 87.72 17.56 22.14
CA ARG A 138 87.89 16.67 23.28
C ARG A 138 88.54 17.39 24.44
N GLN A 139 89.49 18.29 24.18
CA GLN A 139 90.06 19.09 25.25
C GLN A 139 89.00 19.95 25.91
N ARG A 140 88.16 20.61 25.11
CA ARG A 140 87.08 21.41 25.67
C ARG A 140 86.12 20.55 26.48
N ILE A 141 85.77 19.37 25.94
CA ILE A 141 84.83 18.48 26.60
C ILE A 141 85.41 17.97 27.92
N THR A 142 86.69 17.63 27.93
CA THR A 142 87.32 17.13 29.14
C THR A 142 87.39 18.21 30.21
N GLU A 143 87.72 19.45 29.82
CA GLU A 143 87.72 20.54 30.80
C GLU A 143 86.32 20.77 31.37
N GLY A 144 85.30 20.77 30.49
CA GLY A 144 83.95 20.95 30.96
C GLY A 144 83.50 19.81 31.87
N LEU A 145 83.87 18.58 31.53
CA LEU A 145 83.50 17.44 32.35
C LEU A 145 84.18 17.48 33.71
N GLN A 146 85.45 17.89 33.74
CA GLN A 146 86.13 18.05 35.02
C GLN A 146 85.46 19.10 35.88
N ARG A 147 85.10 20.24 35.27
CA ARG A 147 84.41 21.28 36.02
C ARG A 147 83.06 20.78 36.53
N ALA A 148 82.31 20.07 35.70
CA ALA A 148 81.01 19.56 36.11
C ALA A 148 81.14 18.55 37.23
N LYS A 149 82.12 17.65 37.13
CA LYS A 149 82.34 16.65 38.18
C LYS A 149 82.74 17.32 39.49
N ALA A 150 83.60 18.34 39.42
CA ALA A 150 83.97 19.05 40.63
C ALA A 150 82.77 19.74 41.26
N ILE A 151 81.92 20.37 40.44
CA ILE A 151 80.74 21.03 40.95
C ILE A 151 79.79 20.03 41.59
N LEU A 152 79.56 18.89 40.93
CA LEU A 152 78.67 17.88 41.47
C LEU A 152 79.20 17.32 42.78
N GLU A 153 80.52 17.09 42.87
CA GLU A 153 81.10 16.56 44.09
C GLU A 153 81.03 17.58 45.23
N GLN A 154 81.37 18.84 44.95
CA GLN A 154 81.42 19.85 46.00
C GLN A 154 80.02 20.28 46.44
N TYR A 155 79.24 20.82 45.51
CA TYR A 155 77.92 21.35 45.82
C TYR A 155 76.87 20.26 45.97
N GLY A 156 77.21 19.00 45.73
CA GLY A 156 76.27 17.92 45.83
C GLY A 156 75.34 17.88 44.63
N PRO A 157 74.27 17.10 44.73
CA PRO A 157 73.33 17.00 43.60
C PRO A 157 72.41 18.21 43.55
N MET A 158 72.14 18.66 42.31
CA MET A 158 71.27 19.80 42.07
C MET A 158 70.30 19.46 40.93
N SER A 159 69.10 20.00 41.03
CA SER A 159 68.10 19.79 39.99
C SER A 159 68.52 20.46 38.69
N THR A 160 67.84 20.08 37.60
CA THR A 160 68.19 20.62 36.29
C THR A 160 68.16 22.15 36.29
N VAL A 161 67.15 22.74 36.93
CA VAL A 161 67.12 24.20 37.07
C VAL A 161 68.25 24.67 37.97
N LYS A 162 68.45 23.99 39.10
CA LYS A 162 69.56 24.33 39.98
C LYS A 162 70.90 24.07 39.31
N LEU A 163 71.03 22.95 38.59
CA LEU A 163 72.27 22.68 37.87
C LEU A 163 72.52 23.71 36.78
N VAL A 164 71.46 24.33 36.26
CA VAL A 164 71.63 25.39 35.27
C VAL A 164 72.37 26.57 35.89
N ASP A 165 71.90 27.04 37.05
CA ASP A 165 72.60 28.11 37.76
C ASP A 165 73.98 27.67 38.22
N HIS A 166 74.15 26.38 38.54
CA HIS A 166 75.46 25.86 38.91
C HIS A 166 76.45 26.02 37.76
N ASP A 167 76.19 25.35 36.64
CA ASP A 167 77.04 25.53 35.45
C ASP A 167 76.18 25.29 34.20
N MET A 168 75.62 26.37 33.67
CA MET A 168 75.07 26.31 32.32
C MET A 168 76.14 25.90 31.31
N SER A 169 77.39 26.25 31.57
CA SER A 169 78.49 25.78 30.72
C SER A 169 78.60 24.25 30.77
N ALA A 170 78.48 23.67 31.95
CA ALA A 170 78.49 22.21 32.06
C ALA A 170 77.26 21.61 31.39
N VAL A 171 76.12 22.28 31.49
CA VAL A 171 74.91 21.81 30.81
C VAL A 171 75.15 21.76 29.30
N LEU A 172 75.75 22.82 28.76
CA LEU A 172 76.07 22.85 27.33
C LEU A 172 77.11 21.78 26.98
N ALA A 173 78.06 21.55 27.87
CA ALA A 173 79.06 20.50 27.63
C ALA A 173 78.41 19.13 27.58
N LEU A 174 77.44 18.87 28.45
CA LEU A 174 76.69 17.62 28.40
C LEU A 174 75.87 17.51 27.13
N TYR A 175 75.25 18.62 26.70
CA TYR A 175 74.50 18.62 25.45
C TYR A 175 75.41 18.28 24.28
N GLU A 176 76.61 18.84 24.26
CA GLU A 176 77.60 18.47 23.24
C GLU A 176 77.96 17.00 23.37
N ALA A 177 78.19 16.52 24.59
CA ALA A 177 78.49 15.12 24.82
C ALA A 177 77.35 14.22 24.37
N LEU A 178 76.11 14.70 24.49
CA LEU A 178 74.98 13.96 23.92
C LEU A 178 75.08 13.81 22.41
N CYS A 179 75.85 14.67 21.75
CA CYS A 179 76.09 14.55 20.31
C CYS A 179 77.56 14.37 19.95
N SER A 180 78.45 14.23 20.92
CA SER A 180 79.89 14.06 20.66
C SER A 180 80.11 12.62 20.21
N LEU A 181 79.86 12.37 18.92
CA LEU A 181 80.06 11.03 18.37
C LEU A 181 81.49 10.54 18.54
N PRO A 182 82.52 11.35 18.25
CA PRO A 182 83.89 10.86 18.44
C PRO A 182 84.24 10.63 19.91
N TYR A 183 83.83 11.54 20.80
CA TYR A 183 84.08 11.34 22.22
C TYR A 183 83.40 10.09 22.74
N LEU A 184 82.16 9.85 22.30
CA LEU A 184 81.48 8.61 22.64
C LEU A 184 82.23 7.40 22.09
N ALA A 185 82.73 7.51 20.87
CA ALA A 185 83.52 6.44 20.27
C ALA A 185 84.88 6.26 20.94
N ARG A 186 85.30 7.23 21.75
CA ARG A 186 86.58 7.10 22.45
C ARG A 186 86.42 6.16 23.64
N PRO A 187 87.07 5.00 23.65
CA PRO A 187 86.91 4.08 24.79
C PRO A 187 87.39 4.65 26.10
N GLU A 188 88.45 5.46 26.09
CA GLU A 188 88.96 6.03 27.33
C GLU A 188 87.95 6.96 27.98
N HIS A 189 87.29 7.80 27.18
CA HIS A 189 86.29 8.73 27.69
C HIS A 189 85.04 8.04 28.21
N GLN A 190 84.85 6.76 27.90
CA GLN A 190 83.65 6.05 28.33
C GLN A 190 83.47 6.07 29.83
N PRO A 191 84.50 5.89 30.67
CA PRO A 191 84.27 5.90 32.12
C PRO A 191 83.76 7.23 32.65
N LEU A 192 84.45 8.33 32.32
CA LEU A 192 84.02 9.64 32.81
C LEU A 192 82.65 10.03 32.24
N PHE A 193 82.42 9.74 30.96
CA PHE A 193 81.13 10.04 30.36
C PHE A 193 80.02 9.25 31.03
N ASP A 194 80.26 7.96 31.30
CA ASP A 194 79.26 7.15 31.99
C ASP A 194 78.99 7.66 33.39
N PHE A 195 80.06 8.07 34.10
CA PHE A 195 79.88 8.63 35.44
C PHE A 195 79.04 9.89 35.40
N VAL A 196 79.32 10.79 34.45
CA VAL A 196 78.57 12.04 34.35
C VAL A 196 77.12 11.75 33.99
N PHE A 197 76.88 10.85 33.04
CA PHE A 197 75.53 10.52 32.64
C PHE A 197 74.74 9.90 33.80
N GLU A 198 75.37 8.99 34.54
CA GLU A 198 74.71 8.39 35.70
C GLU A 198 74.41 9.43 36.76
N ASN A 199 75.34 10.37 36.98
CA ASN A 199 75.09 11.45 37.92
C ASN A 199 73.97 12.37 37.45
N THR A 200 73.76 12.49 36.14
CA THR A 200 72.78 13.43 35.59
C THR A 200 71.48 12.75 35.16
N GLN A 201 71.57 11.75 34.27
CA GLN A 201 70.40 11.14 33.66
C GLN A 201 69.61 10.27 34.62
N ARG A 202 70.16 9.96 35.79
CA ARG A 202 69.44 9.14 36.76
C ARG A 202 68.23 9.89 37.33
N LYS A 203 68.34 11.21 37.45
CA LYS A 203 67.27 12.02 38.03
C LYS A 203 65.98 11.92 37.21
N LYS A 204 66.03 12.38 35.96
CA LYS A 204 64.89 12.33 35.06
C LYS A 204 65.36 12.12 33.64
N PRO A 205 64.50 11.60 32.76
CA PRO A 205 64.84 11.53 31.34
C PRO A 205 64.78 12.93 30.73
N LEU A 206 65.96 13.47 30.41
CA LEU A 206 66.08 14.86 29.97
C LEU A 206 65.31 15.12 28.68
N ARG A 207 64.43 16.12 28.71
CA ARG A 207 63.68 16.53 27.54
C ARG A 207 64.38 17.75 26.93
N MET A 208 65.50 17.48 26.25
CA MET A 208 66.27 18.54 25.62
C MET A 208 65.62 18.93 24.29
N GLN A 209 65.83 20.17 23.88
CA GLN A 209 65.30 20.68 22.62
C GLN A 209 66.36 20.62 21.53
N GLY A 210 65.91 20.72 20.28
CA GLY A 210 66.81 20.81 19.15
C GLY A 210 67.35 19.48 18.66
N GLY A 211 66.48 18.62 18.16
CA GLY A 211 66.90 17.37 17.53
C GLY A 211 67.12 16.26 18.54
N ILE A 212 67.56 15.12 18.00
CA ILE A 212 67.84 13.93 18.80
C ILE A 212 69.18 13.36 18.37
N ILE A 213 69.66 12.40 19.17
CA ILE A 213 70.93 11.73 18.90
C ILE A 213 70.73 10.23 19.04
N PRO A 214 71.56 9.43 18.37
CA PRO A 214 71.37 7.98 18.42
C PRO A 214 72.15 7.30 19.53
N SER A 215 72.87 8.04 20.36
CA SER A 215 73.60 7.42 21.47
C SER A 215 72.65 6.79 22.47
N MET A 216 71.62 7.53 22.88
CA MET A 216 70.62 6.97 23.78
C MET A 216 69.82 5.87 23.09
N THR A 217 69.64 5.98 21.77
CA THR A 217 68.95 4.92 21.03
C THR A 217 69.75 3.63 21.06
N LEU A 218 71.07 3.71 20.93
CA LEU A 218 71.91 2.53 21.03
C LEU A 218 71.93 2.01 22.47
N PHE A 219 71.91 2.92 23.44
CA PHE A 219 71.83 2.50 24.84
C PHE A 219 70.52 1.78 25.12
N LEU A 220 69.47 2.08 24.35
CA LEU A 220 68.24 1.31 24.44
C LEU A 220 68.48 -0.13 24.01
N PHE A 221 69.30 -0.32 22.97
CA PHE A 221 69.79 -1.65 22.62
C PHE A 221 70.85 -2.15 23.59
N ASP A 222 71.64 -1.26 24.16
CA ASP A 222 72.62 -1.64 25.17
C ASP A 222 71.94 -1.80 26.53
N GLU A 223 72.76 -2.01 27.56
CA GLU A 223 72.25 -2.26 28.90
C GLU A 223 71.76 -1.00 29.59
N SER A 224 72.20 0.19 29.15
CA SER A 224 71.84 1.42 29.84
C SER A 224 70.34 1.67 29.73
N PRO A 225 69.57 1.49 30.80
CA PRO A 225 68.11 1.69 30.69
C PRO A 225 67.68 3.12 30.95
N VAL A 226 68.51 3.91 31.65
CA VAL A 226 68.20 5.32 31.84
C VAL A 226 68.27 6.06 30.51
N ARG A 227 69.35 5.86 29.76
CA ARG A 227 69.45 6.45 28.43
C ARG A 227 68.42 5.83 27.48
N ARG A 228 68.03 4.58 27.75
CA ARG A 228 66.95 3.97 26.97
C ARG A 228 65.64 4.75 27.16
N ARG A 229 65.30 5.06 28.41
CA ARG A 229 64.11 5.85 28.67
C ARG A 229 64.23 7.25 28.08
N PHE A 230 65.43 7.83 28.16
CA PHE A 230 65.66 9.15 27.56
C PHE A 230 65.42 9.11 26.05
N ALA A 231 65.94 8.08 25.37
CA ALA A 231 65.74 7.95 23.94
C ALA A 231 64.27 7.75 23.60
N GLU A 232 63.57 6.91 24.38
CA GLU A 232 62.15 6.69 24.13
C GLU A 232 61.37 7.98 24.27
N THR A 233 61.64 8.75 25.34
CA THR A 233 60.95 10.02 25.52
C THR A 233 61.26 10.99 24.39
N ALA A 234 62.52 11.07 23.98
CA ALA A 234 62.90 11.98 22.91
C ALA A 234 62.21 11.61 21.60
N TRP A 235 62.19 10.32 21.26
CA TRP A 235 61.63 9.88 19.99
C TRP A 235 60.11 9.84 19.98
N GLU A 236 59.47 9.79 21.15
CA GLU A 236 58.01 9.69 21.18
C GLU A 236 57.30 11.03 21.07
N ASN A 237 57.99 12.09 20.62
CA ASN A 237 57.40 13.41 20.52
C ASN A 237 57.28 13.89 19.09
N ARG A 238 57.60 13.06 18.10
CA ARG A 238 57.60 13.47 16.71
C ARG A 238 56.39 12.88 15.99
N GLN A 239 55.92 13.60 14.98
CA GLN A 239 54.82 13.20 14.12
C GLN A 239 55.34 12.75 12.78
N PRO A 240 54.46 12.26 11.90
CA PRO A 240 54.93 11.77 10.59
C PRO A 240 55.66 12.85 9.81
N GLY A 241 56.83 12.50 9.29
CA GLY A 241 57.64 13.43 8.54
C GLY A 241 58.14 14.64 9.31
N SER A 242 58.16 14.58 10.64
CA SER A 242 58.58 15.71 11.45
C SER A 242 60.09 15.96 11.39
N ILE A 243 60.86 15.04 10.82
CA ILE A 243 62.31 15.19 10.76
C ILE A 243 62.71 15.64 9.37
N THR A 244 63.58 16.64 9.30
CA THR A 244 64.08 17.14 8.04
C THR A 244 65.00 16.11 7.38
N ALA A 245 64.98 16.10 6.04
CA ALA A 245 65.87 15.22 5.30
C ALA A 245 67.33 15.50 5.64
N GLN A 246 67.65 16.75 5.98
CA GLN A 246 68.99 17.07 6.46
C GLN A 246 69.29 16.29 7.74
N GLU A 247 68.35 16.26 8.68
CA GLU A 247 68.52 15.44 9.87
C GLU A 247 68.56 13.96 9.52
N TRP A 248 67.79 13.56 8.50
CA TRP A 248 67.81 12.17 8.06
C TRP A 248 69.21 11.75 7.62
N ASP A 249 69.89 12.62 6.87
CA ASP A 249 71.27 12.32 6.46
C ASP A 249 72.22 12.44 7.65
N TRP A 250 71.97 13.41 8.54
CA TRP A 250 72.91 13.68 9.63
C TRP A 250 72.94 12.53 10.63
N ALA A 251 71.78 12.00 11.01
CA ALA A 251 71.71 11.04 12.09
C ALA A 251 70.88 9.80 11.81
N ILE A 252 69.99 9.84 10.82
CA ILE A 252 69.05 8.74 10.58
C ILE A 252 69.57 7.78 9.52
N SER A 253 69.73 8.25 8.27
CA SER A 253 70.10 7.35 7.18
C SER A 253 71.46 6.72 7.42
N GLY A 254 72.43 7.52 7.86
CA GLY A 254 73.75 6.97 8.13
C GLY A 254 73.74 5.94 9.25
N ARG A 255 73.09 6.27 10.37
CA ARG A 255 73.01 5.33 11.47
C ARG A 255 72.15 4.12 11.12
N LEU A 256 71.10 4.33 10.31
CA LEU A 256 70.30 3.20 9.87
C LEU A 256 71.12 2.24 9.04
N ALA A 257 71.89 2.76 8.08
CA ALA A 257 72.76 1.90 7.29
C ALA A 257 73.83 1.24 8.17
N ASP A 258 74.33 1.96 9.16
CA ASP A 258 75.32 1.38 10.08
C ASP A 258 74.74 0.21 10.84
N GLN A 259 73.52 0.36 11.37
CA GLN A 259 72.88 -0.75 12.08
C GLN A 259 72.58 -1.90 11.14
N ILE A 260 72.16 -1.59 9.91
CA ILE A 260 71.90 -2.63 8.92
C ILE A 260 73.18 -3.43 8.66
N VAL A 261 74.30 -2.73 8.49
CA VAL A 261 75.59 -3.41 8.33
C VAL A 261 75.91 -4.25 9.56
N SER A 262 75.65 -3.70 10.75
CA SER A 262 75.86 -4.47 11.97
C SER A 262 75.02 -5.74 11.98
N LEU A 263 73.89 -5.73 11.28
CA LEU A 263 73.06 -6.92 11.14
C LEU A 263 73.02 -7.43 9.70
N SER A 264 73.99 -7.04 8.87
CA SER A 264 73.99 -7.43 7.47
C SER A 264 74.14 -8.94 7.33
N PHE A 265 73.10 -9.58 6.79
CA PHE A 265 73.13 -11.03 6.62
C PHE A 265 74.24 -11.48 5.69
N ASN A 266 74.47 -10.76 4.60
CA ASN A 266 75.58 -11.09 3.72
C ASN A 266 76.92 -10.96 4.44
N ARG A 267 77.10 -9.89 5.21
CA ARG A 267 78.30 -9.73 6.02
C ARG A 267 78.35 -10.72 7.17
N LEU A 268 77.22 -10.93 7.86
CA LEU A 268 77.18 -11.93 8.93
C LEU A 268 77.39 -13.33 8.38
N GLN A 269 76.76 -13.64 7.23
CA GLN A 269 76.84 -14.96 6.60
C GLN A 269 76.36 -16.06 7.54
N THR A 270 75.44 -15.72 8.45
CA THR A 270 74.94 -16.67 9.43
C THR A 270 73.69 -16.08 10.08
N LEU A 271 73.04 -16.90 10.90
CA LEU A 271 71.87 -16.44 11.62
C LEU A 271 72.25 -15.38 12.64
N PRO A 272 71.41 -14.36 12.84
CA PRO A 272 71.77 -13.28 13.75
C PRO A 272 71.22 -13.56 15.14
N PRO A 273 71.71 -12.85 16.16
CA PRO A 273 71.17 -13.04 17.51
C PRO A 273 69.71 -12.61 17.59
N GLY A 274 68.95 -13.33 18.42
CA GLY A 274 67.54 -13.00 18.59
C GLY A 274 67.34 -11.63 19.23
N GLN A 275 68.09 -11.34 20.29
CA GLN A 275 67.96 -10.05 20.96
C GLN A 275 68.39 -8.91 20.03
N LYS A 276 69.42 -9.14 19.22
CA LYS A 276 69.85 -8.11 18.28
C LYS A 276 68.77 -7.81 17.26
N ILE A 277 68.15 -8.85 16.70
CA ILE A 277 67.07 -8.66 15.73
C ILE A 277 65.89 -7.94 16.38
N LEU A 278 65.55 -8.36 17.60
CA LEU A 278 64.44 -7.71 18.31
C LEU A 278 64.72 -6.23 18.55
N ARG A 279 65.92 -5.90 19.01
CA ARG A 279 66.25 -4.51 19.25
C ARG A 279 66.24 -3.69 17.97
N PHE A 280 66.79 -4.26 16.89
CA PHE A 280 66.81 -3.54 15.61
C PHE A 280 65.40 -3.28 15.09
N TRP A 281 64.54 -4.31 15.13
CA TRP A 281 63.17 -4.12 14.69
C TRP A 281 62.42 -3.13 15.57
N SER A 282 62.64 -3.19 16.88
CA SER A 282 61.96 -2.27 17.79
C SER A 282 62.40 -0.83 17.53
N GLY A 283 63.70 -0.62 17.33
CA GLY A 283 64.17 0.72 17.01
C GLY A 283 63.63 1.22 15.68
N PHE A 284 63.59 0.34 14.67
CA PHE A 284 63.03 0.73 13.38
C PHE A 284 61.57 1.13 13.51
N LEU A 285 60.79 0.37 14.29
CA LEU A 285 59.39 0.72 14.48
C LEU A 285 59.24 2.02 15.24
N PHE A 286 60.03 2.22 16.29
CA PHE A 286 59.96 3.46 17.07
C PHE A 286 60.29 4.67 16.20
N ILE A 287 61.30 4.54 15.34
CA ILE A 287 61.64 5.64 14.44
C ILE A 287 60.54 5.85 13.40
N LEU A 288 60.05 4.77 12.79
CA LEU A 288 59.08 4.89 11.71
C LEU A 288 57.71 5.31 12.22
N HIS A 289 57.50 5.28 13.54
CA HIS A 289 56.25 5.79 14.08
C HIS A 289 56.04 7.26 13.73
N ALA A 290 57.10 7.98 13.41
CA ALA A 290 57.02 9.38 13.02
C ALA A 290 57.55 9.62 11.60
N LEU A 291 57.36 8.67 10.70
CA LEU A 291 57.83 8.77 9.33
C LEU A 291 56.69 9.16 8.40
N SER A 292 57.06 9.59 7.19
CA SER A 292 56.11 10.05 6.18
C SER A 292 56.19 9.15 4.97
N GLU A 293 55.03 8.99 4.31
CA GLU A 293 55.00 8.23 3.06
C GLU A 293 55.90 8.85 2.01
N LYS A 294 55.93 10.19 1.95
CA LYS A 294 56.91 10.86 1.12
C LYS A 294 58.33 10.53 1.57
N GLN A 295 58.57 10.58 2.88
CA GLN A 295 59.86 10.15 3.42
C GLN A 295 60.08 8.66 3.26
N ILE A 296 59.02 7.88 3.03
CA ILE A 296 59.17 6.45 2.82
C ILE A 296 59.64 6.17 1.40
N ILE A 297 58.86 6.59 0.41
CA ILE A 297 59.21 6.34 -0.99
C ILE A 297 60.46 7.12 -1.39
N ASN A 298 60.51 8.41 -1.06
CA ASN A 298 61.57 9.29 -1.52
C ASN A 298 62.85 9.18 -0.70
N SER A 299 62.76 8.77 0.57
CA SER A 299 63.95 8.65 1.39
C SER A 299 64.18 7.23 1.89
N LEU A 300 63.19 6.62 2.54
CA LEU A 300 63.36 5.27 3.07
C LEU A 300 63.55 4.25 1.94
N ARG A 301 62.65 4.26 0.95
CA ARG A 301 62.83 3.42 -0.22
C ARG A 301 64.05 3.81 -1.03
N ALA A 302 64.45 5.08 -0.98
CA ALA A 302 65.65 5.55 -1.65
C ALA A 302 66.90 5.42 -0.80
N MET A 303 66.79 4.99 0.45
CA MET A 303 67.96 4.72 1.27
C MET A 303 68.64 3.47 0.73
N GLU A 304 69.69 3.65 -0.07
CA GLU A 304 70.30 2.56 -0.83
C GLU A 304 71.48 1.95 -0.07
N VAL A 305 71.14 1.15 0.93
CA VAL A 305 72.13 0.35 1.64
C VAL A 305 71.97 -1.10 1.23
N SER A 306 72.94 -1.92 1.63
CA SER A 306 72.94 -3.34 1.29
C SER A 306 72.69 -4.17 2.53
N PRO A 307 71.48 -4.74 2.70
CA PRO A 307 70.36 -4.59 1.76
C PRO A 307 69.40 -3.48 2.19
N SER A 308 68.58 -3.02 1.24
CA SER A 308 67.56 -2.02 1.56
C SER A 308 66.52 -2.60 2.50
N ILE A 309 65.93 -1.72 3.32
CA ILE A 309 65.07 -2.14 4.43
C ILE A 309 64.05 -3.17 3.98
N TYR A 310 63.52 -3.03 2.76
CA TYR A 310 62.63 -4.04 2.23
C TYR A 310 63.37 -5.35 1.99
N PHE A 311 64.42 -5.32 1.16
CA PHE A 311 65.23 -6.51 0.95
C PHE A 311 65.98 -6.92 2.21
N LEU A 312 66.33 -5.94 3.06
CA LEU A 312 66.95 -6.27 4.34
C LEU A 312 66.00 -7.12 5.19
N ALA A 313 64.72 -6.76 5.23
CA ALA A 313 63.75 -7.58 5.95
C ALA A 313 63.50 -8.91 5.24
N LEU A 314 63.51 -8.89 3.90
CA LEU A 314 63.38 -10.14 3.16
C LEU A 314 64.47 -11.13 3.55
N GLU A 315 65.67 -10.62 3.84
CA GLU A 315 66.75 -11.48 4.29
C GLU A 315 66.63 -11.79 5.78
N HIS A 316 66.25 -10.80 6.59
CA HIS A 316 66.15 -10.92 8.03
C HIS A 316 64.91 -11.66 8.48
N LEU A 317 64.10 -12.16 7.55
CA LEU A 317 62.98 -13.03 7.89
C LEU A 317 63.48 -14.27 8.61
N GLY A 318 64.77 -14.56 8.47
CA GLY A 318 65.43 -15.63 9.19
C GLY A 318 65.64 -15.41 10.67
N THR A 319 65.25 -14.25 11.19
CA THR A 319 65.28 -14.04 12.64
C THR A 319 64.38 -15.06 13.33
N ASN A 320 64.99 -15.99 14.06
CA ASN A 320 64.31 -17.19 14.52
C ASN A 320 63.96 -17.15 16.01
N SER A 321 63.87 -15.97 16.61
CA SER A 321 63.43 -15.84 18.00
C SER A 321 61.93 -15.57 18.03
N ASP A 322 61.25 -16.15 19.02
CA ASP A 322 59.79 -16.10 19.07
C ASP A 322 59.28 -14.66 19.20
N GLU A 323 59.63 -13.98 20.30
CA GLU A 323 59.19 -12.60 20.48
C GLU A 323 59.75 -11.71 19.39
N ALA A 324 60.98 -11.96 18.96
CA ALA A 324 61.54 -11.23 17.83
C ALA A 324 60.74 -11.48 16.56
N LEU A 325 60.30 -12.72 16.34
CA LEU A 325 59.48 -13.00 15.17
C LEU A 325 58.15 -12.25 15.23
N ALA A 326 57.54 -12.20 16.42
CA ALA A 326 56.28 -11.46 16.56
C ALA A 326 56.49 -9.98 16.29
N MET A 327 57.55 -9.39 16.85
CA MET A 327 57.84 -7.98 16.60
C MET A 327 58.13 -7.75 15.12
N VAL A 328 58.83 -8.69 14.48
CA VAL A 328 59.13 -8.55 13.06
C VAL A 328 57.86 -8.60 12.22
N LEU A 329 56.94 -9.49 12.58
CA LEU A 329 55.67 -9.55 11.86
C LEU A 329 54.88 -8.26 12.03
N ARG A 330 54.86 -7.72 13.26
CA ARG A 330 54.17 -6.44 13.48
C ARG A 330 54.82 -5.33 12.67
N ALA A 331 56.15 -5.29 12.63
CA ALA A 331 56.86 -4.26 11.87
C ALA A 331 56.59 -4.40 10.39
N LEU A 332 56.54 -5.64 9.89
CA LEU A 332 56.25 -5.86 8.48
C LEU A 332 54.84 -5.41 8.13
N GLN A 333 53.87 -5.71 9.01
CA GLN A 333 52.51 -5.23 8.80
C GLN A 333 52.46 -3.71 8.78
N GLU A 334 53.17 -3.07 9.71
CA GLU A 334 53.21 -1.61 9.73
C GLU A 334 53.84 -1.04 8.47
N LEU A 335 54.94 -1.64 8.01
CA LEU A 335 55.61 -1.17 6.81
C LEU A 335 54.74 -1.33 5.58
N MET A 336 54.04 -2.46 5.45
CA MET A 336 53.11 -2.64 4.35
C MET A 336 52.00 -1.59 4.41
N GLU A 337 51.54 -1.27 5.63
CA GLU A 337 50.48 -0.29 5.80
C GLU A 337 50.94 1.12 5.42
N LYS A 338 52.21 1.45 5.71
CA LYS A 338 52.70 2.80 5.44
C LYS A 338 52.62 3.13 3.96
N SER A 339 53.02 2.20 3.09
CA SER A 339 52.94 2.41 1.65
C SER A 339 52.88 1.04 0.98
N SER A 340 51.69 0.68 0.50
CA SER A 340 51.53 -0.59 -0.21
C SER A 340 52.42 -0.65 -1.43
N LYS A 341 52.61 0.49 -2.11
CA LYS A 341 53.51 0.53 -3.26
C LYS A 341 54.94 0.20 -2.83
N ALA A 342 55.38 0.73 -1.70
CA ALA A 342 56.72 0.44 -1.21
C ALA A 342 56.90 -1.06 -0.97
N PHE A 343 55.98 -1.68 -0.22
CA PHE A 343 56.10 -3.10 0.08
C PHE A 343 56.03 -3.94 -1.19
N TRP A 344 55.13 -3.59 -2.11
CA TRP A 344 54.95 -4.38 -3.31
C TRP A 344 56.09 -4.26 -4.32
N GLN A 345 56.55 -3.05 -4.62
CA GLN A 345 57.54 -2.83 -5.65
C GLN A 345 58.97 -2.89 -5.13
N ALA A 346 59.21 -2.48 -3.88
CA ALA A 346 60.50 -2.69 -3.26
C ALA A 346 60.83 -4.17 -3.08
N LEU A 347 59.80 -5.01 -3.00
CA LEU A 347 59.96 -6.46 -2.99
C LEU A 347 59.41 -7.08 -4.27
N GLU A 348 59.43 -6.30 -5.36
CA GLU A 348 58.94 -6.81 -6.64
C GLU A 348 59.76 -7.98 -7.13
N GLN A 349 61.04 -8.06 -6.72
CA GLN A 349 61.85 -9.22 -7.05
C GLN A 349 61.34 -10.50 -6.40
N VAL A 350 60.54 -10.39 -5.33
CA VAL A 350 60.00 -11.54 -4.63
C VAL A 350 58.51 -11.68 -4.94
N PRO A 351 58.08 -12.77 -5.55
CA PRO A 351 56.64 -12.96 -5.76
C PRO A 351 55.92 -13.03 -4.43
N PRO A 352 54.67 -12.55 -4.37
CA PRO A 352 53.92 -12.61 -3.10
C PRO A 352 53.77 -14.01 -2.54
N ASN A 353 53.59 -15.01 -3.40
CA ASN A 353 53.52 -16.38 -2.93
C ASN A 353 54.83 -16.81 -2.26
N GLN A 354 55.97 -16.41 -2.83
CA GLN A 354 57.24 -16.72 -2.20
C GLN A 354 57.37 -16.06 -0.84
N LEU A 355 56.92 -14.81 -0.73
CA LEU A 355 56.95 -14.12 0.56
C LEU A 355 56.06 -14.84 1.58
N VAL A 356 54.88 -15.28 1.15
CA VAL A 356 53.98 -16.00 2.05
C VAL A 356 54.62 -17.30 2.51
N GLU A 357 55.24 -18.03 1.58
CA GLU A 357 55.90 -19.28 1.93
C GLU A 357 57.05 -19.05 2.91
N GLU A 358 57.83 -17.98 2.69
CA GLU A 358 58.90 -17.66 3.62
C GLU A 358 58.37 -17.30 5.00
N ILE A 359 57.28 -16.52 5.05
CA ILE A 359 56.73 -16.09 6.34
C ILE A 359 56.16 -17.27 7.10
N PHE A 360 55.40 -18.12 6.42
CA PHE A 360 54.72 -19.23 7.08
C PHE A 360 55.67 -20.29 7.60
N LYS A 361 56.91 -20.33 7.12
CA LYS A 361 57.88 -21.33 7.53
C LYS A 361 58.62 -20.96 8.83
N SER A 362 58.02 -20.13 9.67
CA SER A 362 58.66 -19.72 10.91
C SER A 362 58.87 -20.92 11.84
N ALA A 363 60.09 -21.03 12.36
CA ALA A 363 60.38 -22.09 13.33
C ALA A 363 59.56 -21.93 14.60
N ALA A 364 59.46 -20.71 15.11
CA ALA A 364 58.73 -20.41 16.32
C ALA A 364 57.23 -20.24 16.09
N PHE A 365 56.73 -20.61 14.91
CA PHE A 365 55.31 -20.42 14.62
C PHE A 365 54.44 -21.23 15.58
N ARG A 366 54.84 -22.47 15.88
CA ARG A 366 54.05 -23.36 16.70
C ARG A 366 53.92 -22.83 18.12
N PRO A 367 55.04 -22.60 18.82
CA PRO A 367 54.94 -22.13 20.21
C PRO A 367 54.28 -20.76 20.35
N LEU A 368 54.42 -19.89 19.35
CA LEU A 368 53.97 -18.52 19.45
C LEU A 368 52.49 -18.41 19.78
N LEU A 369 51.66 -19.34 19.30
CA LEU A 369 50.24 -19.28 19.59
C LEU A 369 49.95 -19.47 21.08
N ASN A 370 50.77 -20.27 21.76
CA ASN A 370 50.59 -20.46 23.20
C ASN A 370 50.69 -19.13 23.95
N LYS A 371 51.75 -18.36 23.67
CA LYS A 371 51.84 -17.01 24.20
C LYS A 371 50.79 -16.08 23.62
N SER A 372 50.48 -16.20 22.32
CA SER A 372 49.46 -15.35 21.70
C SER A 372 48.12 -15.52 22.40
N LEU A 373 47.81 -16.74 22.84
CA LEU A 373 46.58 -16.96 23.60
C LEU A 373 46.56 -16.19 24.90
N ARG A 374 47.72 -15.95 25.51
CA ARG A 374 47.77 -15.16 26.73
C ARG A 374 47.39 -13.71 26.44
N PRO A 375 46.82 -13.01 27.43
CA PRO A 375 46.39 -11.62 27.19
C PRO A 375 47.52 -10.69 26.76
N GLU A 376 48.74 -10.89 27.27
CA GLU A 376 49.84 -10.00 26.93
C GLU A 376 50.14 -10.05 25.43
N LEU A 377 50.29 -11.25 24.87
CA LEU A 377 50.57 -11.42 23.45
C LEU A 377 49.30 -11.56 22.62
N LEU A 378 48.14 -11.31 23.22
CA LEU A 378 46.87 -11.26 22.49
C LEU A 378 46.85 -9.94 21.73
N VAL A 379 46.99 -10.02 20.41
CA VAL A 379 47.15 -8.83 19.58
C VAL A 379 45.86 -8.04 19.58
N THR A 380 45.91 -6.81 20.07
CA THR A 380 44.74 -5.95 20.20
C THR A 380 44.31 -5.51 18.81
N GLU A 381 43.37 -6.24 18.22
CA GLU A 381 42.84 -5.94 16.90
C GLU A 381 41.42 -5.40 17.08
N GLY A 382 41.20 -4.18 16.61
CA GLY A 382 39.89 -3.55 16.79
C GLY A 382 39.55 -3.45 18.27
N ASP A 383 38.33 -3.86 18.60
CA ASP A 383 37.88 -3.90 19.99
C ASP A 383 38.19 -5.22 20.68
N SER A 384 38.75 -6.19 19.95
CA SER A 384 39.05 -7.50 20.49
C SER A 384 40.55 -7.74 20.53
N GLN A 385 40.93 -8.95 20.93
CA GLN A 385 42.33 -9.35 21.04
C GLN A 385 42.50 -10.70 20.36
N VAL A 386 42.88 -10.67 19.09
CA VAL A 386 43.07 -11.89 18.31
C VAL A 386 44.55 -12.02 17.98
N PRO A 387 44.94 -13.14 17.36
CA PRO A 387 46.35 -13.33 17.00
C PRO A 387 46.82 -12.30 15.99
N ALA A 388 48.11 -11.97 16.09
CA ALA A 388 48.73 -11.01 15.17
C ALA A 388 48.78 -11.53 13.74
N LEU A 389 48.68 -12.85 13.53
CA LEU A 389 48.61 -13.39 12.18
C LEU A 389 47.39 -12.83 11.45
N ALA A 390 46.31 -12.56 12.17
CA ALA A 390 45.15 -11.93 11.57
C ALA A 390 45.50 -10.54 11.05
N ALA A 391 46.23 -9.76 11.84
CA ALA A 391 46.65 -8.43 11.39
C ALA A 391 47.58 -8.53 10.18
N TRP A 392 48.51 -9.48 10.20
CA TRP A 392 49.41 -9.67 9.07
C TRP A 392 48.64 -10.02 7.80
N MET A 393 47.70 -10.96 7.90
CA MET A 393 46.92 -11.36 6.74
C MET A 393 46.04 -10.22 6.24
N ARG A 394 45.44 -9.46 7.16
CA ARG A 394 44.61 -8.33 6.76
C ARG A 394 45.44 -7.28 6.03
N ALA A 395 46.63 -6.98 6.54
CA ALA A 395 47.50 -6.02 5.87
C ALA A 395 47.93 -6.52 4.50
N LEU A 396 48.30 -7.81 4.40
CA LEU A 396 48.71 -8.37 3.12
C LEU A 396 47.59 -8.32 2.10
N VAL A 397 46.39 -8.75 2.48
CA VAL A 397 45.26 -8.74 1.56
C VAL A 397 44.90 -7.32 1.17
N ARG A 398 44.93 -6.39 2.13
CA ARG A 398 44.62 -5.00 1.85
C ARG A 398 45.61 -4.37 0.89
N SER A 399 46.90 -4.65 1.04
CA SER A 399 47.93 -4.06 0.20
C SER A 399 48.17 -4.83 -1.09
N LEU A 400 47.60 -6.02 -1.22
CA LEU A 400 47.87 -6.77 -2.44
C LEU A 400 46.99 -6.29 -3.58
N PRO A 401 47.48 -6.39 -4.82
CA PRO A 401 46.62 -6.10 -5.97
C PRO A 401 45.48 -7.10 -6.07
N SER A 402 44.36 -6.63 -6.64
CA SER A 402 43.18 -7.48 -6.76
C SER A 402 43.47 -8.73 -7.60
N THR A 403 44.17 -8.56 -8.73
CA THR A 403 44.53 -9.72 -9.55
C THR A 403 45.53 -10.63 -8.82
N SER A 404 46.40 -10.04 -8.00
CA SER A 404 47.36 -10.82 -7.23
C SER A 404 46.77 -11.42 -5.97
N TRP A 405 45.58 -10.99 -5.56
CA TRP A 405 44.99 -11.50 -4.32
C TRP A 405 44.62 -12.97 -4.44
N SER A 406 44.18 -13.40 -5.62
CA SER A 406 43.67 -14.76 -5.80
C SER A 406 44.71 -15.82 -5.48
N ASP A 407 45.83 -15.85 -6.22
CA ASP A 407 46.81 -16.91 -6.06
C ASP A 407 47.37 -16.94 -4.65
N LEU A 408 47.70 -15.77 -4.09
CA LEU A 408 48.17 -15.70 -2.72
C LEU A 408 47.15 -16.31 -1.77
N CYS A 409 45.86 -16.05 -2.03
CA CYS A 409 44.81 -16.66 -1.22
C CYS A 409 44.95 -18.18 -1.22
N GLU A 410 45.17 -18.77 -2.39
CA GLU A 410 45.43 -20.21 -2.46
C GLU A 410 46.65 -20.56 -1.61
N THR A 411 47.72 -19.78 -1.76
CA THR A 411 48.88 -19.95 -0.90
C THR A 411 48.51 -19.69 0.56
N SER A 412 47.67 -18.68 0.80
CA SER A 412 47.15 -18.47 2.15
C SER A 412 46.41 -19.70 2.65
N LEU A 413 45.74 -20.42 1.73
CA LEU A 413 45.18 -21.71 2.10
C LEU A 413 46.26 -22.69 2.53
N ARG A 414 47.33 -22.82 1.75
CA ARG A 414 48.46 -23.63 2.17
C ARG A 414 48.95 -23.23 3.55
N HIS A 415 49.02 -21.93 3.81
CA HIS A 415 49.37 -21.42 5.14
C HIS A 415 48.31 -21.75 6.18
N LEU A 416 47.03 -21.68 5.81
CA LEU A 416 45.99 -21.73 6.83
C LEU A 416 45.05 -22.92 6.71
N PHE A 417 44.94 -23.54 5.54
CA PHE A 417 43.98 -24.62 5.35
C PHE A 417 44.58 -25.86 4.72
N GLU A 418 45.54 -25.71 3.82
CA GLU A 418 46.03 -26.85 3.04
C GLU A 418 47.29 -27.49 3.60
N THR A 419 48.34 -26.72 3.86
CA THR A 419 49.63 -27.30 4.20
C THR A 419 50.09 -26.95 5.61
N PHE A 420 50.17 -25.65 5.95
CA PHE A 420 50.85 -25.27 7.18
C PHE A 420 49.97 -25.45 8.40
N ARG A 421 48.80 -24.82 8.42
CA ARG A 421 47.90 -24.98 9.58
C ARG A 421 47.27 -26.36 9.58
N SER A 422 47.11 -26.96 8.40
CA SER A 422 46.57 -28.31 8.29
C SER A 422 47.45 -29.36 8.95
N ASP A 423 48.72 -29.03 9.24
CA ASP A 423 49.60 -29.96 9.92
C ASP A 423 49.07 -30.29 11.31
N GLN A 424 49.32 -31.52 11.76
CA GLN A 424 48.77 -31.98 13.03
C GLN A 424 49.62 -31.58 14.23
N ALA A 425 50.71 -30.85 14.01
CA ALA A 425 51.57 -30.38 15.10
C ALA A 425 51.06 -29.11 15.76
N VAL A 426 49.77 -28.79 15.62
CA VAL A 426 49.18 -27.58 16.17
C VAL A 426 48.43 -27.93 17.44
N ASP A 427 48.62 -27.11 18.48
CA ASP A 427 47.91 -27.28 19.72
C ASP A 427 46.47 -26.80 19.57
N GLN A 428 45.64 -27.05 20.59
CA GLN A 428 44.24 -26.65 20.52
C GLN A 428 44.11 -25.15 20.36
N SER A 429 44.74 -24.39 21.25
CA SER A 429 44.77 -22.93 21.08
C SER A 429 45.52 -22.54 19.82
N GLY A 430 46.58 -23.27 19.49
CA GLY A 430 47.30 -23.00 18.26
C GLY A 430 46.46 -23.26 17.02
N ARG A 431 45.74 -24.38 16.99
CA ARG A 431 44.84 -24.67 15.88
C ARG A 431 43.74 -23.62 15.80
N ALA A 432 43.23 -23.19 16.96
CA ALA A 432 42.20 -22.15 16.97
C ALA A 432 42.73 -20.85 16.38
N THR A 433 43.95 -20.45 16.77
CA THR A 433 44.53 -19.23 16.24
C THR A 433 44.76 -19.33 14.74
N CYS A 434 45.27 -20.48 14.28
CA CYS A 434 45.50 -20.67 12.85
C CYS A 434 44.20 -20.62 12.07
N THR A 435 43.15 -21.28 12.57
CA THR A 435 41.85 -21.23 11.90
C THR A 435 41.29 -19.83 11.89
N LEU A 436 41.44 -19.09 13.00
CA LEU A 436 40.98 -17.71 13.05
C LEU A 436 41.71 -16.85 12.02
N ALA A 437 43.02 -17.04 11.89
CA ALA A 437 43.78 -16.28 10.90
C ALA A 437 43.33 -16.60 9.49
N GLY A 438 43.14 -17.88 9.19
CA GLY A 438 42.66 -18.26 7.87
C GLY A 438 41.29 -17.70 7.56
N LEU A 439 40.38 -17.76 8.54
CA LEU A 439 39.04 -17.21 8.35
C LEU A 439 39.10 -15.71 8.15
N VAL A 440 39.96 -15.02 8.90
CA VAL A 440 40.09 -13.57 8.74
C VAL A 440 40.61 -13.23 7.35
N THR A 441 41.60 -13.99 6.88
CA THR A 441 42.13 -13.75 5.53
C THR A 441 41.06 -13.98 4.47
N LEU A 442 40.31 -15.07 4.60
CA LEU A 442 39.25 -15.33 3.63
C LEU A 442 38.19 -14.24 3.66
N GLN A 443 37.82 -13.77 4.86
CA GLN A 443 36.84 -12.70 4.97
C GLN A 443 37.34 -11.42 4.35
N GLN A 444 38.61 -11.08 4.57
CA GLN A 444 39.17 -9.88 3.97
C GLN A 444 39.17 -9.97 2.45
N CYS A 445 39.55 -11.13 1.91
CA CYS A 445 39.52 -11.31 0.46
C CYS A 445 38.10 -11.17 -0.08
N LEU A 446 37.13 -11.79 0.59
CA LEU A 446 35.74 -11.72 0.14
C LEU A 446 35.23 -10.29 0.18
N ASP A 447 35.54 -9.56 1.26
CA ASP A 447 35.12 -8.16 1.37
C ASP A 447 35.76 -7.28 0.30
N GLY A 448 37.04 -7.50 -0.01
CA GLY A 448 37.65 -6.76 -1.10
C GLY A 448 37.02 -7.06 -2.44
N PHE A 449 36.71 -8.34 -2.70
CA PHE A 449 36.03 -8.69 -3.94
C PHE A 449 34.61 -8.16 -3.99
N LEU A 450 34.01 -7.89 -2.83
CA LEU A 450 32.63 -7.41 -2.80
C LEU A 450 32.51 -5.99 -3.35
N GLN A 451 33.46 -5.12 -3.03
CA GLN A 451 33.37 -3.72 -3.44
C GLN A 451 33.64 -3.52 -4.93
N GLN A 452 33.86 -4.59 -5.69
CA GLN A 452 34.03 -4.45 -7.13
C GLN A 452 32.70 -4.06 -7.79
N ASP A 453 32.81 -3.35 -8.92
CA ASP A 453 31.63 -2.84 -9.61
C ASP A 453 31.24 -3.73 -10.79
N SER A 454 32.15 -3.93 -11.74
CA SER A 454 31.88 -4.75 -12.90
C SER A 454 33.15 -5.50 -13.31
N ILE A 455 32.95 -6.66 -13.94
CA ILE A 455 34.06 -7.48 -14.42
C ILE A 455 33.49 -8.49 -15.40
N ASP A 456 34.38 -9.04 -16.24
CA ASP A 456 34.01 -10.17 -17.06
C ASP A 456 34.05 -11.45 -16.23
N THR A 457 33.78 -12.59 -16.86
CA THR A 457 33.71 -13.87 -16.16
C THR A 457 35.11 -14.38 -15.81
N GLY A 458 35.80 -13.71 -14.89
CA GLY A 458 37.15 -14.09 -14.53
C GLY A 458 37.24 -15.23 -13.55
N THR A 459 38.25 -15.20 -12.69
CA THR A 459 38.45 -16.30 -11.75
C THR A 459 37.97 -15.95 -10.35
N GLY A 460 37.24 -14.84 -10.19
CA GLY A 460 36.64 -14.55 -8.90
C GLY A 460 35.65 -15.60 -8.49
N LEU A 461 34.81 -16.04 -9.43
CA LEU A 461 33.92 -17.15 -9.18
C LEU A 461 34.69 -18.42 -8.88
N ILE A 462 35.85 -18.60 -9.52
CA ILE A 462 36.69 -19.77 -9.23
C ILE A 462 37.17 -19.73 -7.78
N MET A 463 37.58 -18.54 -7.32
CA MET A 463 38.01 -18.39 -5.93
C MET A 463 36.86 -18.65 -4.98
N VAL A 464 35.66 -18.16 -5.32
CA VAL A 464 34.49 -18.41 -4.49
C VAL A 464 34.19 -19.91 -4.44
N ASN A 465 34.27 -20.58 -5.59
CA ASN A 465 34.02 -22.02 -5.63
C ASN A 465 35.08 -22.79 -4.84
N GLN A 466 36.33 -22.35 -4.89
CA GLN A 466 37.37 -22.98 -4.10
C GLN A 466 37.12 -22.79 -2.61
N LEU A 467 36.70 -21.60 -2.20
CA LEU A 467 36.34 -21.37 -0.81
C LEU A 467 35.17 -22.25 -0.40
N LEU A 468 34.18 -22.39 -1.29
CA LEU A 468 33.03 -23.24 -1.02
C LEU A 468 33.43 -24.70 -0.88
N ASN A 469 34.31 -25.18 -1.76
CA ASN A 469 34.79 -26.55 -1.67
C ASN A 469 35.58 -26.78 -0.39
N ARG A 470 36.44 -25.82 -0.03
CA ARG A 470 37.19 -25.94 1.21
C ARG A 470 36.27 -25.98 2.42
N VAL A 471 35.30 -25.07 2.48
CA VAL A 471 34.41 -24.99 3.63
C VAL A 471 33.36 -26.09 3.58
N VAL A 472 33.28 -26.81 2.46
CA VAL A 472 32.46 -28.02 2.42
C VAL A 472 33.25 -29.20 2.95
N ASN A 473 34.52 -29.30 2.55
CA ASN A 473 35.45 -30.17 3.26
C ASN A 473 35.68 -29.68 4.68
N TYR A 474 35.77 -28.37 4.87
CA TYR A 474 35.77 -27.78 6.20
C TYR A 474 34.36 -27.46 6.68
N SER A 475 33.36 -28.21 6.22
CA SER A 475 32.07 -28.17 6.89
C SER A 475 32.26 -28.41 8.37
N GLU A 476 33.05 -29.44 8.71
CA GLU A 476 33.56 -29.57 10.07
C GLU A 476 34.28 -28.28 10.48
N ILE A 477 35.45 -28.01 9.90
CA ILE A 477 36.29 -26.93 10.39
C ILE A 477 35.56 -25.58 10.29
N ILE A 478 35.21 -25.17 9.07
CA ILE A 478 34.59 -23.86 8.90
C ILE A 478 33.18 -23.83 9.42
N ILE A 479 32.33 -24.77 8.99
CA ILE A 479 30.91 -24.68 9.32
C ILE A 479 30.67 -25.10 10.77
N ARG A 480 31.71 -25.51 11.48
CA ARG A 480 31.54 -25.85 12.89
C ARG A 480 32.43 -24.97 13.75
N ALA A 481 33.21 -24.08 13.12
CA ALA A 481 33.52 -22.82 13.78
C ALA A 481 32.28 -21.94 13.79
N ALA A 482 31.57 -21.91 12.67
CA ALA A 482 30.23 -21.35 12.61
C ALA A 482 29.26 -22.06 13.54
N SER A 483 29.36 -23.39 13.65
CA SER A 483 28.56 -24.17 14.58
C SER A 483 29.32 -24.53 15.84
N LEU A 484 30.39 -23.81 16.16
CA LEU A 484 31.11 -24.05 17.40
C LEU A 484 30.26 -23.63 18.59
N LYS A 485 30.31 -24.44 19.64
CA LYS A 485 29.61 -24.04 20.84
C LYS A 485 30.30 -22.82 21.46
N PRO A 486 29.58 -21.72 21.63
CA PRO A 486 30.22 -20.50 22.15
C PRO A 486 30.57 -20.65 23.63
N GLY A 487 31.43 -19.77 24.09
CA GLY A 487 31.89 -19.77 25.46
C GLY A 487 33.18 -20.53 25.69
N ASP A 488 33.69 -21.21 24.67
CA ASP A 488 34.94 -21.96 24.81
C ASP A 488 36.11 -21.02 25.04
N ILE A 489 37.07 -21.48 25.85
CA ILE A 489 38.28 -20.71 26.09
C ILE A 489 39.08 -20.54 24.80
N TYR A 490 39.21 -21.62 24.03
CA TYR A 490 39.93 -21.56 22.76
C TYR A 490 39.16 -20.79 21.69
N ASN A 491 37.86 -20.55 21.90
CA ASN A 491 37.08 -19.80 20.94
C ASN A 491 37.60 -18.37 20.82
N VAL A 492 37.66 -17.86 19.59
CA VAL A 492 38.20 -16.53 19.33
C VAL A 492 37.18 -15.72 18.54
N GLY A 493 35.90 -16.03 18.71
CA GLY A 493 34.87 -15.34 17.96
C GLY A 493 34.81 -15.73 16.49
N ILE A 494 35.48 -16.82 16.12
CA ILE A 494 35.52 -17.25 14.72
C ILE A 494 34.13 -17.62 14.23
N SER A 495 33.18 -17.86 15.14
CA SER A 495 31.82 -18.17 14.72
C SER A 495 31.20 -17.02 13.94
N LYS A 496 31.32 -15.80 14.48
CA LYS A 496 30.82 -14.63 13.77
C LYS A 496 31.54 -14.42 12.45
N ALA A 497 32.85 -14.68 12.43
CA ALA A 497 33.62 -14.55 11.19
C ALA A 497 33.12 -15.52 10.14
N ALA A 498 32.88 -16.78 10.53
CA ALA A 498 32.38 -17.77 9.58
C ALA A 498 30.98 -17.42 9.08
N MET A 499 30.12 -16.94 9.97
CA MET A 499 28.79 -16.52 9.53
C MET A 499 28.87 -15.35 8.54
N ALA A 500 29.72 -14.36 8.84
CA ALA A 500 29.89 -13.24 7.92
C ALA A 500 30.47 -13.71 6.60
N ILE A 501 31.37 -14.69 6.64
CA ILE A 501 31.94 -15.25 5.41
C ILE A 501 30.85 -15.92 4.58
N ILE A 502 29.96 -16.67 5.22
CA ILE A 502 28.86 -17.30 4.48
C ILE A 502 27.97 -16.24 3.84
N HIS A 503 27.65 -15.19 4.61
CA HIS A 503 26.83 -14.11 4.08
C HIS A 503 27.49 -13.43 2.89
N SER A 504 28.79 -13.15 3.02
CA SER A 504 29.52 -12.50 1.95
C SER A 504 29.60 -13.39 0.71
N ALA A 505 29.78 -14.70 0.91
CA ALA A 505 29.81 -15.61 -0.22
C ALA A 505 28.46 -15.63 -0.94
N LEU A 506 27.37 -15.66 -0.18
CA LEU A 506 26.05 -15.59 -0.81
C LEU A 506 25.87 -14.28 -1.57
N ALA A 507 26.29 -13.17 -0.98
CA ALA A 507 26.17 -11.88 -1.65
C ALA A 507 27.00 -11.83 -2.93
N LEU A 508 28.21 -12.40 -2.89
CA LEU A 508 29.06 -12.44 -4.07
C LEU A 508 28.44 -13.29 -5.16
N ASP A 509 27.87 -14.44 -4.81
CA ASP A 509 27.19 -15.27 -5.81
C ASP A 509 26.02 -14.52 -6.43
N ALA A 510 25.26 -13.79 -5.61
CA ALA A 510 24.15 -13.01 -6.13
C ALA A 510 24.64 -11.92 -7.08
N LYS A 511 25.71 -11.22 -6.70
CA LYS A 511 26.26 -10.18 -7.57
C LYS A 511 26.76 -10.77 -8.88
N ALA A 512 27.39 -11.95 -8.82
CA ALA A 512 27.84 -12.61 -10.03
C ALA A 512 26.67 -12.97 -10.92
N THR A 513 25.59 -13.50 -10.33
CA THR A 513 24.40 -13.82 -11.10
C THR A 513 23.82 -12.57 -11.75
N GLU A 514 23.77 -11.47 -11.01
CA GLU A 514 23.27 -10.21 -11.56
C GLU A 514 24.12 -9.72 -12.73
N VAL A 515 25.45 -9.77 -12.58
CA VAL A 515 26.34 -9.33 -13.65
C VAL A 515 26.15 -10.21 -14.88
N GLU A 516 26.07 -11.53 -14.67
CA GLU A 516 25.88 -12.44 -15.79
C GLU A 516 24.54 -12.19 -16.50
N TRP A 517 23.47 -11.97 -15.75
CA TRP A 517 22.17 -11.71 -16.35
C TRP A 517 22.20 -10.40 -17.13
N ALA A 518 22.81 -9.35 -16.57
CA ALA A 518 22.90 -8.09 -17.28
C ALA A 518 23.69 -8.23 -18.58
N ALA A 519 24.81 -8.95 -18.53
CA ALA A 519 25.62 -9.15 -19.72
C ALA A 519 24.86 -9.95 -20.77
N LEU A 520 24.17 -11.01 -20.35
CA LEU A 520 23.40 -11.83 -21.28
C LEU A 520 22.29 -11.02 -21.93
N ILE A 521 21.62 -10.16 -21.15
CA ILE A 521 20.57 -9.32 -21.71
C ILE A 521 21.16 -8.30 -22.68
N ALA A 522 22.32 -7.75 -22.36
CA ALA A 522 22.97 -6.76 -23.21
C ALA A 522 23.81 -7.38 -24.32
N GLU A 523 23.92 -8.71 -24.36
CA GLU A 523 24.70 -9.42 -25.37
C GLU A 523 26.16 -8.97 -25.36
N LYS A 524 26.62 -8.47 -24.22
CA LYS A 524 28.00 -8.04 -24.10
C LYS A 524 28.92 -9.24 -23.93
N PRO A 525 30.20 -9.11 -24.26
CA PRO A 525 31.11 -10.25 -24.12
C PRO A 525 31.32 -10.64 -22.66
N VAL A 526 31.52 -11.94 -22.43
CA VAL A 526 31.79 -12.48 -21.10
C VAL A 526 32.65 -13.72 -21.25
N GLN A 527 33.61 -13.89 -20.35
CA GLN A 527 34.55 -15.00 -20.42
C GLN A 527 33.87 -16.31 -20.06
N ASP A 528 34.65 -17.39 -20.08
CA ASP A 528 34.17 -18.74 -19.80
C ASP A 528 35.13 -19.44 -18.85
N ALA A 529 35.54 -18.74 -17.79
CA ALA A 529 36.55 -19.26 -16.87
C ALA A 529 35.99 -20.34 -15.96
N VAL A 530 35.00 -20.00 -15.16
CA VAL A 530 34.45 -20.91 -14.16
C VAL A 530 32.94 -20.97 -14.27
N ASN A 531 32.37 -22.05 -13.76
CA ASN A 531 30.93 -22.22 -13.64
C ASN A 531 30.58 -22.47 -12.18
N ARG A 532 29.57 -21.76 -11.68
CA ARG A 532 29.24 -21.76 -10.27
C ARG A 532 28.02 -22.63 -10.02
N ASP A 533 28.19 -23.64 -9.17
CA ASP A 533 27.08 -24.49 -8.74
C ASP A 533 26.36 -23.78 -7.59
N SER A 534 25.64 -22.72 -7.96
CA SER A 534 24.96 -21.89 -6.96
C SER A 534 23.98 -22.71 -6.13
N GLY A 535 23.28 -23.65 -6.76
CA GLY A 535 22.43 -24.56 -6.01
C GLY A 535 23.24 -25.31 -4.98
N ALA A 536 24.32 -25.96 -5.41
CA ALA A 536 25.21 -26.66 -4.50
C ALA A 536 25.93 -25.71 -3.55
N LEU A 537 26.29 -24.51 -4.00
CA LEU A 537 26.94 -23.55 -3.11
C LEU A 537 26.03 -23.20 -1.93
N TRP A 538 24.78 -22.87 -2.21
CA TRP A 538 23.79 -22.64 -1.17
C TRP A 538 23.50 -23.90 -0.35
N GLU A 539 23.52 -25.07 -0.99
CA GLU A 539 23.32 -26.33 -0.26
C GLU A 539 24.39 -26.53 0.78
N THR A 540 25.64 -26.21 0.45
CA THR A 540 26.72 -26.26 1.43
C THR A 540 26.42 -25.34 2.60
N PHE A 541 25.92 -24.13 2.31
CA PHE A 541 25.44 -23.22 3.34
C PHE A 541 24.10 -23.66 3.93
N LEU A 542 23.28 -24.39 3.17
CA LEU A 542 21.99 -24.84 3.66
C LEU A 542 22.14 -25.82 4.83
N GLU A 543 23.14 -26.69 4.78
CA GLU A 543 23.39 -27.59 5.89
C GLU A 543 23.67 -26.86 7.19
N MET A 544 24.46 -25.78 7.15
CA MET A 544 24.63 -24.93 8.31
C MET A 544 23.40 -24.07 8.58
N LEU A 545 22.66 -23.70 7.53
CA LEU A 545 21.43 -22.94 7.66
C LEU A 545 20.23 -23.83 7.96
N TRP A 546 20.47 -25.07 8.39
CA TRP A 546 19.37 -25.96 8.74
C TRP A 546 18.62 -25.43 9.95
N ALA A 547 17.34 -25.78 10.02
CA ALA A 547 16.48 -25.29 11.09
C ALA A 547 16.93 -25.83 12.45
N GLY A 548 16.75 -24.99 13.47
CA GLY A 548 17.08 -25.35 14.83
C GLY A 548 18.54 -25.18 15.22
N GLN A 549 19.40 -24.72 14.31
CA GLN A 549 20.80 -24.50 14.62
C GLN A 549 20.97 -23.28 15.51
N LEU A 550 22.01 -23.31 16.34
CA LEU A 550 22.28 -22.19 17.24
C LEU A 550 22.66 -20.95 16.44
N GLY A 551 22.23 -19.79 16.93
CA GLY A 551 22.50 -18.53 16.27
C GLY A 551 21.88 -18.38 14.90
N HIS A 552 20.83 -19.14 14.60
CA HIS A 552 20.25 -19.15 13.26
C HIS A 552 19.64 -17.82 12.86
N PHE A 553 19.38 -16.92 13.81
CA PHE A 553 18.77 -15.64 13.48
C PHE A 553 19.64 -14.83 12.52
N GLU A 554 20.92 -14.67 12.86
CA GLU A 554 21.83 -13.92 12.01
C GLU A 554 22.00 -14.59 10.65
N LEU A 555 22.15 -15.92 10.63
CA LEU A 555 22.32 -16.63 9.36
C LEU A 555 21.10 -16.46 8.46
N ALA A 556 19.90 -16.59 9.03
CA ALA A 556 18.68 -16.44 8.25
C ALA A 556 18.54 -15.01 7.73
N LYS A 557 18.81 -14.02 8.58
CA LYS A 557 18.73 -12.63 8.15
C LYS A 557 19.71 -12.36 7.02
N ALA A 558 20.93 -12.87 7.15
CA ALA A 558 21.92 -12.70 6.09
C ALA A 558 21.48 -13.38 4.80
N MET A 559 20.94 -14.59 4.90
CA MET A 559 20.47 -15.29 3.71
C MET A 559 19.37 -14.51 3.01
N LEU A 560 18.42 -13.97 3.78
CA LEU A 560 17.35 -13.19 3.19
C LEU A 560 17.87 -11.90 2.55
N MET A 561 18.78 -11.20 3.24
CA MET A 561 19.34 -9.98 2.68
C MET A 561 20.10 -10.27 1.39
N ALA A 562 20.80 -11.41 1.34
CA ALA A 562 21.52 -11.79 0.12
C ALA A 562 20.56 -12.13 -1.00
N THR A 563 19.53 -12.94 -0.71
CA THR A 563 18.52 -13.26 -1.70
C THR A 563 17.76 -12.03 -2.20
N LEU A 564 17.73 -10.95 -1.41
CA LEU A 564 17.09 -9.72 -1.85
C LEU A 564 17.78 -9.14 -3.09
N ARG A 565 19.03 -9.54 -3.33
CA ARG A 565 19.76 -9.03 -4.47
C ARG A 565 19.16 -9.46 -5.80
N LEU A 566 18.71 -10.71 -5.90
CA LEU A 566 18.14 -11.24 -7.14
C LEU A 566 16.73 -10.72 -7.43
N ARG A 567 16.27 -9.72 -6.68
CA ARG A 567 14.91 -9.19 -6.83
C ARG A 567 14.61 -8.66 -8.23
N SER A 568 15.60 -8.28 -9.03
CA SER A 568 15.37 -7.79 -10.38
C SER A 568 15.74 -8.79 -11.46
N ILE A 569 16.32 -9.92 -11.09
CA ILE A 569 16.68 -10.96 -12.04
C ILE A 569 15.41 -11.49 -12.70
N GLU A 570 15.44 -11.59 -14.02
CA GLU A 570 14.30 -12.09 -14.79
C GLU A 570 14.77 -13.19 -15.73
N GLN A 571 14.06 -14.31 -15.71
CA GLN A 571 14.39 -15.42 -16.58
C GLN A 571 14.25 -15.01 -18.04
N PHE A 572 15.29 -15.33 -18.82
CA PHE A 572 15.32 -14.95 -20.24
C PHE A 572 14.47 -15.93 -21.03
N ILE A 573 13.39 -15.41 -21.62
CA ILE A 573 12.48 -16.23 -22.41
C ILE A 573 13.15 -16.60 -23.72
N PRO A 574 13.30 -17.90 -24.02
CA PRO A 574 13.88 -18.28 -25.31
C PRO A 574 12.98 -17.86 -26.45
N LYS A 575 13.61 -17.53 -27.58
CA LYS A 575 12.86 -17.09 -28.75
C LYS A 575 12.11 -18.27 -29.38
N ARG A 576 11.27 -17.96 -30.36
CA ARG A 576 10.50 -18.98 -31.05
C ARG A 576 11.32 -19.65 -32.12
N LYS A 577 11.29 -20.98 -32.14
CA LYS A 577 12.03 -21.80 -33.10
C LYS A 577 13.53 -21.46 -33.07
N GLU A 578 14.05 -21.27 -31.86
CA GLU A 578 15.45 -20.94 -31.66
C GLU A 578 15.96 -21.64 -30.40
N GLN A 579 17.19 -22.14 -30.49
CA GLN A 579 17.83 -22.80 -29.35
C GLN A 579 18.72 -21.80 -28.63
N LEU A 580 18.55 -21.70 -27.32
CA LEU A 580 19.37 -20.80 -26.53
C LEU A 580 20.84 -21.21 -26.63
N LYS A 581 21.71 -20.22 -26.72
CA LYS A 581 23.14 -20.47 -26.79
C LYS A 581 23.61 -21.23 -25.55
N ARG A 582 24.78 -21.85 -25.67
CA ARG A 582 25.35 -22.59 -24.53
C ARG A 582 25.41 -21.70 -23.29
N GLU A 583 25.85 -20.46 -23.45
CA GLU A 583 25.82 -19.51 -22.35
C GLU A 583 24.39 -19.22 -21.91
N LEU A 584 23.49 -19.02 -22.88
CA LEU A 584 22.10 -18.71 -22.54
C LEU A 584 21.43 -19.88 -21.83
N ASP A 585 21.60 -21.09 -22.35
CA ASP A 585 21.00 -22.27 -21.72
C ASP A 585 21.61 -22.52 -20.35
N LYS A 586 22.92 -22.33 -20.21
CA LYS A 586 23.56 -22.47 -18.90
C LYS A 586 23.01 -21.44 -17.92
N PHE A 587 22.80 -20.20 -18.39
CA PHE A 587 22.22 -19.17 -17.53
C PHE A 587 20.81 -19.54 -17.11
N ASN A 588 20.01 -20.08 -18.03
CA ASN A 588 18.65 -20.50 -17.68
C ASN A 588 18.67 -21.59 -16.63
N LYS A 589 19.53 -22.60 -16.84
CA LYS A 589 19.62 -23.71 -15.87
C LYS A 589 20.10 -23.21 -14.51
N ARG A 590 21.10 -22.33 -14.51
CA ARG A 590 21.62 -21.80 -13.25
C ARG A 590 20.56 -20.96 -12.54
N TYR A 591 19.80 -20.16 -13.28
CA TYR A 591 18.73 -19.39 -12.68
C TYR A 591 17.65 -20.29 -12.09
N GLN A 592 17.28 -21.36 -12.80
CA GLN A 592 16.29 -22.30 -12.26
C GLN A 592 16.79 -22.95 -10.98
N GLN A 593 18.06 -23.38 -10.97
CA GLN A 593 18.62 -24.01 -9.79
C GLN A 593 18.68 -23.02 -8.63
N GLN A 594 19.10 -21.79 -8.89
CA GLN A 594 19.18 -20.78 -7.85
C GLN A 594 17.81 -20.46 -7.29
N THR A 595 16.80 -20.36 -8.16
CA THR A 595 15.44 -20.13 -7.70
C THR A 595 14.94 -21.27 -6.84
N THR A 596 15.19 -22.52 -7.25
CA THR A 596 14.79 -23.66 -6.43
C THR A 596 15.48 -23.64 -5.07
N ALA A 597 16.77 -23.32 -5.06
CA ALA A 597 17.50 -23.25 -3.79
C ALA A 597 16.95 -22.14 -2.90
N ILE A 598 16.65 -20.98 -3.47
CA ILE A 598 16.09 -19.89 -2.69
C ILE A 598 14.73 -20.27 -2.13
N GLY A 599 13.92 -20.99 -2.92
CA GLY A 599 12.64 -21.44 -2.42
C GLY A 599 12.78 -22.44 -1.28
N LYS A 600 13.73 -23.36 -1.40
CA LYS A 600 14.00 -24.29 -0.31
C LYS A 600 14.44 -23.55 0.94
N MET A 601 15.30 -22.54 0.75
CA MET A 601 15.76 -21.73 1.89
C MET A 601 14.62 -20.99 2.55
N LEU A 602 13.72 -20.41 1.76
CA LEU A 602 12.56 -19.74 2.31
C LEU A 602 11.64 -20.71 3.04
N ASN A 603 11.46 -21.91 2.50
CA ASN A 603 10.67 -22.92 3.19
C ASN A 603 11.29 -23.30 4.52
N ARG A 604 12.61 -23.46 4.55
CA ARG A 604 13.29 -23.78 5.81
C ARG A 604 13.18 -22.63 6.80
N LEU A 605 13.27 -21.39 6.31
CA LEU A 605 13.07 -20.24 7.19
C LEU A 605 11.68 -20.22 7.79
N THR A 606 10.66 -20.50 6.98
CA THR A 606 9.30 -20.62 7.49
C THR A 606 9.18 -21.79 8.45
N ASP A 607 10.02 -22.81 8.28
CA ASP A 607 10.01 -23.98 9.15
C ASP A 607 10.49 -23.66 10.56
N PHE A 608 11.08 -22.49 10.78
CA PHE A 608 11.48 -22.09 12.12
C PHE A 608 10.25 -22.04 13.04
N GLU A 609 10.50 -22.20 14.33
CA GLU A 609 9.42 -22.27 15.29
C GLU A 609 8.63 -20.97 15.31
N PRO A 610 7.34 -21.04 15.66
CA PRO A 610 6.53 -19.80 15.66
C PRO A 610 7.11 -18.71 16.53
N GLU A 611 7.64 -19.06 17.71
CA GLU A 611 8.34 -18.07 18.52
C GLU A 611 9.58 -17.56 17.82
N VAL A 612 10.35 -18.46 17.21
CA VAL A 612 11.58 -18.06 16.52
C VAL A 612 11.25 -17.18 15.32
N LEU A 613 10.27 -17.59 14.52
CA LEU A 613 9.88 -16.80 13.34
C LEU A 613 9.33 -15.44 13.75
N ASP A 614 8.51 -15.41 14.81
CA ASP A 614 7.98 -14.14 15.30
C ASP A 614 9.08 -13.21 15.79
N LYS A 615 10.06 -13.74 16.54
CA LYS A 615 11.18 -12.91 16.99
C LYS A 615 12.00 -12.41 15.82
N LEU A 616 12.21 -13.26 14.81
CA LEU A 616 13.01 -12.86 13.65
C LEU A 616 12.30 -11.81 12.80
N CYS A 617 10.97 -11.88 12.74
CA CYS A 617 10.18 -10.98 11.91
C CYS A 617 10.19 -9.54 12.41
N SER A 618 10.78 -9.27 13.57
CA SER A 618 10.86 -7.93 14.14
C SER A 618 12.22 -7.29 13.90
N ASP A 619 12.83 -7.55 12.75
CA ASP A 619 14.17 -7.07 12.45
C ASP A 619 14.19 -5.55 12.41
N PRO A 620 15.05 -4.88 13.19
CA PRO A 620 15.14 -3.42 13.09
C PRO A 620 15.56 -2.95 11.71
N ARG A 621 16.41 -3.70 11.03
CA ARG A 621 16.78 -3.36 9.66
C ARG A 621 15.56 -3.42 8.74
N GLY A 622 14.70 -4.42 8.91
CA GLY A 622 13.51 -4.56 8.12
C GLY A 622 13.73 -5.03 6.70
N GLN A 623 14.99 -5.13 6.26
CA GLN A 623 15.28 -5.61 4.91
C GLN A 623 14.81 -7.05 4.70
N THR A 624 14.78 -7.87 5.75
CA THR A 624 14.21 -9.21 5.61
C THR A 624 12.73 -9.13 5.24
N ILE A 625 11.98 -8.24 5.88
CA ILE A 625 10.59 -7.99 5.49
C ILE A 625 10.48 -7.51 4.06
N HIS A 626 11.40 -6.66 3.60
CA HIS A 626 11.47 -6.36 2.18
C HIS A 626 11.72 -7.61 1.35
N PRO A 627 12.67 -8.48 1.71
CA PRO A 627 12.79 -9.75 0.99
C PRO A 627 11.55 -10.62 1.10
N ILE A 628 10.83 -10.58 2.22
CA ILE A 628 9.59 -11.34 2.35
C ILE A 628 8.56 -10.83 1.35
N VAL A 629 8.43 -9.50 1.25
CA VAL A 629 7.52 -8.92 0.26
C VAL A 629 7.95 -9.30 -1.15
N SER A 630 9.26 -9.30 -1.40
CA SER A 630 9.77 -9.69 -2.71
C SER A 630 9.38 -11.12 -3.04
N SER A 631 9.53 -12.03 -2.07
CA SER A 631 9.09 -13.41 -2.26
C SER A 631 7.58 -13.48 -2.50
N LEU A 632 6.81 -12.67 -1.76
CA LEU A 632 5.36 -12.61 -1.96
C LEU A 632 5.01 -12.10 -3.35
N ILE A 633 5.91 -11.33 -3.96
CA ILE A 633 5.69 -10.81 -5.30
C ILE A 633 6.61 -11.44 -6.34
N HIS A 634 7.45 -12.40 -5.96
CA HIS A 634 8.33 -13.09 -6.90
C HIS A 634 7.50 -13.71 -8.02
N GLY A 635 7.96 -13.52 -9.26
CA GLY A 635 7.26 -14.01 -10.43
C GLY A 635 7.35 -15.50 -10.69
N GLU A 636 8.25 -16.21 -10.02
CA GLU A 636 8.30 -17.65 -10.16
C GLU A 636 7.17 -18.31 -9.39
N ASP A 637 6.46 -19.22 -10.04
CA ASP A 637 5.30 -19.85 -9.42
C ASP A 637 5.70 -20.60 -8.14
N ALA A 638 6.79 -21.36 -8.20
CA ALA A 638 7.26 -22.05 -7.01
C ALA A 638 7.68 -21.05 -5.93
N ILE A 639 8.39 -20.00 -6.34
CA ILE A 639 8.76 -18.94 -5.40
C ILE A 639 7.52 -18.25 -4.84
N ARG A 640 6.52 -18.05 -5.69
CA ARG A 640 5.27 -17.45 -5.22
C ARG A 640 4.60 -18.31 -4.16
N GLU A 641 4.49 -19.61 -4.41
CA GLU A 641 3.89 -20.51 -3.43
C GLU A 641 4.69 -20.53 -2.13
N ALA A 642 6.01 -20.59 -2.24
CA ALA A 642 6.85 -20.59 -1.05
C ALA A 642 6.67 -19.31 -0.24
N GLY A 643 6.65 -18.15 -0.91
CA GLY A 643 6.45 -16.90 -0.22
C GLY A 643 5.08 -16.80 0.42
N PHE A 644 4.06 -17.30 -0.27
CA PHE A 644 2.71 -17.30 0.32
C PHE A 644 2.69 -18.16 1.58
N GLN A 645 3.30 -19.35 1.53
CA GLN A 645 3.33 -20.20 2.71
C GLN A 645 4.10 -19.54 3.85
N LEU A 646 5.25 -18.91 3.52
CA LEU A 646 6.05 -18.27 4.55
C LEU A 646 5.30 -17.10 5.19
N LEU A 647 4.63 -16.29 4.37
CA LEU A 647 3.87 -15.18 4.91
C LEU A 647 2.70 -15.65 5.77
N LYS A 648 2.02 -16.71 5.32
CA LYS A 648 0.94 -17.27 6.12
C LYS A 648 1.44 -17.77 7.46
N ALA A 649 2.60 -18.46 7.45
CA ALA A 649 3.18 -18.92 8.71
C ALA A 649 3.57 -17.74 9.61
N ILE A 650 4.16 -16.70 9.02
CA ILE A 650 4.61 -15.56 9.81
C ILE A 650 3.42 -14.85 10.45
N THR A 651 2.41 -14.54 9.65
CA THR A 651 1.22 -13.84 10.15
C THR A 651 0.27 -14.74 10.91
N SER A 652 0.46 -16.06 10.84
CA SER A 652 -0.40 -17.02 11.54
C SER A 652 -1.87 -16.87 11.13
N GLU A 653 -2.15 -17.11 9.85
CA GLU A 653 -3.50 -17.00 9.31
C GLU A 653 -3.86 -18.27 8.56
N SER A 654 -5.01 -18.23 7.89
CA SER A 654 -5.48 -19.35 7.08
C SER A 654 -5.51 -19.04 5.59
N GLN A 655 -5.79 -17.79 5.22
CA GLN A 655 -5.85 -17.37 3.83
C GLN A 655 -5.02 -16.11 3.64
N PRO A 656 -4.61 -15.84 2.40
CA PRO A 656 -3.74 -14.66 2.17
C PRO A 656 -4.36 -13.36 2.63
N SER A 657 -5.68 -13.20 2.50
CA SER A 657 -6.32 -11.96 2.93
C SER A 657 -6.15 -11.73 4.43
N ASP A 658 -6.34 -12.79 5.22
CA ASP A 658 -6.17 -12.68 6.67
C ASP A 658 -4.74 -12.35 7.05
N ALA A 659 -3.76 -12.98 6.39
CA ALA A 659 -2.35 -12.68 6.66
C ALA A 659 -2.04 -11.23 6.30
N VAL A 660 -2.57 -10.75 5.17
CA VAL A 660 -2.34 -9.37 4.77
C VAL A 660 -2.93 -8.41 5.79
N GLY A 661 -4.14 -8.71 6.27
CA GLY A 661 -4.76 -7.85 7.26
C GLY A 661 -3.99 -7.83 8.57
N ARG A 662 -3.51 -8.99 9.01
CA ARG A 662 -2.70 -9.03 10.23
C ARG A 662 -1.42 -8.24 10.06
N MET A 663 -0.75 -8.38 8.91
CA MET A 663 0.47 -7.63 8.66
C MET A 663 0.19 -6.13 8.63
N LEU A 664 -0.91 -5.72 8.01
CA LEU A 664 -1.28 -4.31 7.98
C LEU A 664 -1.56 -3.77 9.37
N GLU A 665 -2.26 -4.54 10.20
CA GLU A 665 -2.52 -4.09 11.57
C GLU A 665 -1.28 -4.15 12.43
N VAL A 666 -0.25 -4.88 12.00
CA VAL A 666 0.96 -5.06 12.81
C VAL A 666 2.02 -4.02 12.48
N TYR A 667 2.46 -3.98 11.22
CA TYR A 667 3.64 -3.22 10.80
C TYR A 667 3.33 -2.41 9.54
N PHE A 668 2.22 -1.67 9.59
CA PHE A 668 1.68 -1.03 8.39
C PHE A 668 2.73 -0.20 7.65
N THR A 669 3.45 0.66 8.35
CA THR A 669 4.44 1.52 7.69
C THR A 669 5.55 0.73 7.02
N PRO A 670 6.23 -0.20 7.71
CA PRO A 670 7.32 -0.93 7.05
C PRO A 670 6.83 -1.82 5.92
N PHE A 671 5.73 -2.55 6.13
CA PHE A 671 5.20 -3.39 5.07
C PHE A 671 4.79 -2.56 3.86
N LEU A 672 4.14 -1.42 4.09
CA LEU A 672 3.75 -0.56 2.98
C LEU A 672 4.95 -0.04 2.22
N ASN A 673 5.99 0.42 2.94
CA ASN A 673 7.18 0.92 2.27
C ASN A 673 7.87 -0.18 1.45
N ALA A 674 7.99 -1.37 2.04
CA ALA A 674 8.63 -2.47 1.33
C ALA A 674 7.81 -2.87 0.11
N PHE A 675 6.49 -2.91 0.23
CA PHE A 675 5.65 -3.25 -0.90
C PHE A 675 5.76 -2.22 -2.00
N SER A 676 5.83 -0.93 -1.64
CA SER A 676 6.00 0.11 -2.64
C SER A 676 7.33 -0.04 -3.37
N GLN A 677 8.40 -0.30 -2.62
CA GLN A 677 9.71 -0.49 -3.25
C GLN A 677 9.69 -1.70 -4.17
N ALA A 678 9.10 -2.80 -3.72
CA ALA A 678 9.04 -4.02 -4.54
C ALA A 678 8.22 -3.79 -5.80
N VAL A 679 7.09 -3.10 -5.68
CA VAL A 679 6.26 -2.81 -6.84
C VAL A 679 7.03 -1.94 -7.82
N ASP A 680 7.73 -0.91 -7.32
CA ASP A 680 8.52 -0.06 -8.19
C ASP A 680 9.60 -0.85 -8.92
N LYS A 681 10.27 -1.76 -8.20
CA LYS A 681 11.33 -2.55 -8.82
C LYS A 681 10.77 -3.51 -9.86
N LEU A 682 9.72 -4.26 -9.51
CA LEU A 682 9.17 -5.24 -10.45
C LEU A 682 8.55 -4.57 -11.67
N THR A 683 7.83 -3.48 -11.46
CA THR A 683 7.24 -2.73 -12.57
C THR A 683 8.28 -2.18 -13.53
N ALA A 684 9.52 -2.00 -13.08
CA ALA A 684 10.60 -1.51 -13.94
C ALA A 684 11.04 -2.54 -14.96
N THR A 685 10.37 -3.69 -15.03
CA THR A 685 10.67 -4.68 -16.06
C THR A 685 10.46 -4.07 -17.45
N LYS A 686 11.39 -4.38 -18.35
CA LYS A 686 11.36 -3.80 -19.68
C LYS A 686 10.05 -4.11 -20.40
N ASP A 687 9.49 -3.09 -21.04
CA ASP A 687 8.19 -3.23 -21.68
C ASP A 687 8.19 -4.28 -22.78
N ALA A 688 9.35 -4.60 -23.36
CA ALA A 688 9.43 -5.69 -24.33
C ALA A 688 9.04 -7.02 -23.69
N ASN A 689 9.49 -7.25 -22.46
CA ASN A 689 9.19 -8.48 -21.72
C ASN A 689 8.79 -8.19 -20.28
N SER A 690 8.01 -7.13 -20.07
CA SER A 690 7.48 -6.86 -18.75
C SER A 690 6.48 -7.95 -18.37
N PRO A 691 5.89 -7.89 -17.17
CA PRO A 691 5.01 -8.99 -16.76
C PRO A 691 3.72 -9.01 -17.56
N TRP A 692 3.63 -9.96 -18.50
CA TRP A 692 2.41 -10.17 -19.25
C TRP A 692 1.48 -11.13 -18.52
N SER A 693 1.92 -12.38 -18.33
CA SER A 693 1.21 -13.31 -17.47
C SER A 693 1.58 -13.15 -16.01
N HIS A 694 2.79 -12.65 -15.73
CA HIS A 694 3.25 -12.48 -14.35
C HIS A 694 2.55 -11.34 -13.64
N MET A 695 2.11 -10.31 -14.38
CA MET A 695 1.41 -9.19 -13.74
C MET A 695 0.15 -9.67 -13.03
N ILE A 696 -0.42 -10.78 -13.51
CA ILE A 696 -1.56 -11.38 -12.81
C ILE A 696 -1.23 -11.64 -11.35
N PRO A 697 -0.10 -12.23 -11.00
CA PRO A 697 0.28 -12.30 -9.58
C PRO A 697 0.44 -10.92 -8.94
N ILE A 698 1.00 -9.95 -9.66
CA ILE A 698 1.13 -8.60 -9.12
C ILE A 698 -0.25 -7.99 -8.90
N LEU A 699 -1.15 -8.18 -9.87
CA LEU A 699 -2.52 -7.68 -9.72
C LEU A 699 -3.23 -8.32 -8.54
N LYS A 700 -3.07 -9.63 -8.36
CA LYS A 700 -3.68 -10.31 -7.23
C LYS A 700 -3.12 -9.80 -5.91
N CYS A 701 -1.81 -9.58 -5.86
CA CYS A 701 -1.19 -9.04 -4.65
C CYS A 701 -1.71 -7.64 -4.36
N SER A 702 -1.84 -6.80 -5.38
CA SER A 702 -2.37 -5.46 -5.18
C SER A 702 -3.81 -5.51 -4.72
N ASP A 703 -4.61 -6.42 -5.28
CA ASP A 703 -6.00 -6.57 -4.85
C ASP A 703 -6.06 -7.02 -3.39
N PHE A 704 -5.19 -7.94 -3.00
CA PHE A 704 -5.14 -8.37 -1.60
C PHE A 704 -4.74 -7.21 -0.69
N VAL A 705 -3.76 -6.42 -1.11
CA VAL A 705 -3.33 -5.27 -0.34
C VAL A 705 -4.47 -4.27 -0.17
N LEU A 706 -5.22 -4.01 -1.24
CA LEU A 706 -6.37 -3.12 -1.14
C LEU A 706 -7.45 -3.69 -0.22
N THR A 707 -7.80 -4.96 -0.41
CA THR A 707 -8.83 -5.58 0.41
C THR A 707 -8.39 -5.71 1.86
N GLY A 708 -7.09 -5.58 2.13
CA GLY A 708 -6.64 -5.58 3.51
C GLY A 708 -6.63 -4.18 4.12
N LEU A 709 -6.04 -3.22 3.42
CA LEU A 709 -5.90 -1.87 3.97
C LEU A 709 -7.25 -1.15 4.02
N CYS A 710 -7.99 -1.18 2.92
CA CYS A 710 -9.18 -0.33 2.76
C CYS A 710 -10.44 -1.18 2.68
N ASP A 711 -10.49 -2.24 3.49
CA ASP A 711 -11.70 -3.04 3.56
C ASP A 711 -12.78 -2.31 4.36
N PRO A 712 -14.05 -2.72 4.21
CA PRO A 712 -15.11 -2.03 4.95
C PRO A 712 -15.02 -2.17 6.46
N SER A 713 -14.83 -3.38 6.96
CA SER A 713 -14.81 -3.63 8.40
C SER A 713 -13.41 -3.94 8.91
N SER A 714 -12.70 -4.88 8.28
CA SER A 714 -11.37 -5.27 8.69
C SER A 714 -10.28 -4.40 8.07
N GLY A 715 -10.66 -3.39 7.30
CA GLY A 715 -9.68 -2.53 6.66
C GLY A 715 -8.83 -1.80 7.67
N GLN A 716 -7.51 -2.02 7.62
CA GLN A 716 -6.61 -1.37 8.55
C GLN A 716 -6.67 0.15 8.44
N LEU A 717 -6.69 0.66 7.21
CA LEU A 717 -6.88 2.10 7.01
C LEU A 717 -8.22 2.56 7.58
N ARG A 718 -9.27 1.78 7.34
CA ARG A 718 -10.58 2.11 7.90
C ARG A 718 -10.60 1.93 9.43
N ARG A 719 -10.13 0.77 9.91
CA ARG A 719 -10.22 0.49 11.34
C ARG A 719 -9.28 1.37 12.14
N LYS A 720 -8.02 1.44 11.73
CA LYS A 720 -6.99 2.15 12.47
C LYS A 720 -6.86 3.58 11.95
N VAL A 721 -5.93 4.33 12.55
CA VAL A 721 -5.68 5.72 12.21
C VAL A 721 -4.29 5.85 11.61
N LEU A 722 -4.19 6.64 10.55
CA LEU A 722 -2.92 6.81 9.85
C LEU A 722 -1.98 7.73 10.62
N THR A 723 -0.70 7.64 10.28
CA THR A 723 0.34 8.53 10.79
C THR A 723 0.96 9.28 9.61
N THR A 724 1.73 10.32 9.93
CA THR A 724 2.35 11.13 8.88
C THR A 724 3.23 10.27 7.98
N GLU A 725 4.14 9.50 8.57
CA GLU A 725 4.91 8.54 7.79
C GLU A 725 4.00 7.50 7.16
N GLU A 726 2.99 7.04 7.91
CA GLU A 726 2.00 6.13 7.34
C GLU A 726 1.19 6.79 6.25
N HIS A 727 0.88 8.09 6.38
CA HIS A 727 0.19 8.79 5.30
C HIS A 727 1.03 8.82 4.04
N ALA A 728 2.33 9.11 4.18
CA ALA A 728 3.22 9.09 3.02
C ALA A 728 3.29 7.69 2.41
N ALA A 729 3.37 6.66 3.26
CA ALA A 729 3.43 5.30 2.75
C ALA A 729 2.15 4.94 2.00
N VAL A 730 1.00 5.36 2.53
CA VAL A 730 -0.28 5.05 1.88
C VAL A 730 -0.39 5.80 0.56
N LYS A 731 0.06 7.05 0.53
CA LYS A 731 0.08 7.80 -0.73
C LYS A 731 0.98 7.12 -1.75
N ARG A 732 2.16 6.66 -1.32
CA ARG A 732 3.05 5.95 -2.22
C ARG A 732 2.41 4.66 -2.71
N TRP A 733 1.71 3.94 -1.84
CA TRP A 733 1.05 2.70 -2.23
C TRP A 733 -0.05 2.96 -3.26
N TRP A 734 -0.87 3.97 -3.02
CA TRP A 734 -1.93 4.30 -3.98
C TRP A 734 -1.34 4.73 -5.32
N GLU A 735 -0.31 5.57 -5.29
CA GLU A 735 0.34 6.00 -6.52
C GLU A 735 0.94 4.81 -7.27
N CYS A 736 1.62 3.91 -6.55
CA CYS A 736 2.21 2.75 -7.18
C CYS A 736 1.15 1.83 -7.77
N VAL A 737 0.03 1.64 -7.06
CA VAL A 737 -1.05 0.81 -7.58
C VAL A 737 -1.63 1.41 -8.85
N TRP A 738 -1.88 2.72 -8.83
CA TRP A 738 -2.42 3.37 -10.02
C TRP A 738 -1.44 3.33 -11.18
N GLN A 739 -0.15 3.53 -10.91
CA GLN A 739 0.85 3.43 -11.96
C GLN A 739 0.95 2.02 -12.51
N ALA A 740 0.84 1.01 -11.63
CA ALA A 740 0.84 -0.38 -12.08
C ALA A 740 -0.37 -0.68 -12.94
N VAL A 741 -1.54 -0.16 -12.56
CA VAL A 741 -2.72 -0.33 -13.38
C VAL A 741 -2.52 0.34 -14.74
N ASP A 742 -1.94 1.54 -14.74
CA ASP A 742 -1.65 2.23 -15.99
C ASP A 742 -0.70 1.42 -16.87
N HIS A 743 0.36 0.88 -16.26
CA HIS A 743 1.33 0.09 -17.01
C HIS A 743 0.69 -1.17 -17.56
N SER A 744 -0.18 -1.81 -16.77
CA SER A 744 -0.88 -3.01 -17.22
C SER A 744 -1.77 -2.69 -18.41
N PHE A 745 -2.52 -1.59 -18.34
CA PHE A 745 -3.38 -1.20 -19.45
C PHE A 745 -2.55 -0.89 -20.69
N ARG A 746 -1.46 -0.13 -20.51
CA ARG A 746 -0.61 0.24 -21.63
C ARG A 746 0.04 -0.97 -22.28
N MET A 747 0.53 -1.92 -21.48
CA MET A 747 1.04 -3.18 -21.99
C MET A 747 -0.04 -3.99 -22.69
N MET A 748 -1.26 -4.02 -22.14
CA MET A 748 -2.37 -4.64 -22.83
C MET A 748 -2.70 -3.90 -24.12
N ARG A 749 -2.52 -2.58 -24.13
CA ARG A 749 -2.73 -1.82 -25.36
C ARG A 749 -1.83 -2.32 -26.48
N ILE A 750 -0.56 -2.59 -26.17
CA ILE A 750 0.37 -3.13 -27.16
C ILE A 750 0.16 -4.62 -27.41
N TRP A 751 -0.25 -5.39 -26.41
CA TRP A 751 -0.37 -6.83 -26.53
C TRP A 751 -1.79 -7.31 -26.78
N HIS A 752 -2.67 -6.42 -27.23
CA HIS A 752 -3.98 -6.86 -27.68
C HIS A 752 -3.87 -7.95 -28.73
N ILE A 753 -2.80 -7.92 -29.53
CA ILE A 753 -2.54 -9.02 -30.46
C ILE A 753 -1.86 -10.19 -29.74
N LYS A 754 -1.50 -10.02 -28.48
CA LYS A 754 -0.83 -11.08 -27.72
C LYS A 754 -1.60 -11.48 -26.47
N ILE A 755 -2.83 -10.99 -26.31
CA ILE A 755 -3.66 -11.30 -25.14
C ILE A 755 -4.72 -12.31 -25.54
N ASP A 756 -4.64 -13.51 -24.97
CA ASP A 756 -5.62 -14.55 -25.25
C ASP A 756 -6.98 -14.17 -24.69
N LYS A 757 -8.03 -14.57 -25.42
CA LYS A 757 -9.39 -14.13 -25.08
C LYS A 757 -9.72 -14.38 -23.61
N LYS A 758 -9.50 -15.60 -23.13
CA LYS A 758 -9.71 -15.86 -21.70
C LYS A 758 -8.71 -15.07 -20.85
N VAL A 759 -7.44 -15.06 -21.25
CA VAL A 759 -6.43 -14.34 -20.47
C VAL A 759 -6.66 -12.84 -20.53
N MET A 760 -7.00 -12.32 -21.71
CA MET A 760 -7.31 -10.89 -21.83
C MET A 760 -8.53 -10.54 -21.00
N GLU A 761 -9.57 -11.38 -21.02
CA GLU A 761 -10.73 -11.14 -20.18
C GLU A 761 -10.35 -11.11 -18.71
N ASP A 762 -9.58 -12.10 -18.26
CA ASP A 762 -9.16 -12.15 -16.86
C ASP A 762 -8.40 -10.88 -16.48
N PHE A 763 -7.37 -10.53 -17.25
CA PHE A 763 -6.54 -9.37 -16.91
C PHE A 763 -7.34 -8.07 -16.96
N CYS A 764 -8.06 -7.84 -18.06
CA CYS A 764 -8.80 -6.60 -18.21
C CYS A 764 -9.91 -6.48 -17.18
N ARG A 765 -10.62 -7.57 -16.92
CA ARG A 765 -11.70 -7.60 -15.94
C ARG A 765 -11.16 -7.40 -14.53
N ASP A 766 -9.96 -7.92 -14.25
CA ASP A 766 -9.35 -7.68 -12.95
C ASP A 766 -8.94 -6.21 -12.81
N VAL A 767 -8.41 -5.62 -13.89
CA VAL A 767 -8.13 -4.20 -13.90
C VAL A 767 -9.41 -3.40 -13.67
N MET A 768 -10.50 -3.80 -14.31
CA MET A 768 -11.78 -3.11 -14.18
C MET A 768 -12.39 -3.28 -12.80
N GLU A 769 -12.20 -4.43 -12.17
CA GLU A 769 -12.65 -4.65 -10.80
C GLU A 769 -11.83 -3.82 -9.82
N LEU A 770 -10.52 -3.73 -10.04
CA LEU A 770 -9.70 -2.82 -9.27
C LEU A 770 -10.11 -1.37 -9.46
N GLY A 771 -10.47 -0.99 -10.69
CA GLY A 771 -10.95 0.37 -10.93
C GLY A 771 -12.27 0.65 -10.25
N ASN A 772 -13.22 -0.30 -10.33
CA ASN A 772 -14.48 -0.19 -9.61
C ASN A 772 -14.22 -0.02 -8.11
N LYS A 773 -13.37 -0.87 -7.55
CA LYS A 773 -13.04 -0.79 -6.13
C LYS A 773 -12.46 0.57 -5.78
N LEU A 774 -11.46 1.02 -6.56
CA LEU A 774 -10.86 2.32 -6.30
C LEU A 774 -11.87 3.44 -6.40
N LEU A 775 -12.51 3.60 -7.56
CA LEU A 775 -13.51 4.65 -7.74
C LEU A 775 -14.69 4.51 -6.79
N ALA A 776 -14.80 3.41 -6.05
CA ALA A 776 -15.86 3.23 -5.06
C ALA A 776 -15.34 3.10 -3.64
N GLN A 777 -14.38 2.21 -3.38
CA GLN A 777 -13.86 2.05 -2.03
C GLN A 777 -12.64 2.93 -1.78
N ASP A 778 -11.88 3.27 -2.82
CA ASP A 778 -10.85 4.27 -2.63
C ASP A 778 -11.39 5.68 -2.82
N GLY A 779 -12.64 5.81 -3.23
CA GLY A 779 -13.39 7.02 -2.93
C GLY A 779 -13.62 7.10 -1.43
N VAL A 780 -14.02 5.96 -0.86
CA VAL A 780 -14.18 5.86 0.59
C VAL A 780 -12.82 5.96 1.27
N MET A 781 -11.82 5.26 0.75
CA MET A 781 -10.48 5.36 1.31
C MET A 781 -9.90 6.75 1.09
N ALA A 782 -10.33 7.46 0.04
CA ALA A 782 -9.90 8.83 -0.16
C ALA A 782 -10.51 9.75 0.87
N SER A 783 -11.81 9.59 1.14
CA SER A 783 -12.43 10.30 2.25
C SER A 783 -11.72 9.99 3.57
N SER A 784 -11.33 8.73 3.77
CA SER A 784 -10.55 8.34 4.93
C SER A 784 -9.16 8.93 4.93
N LEU A 785 -8.64 9.30 3.76
CA LEU A 785 -7.29 9.84 3.62
C LEU A 785 -7.30 11.23 3.00
N ALA A 786 -8.26 12.07 3.35
CA ALA A 786 -8.30 13.44 2.87
C ALA A 786 -7.11 14.22 3.40
N GLN A 787 -6.56 15.11 2.57
CA GLN A 787 -5.40 15.89 3.01
C GLN A 787 -5.74 16.75 4.22
N GLU A 788 -6.82 17.52 4.14
CA GLU A 788 -7.33 18.27 5.28
C GLU A 788 -8.82 18.49 5.10
N SER A 789 -9.41 19.21 6.06
CA SER A 789 -10.82 19.57 6.01
C SER A 789 -11.07 20.53 4.85
N GLY A 790 -12.27 20.44 4.28
CA GLY A 790 -12.67 21.33 3.21
C GLY A 790 -12.65 20.65 1.86
N GLU A 791 -13.56 21.09 0.98
CA GLU A 791 -13.60 20.57 -0.38
C GLU A 791 -12.26 20.76 -1.09
N ASP A 792 -11.58 21.88 -0.82
CA ASP A 792 -10.29 22.14 -1.45
C ASP A 792 -9.25 21.09 -1.07
N ALA A 793 -9.10 20.82 0.22
CA ALA A 793 -8.04 19.92 0.67
C ALA A 793 -8.38 18.45 0.39
N ILE A 794 -9.63 18.05 0.65
CA ILE A 794 -10.05 16.69 0.33
C ILE A 794 -9.97 16.45 -1.17
N SER A 795 -10.42 17.42 -1.96
CA SER A 795 -10.32 17.31 -3.41
C SER A 795 -8.86 17.34 -3.86
N LYS A 796 -7.99 17.99 -3.09
CA LYS A 796 -6.57 17.96 -3.41
C LYS A 796 -5.98 16.57 -3.19
N ALA A 797 -6.35 15.93 -2.08
CA ALA A 797 -5.93 14.55 -1.85
C ALA A 797 -6.47 13.64 -2.95
N MET A 798 -7.75 13.80 -3.30
CA MET A 798 -8.34 13.01 -4.36
C MET A 798 -7.69 13.28 -5.71
N ARG A 799 -7.29 14.51 -5.98
CA ARG A 799 -6.62 14.85 -7.23
C ARG A 799 -5.20 14.31 -7.26
N GLU A 800 -4.53 14.28 -6.11
CA GLU A 800 -3.25 13.59 -6.04
C GLU A 800 -3.40 12.12 -6.35
N VAL A 801 -4.44 11.48 -5.79
CA VAL A 801 -4.71 10.08 -6.11
C VAL A 801 -5.00 9.92 -7.60
N LEU A 802 -5.81 10.83 -8.15
CA LEU A 802 -6.23 10.78 -9.54
C LEU A 802 -5.14 11.21 -10.51
N ASP A 803 -4.06 11.81 -10.03
CA ASP A 803 -2.99 12.25 -10.94
C ASP A 803 -2.38 11.07 -11.67
N PRO A 804 -1.96 10.00 -11.00
CA PRO A 804 -1.61 8.78 -11.72
C PRO A 804 -2.81 8.28 -12.51
N PRO A 805 -4.02 8.40 -11.96
CA PRO A 805 -5.21 8.03 -12.73
C PRO A 805 -5.52 8.99 -13.87
N ARG A 806 -5.24 10.28 -13.71
CA ARG A 806 -5.40 11.20 -14.84
C ARG A 806 -4.43 10.88 -15.95
N LYS A 807 -3.18 10.54 -15.59
CA LYS A 807 -2.23 10.09 -16.60
C LYS A 807 -2.69 8.80 -17.26
N CYS A 808 -3.25 7.88 -16.46
CA CYS A 808 -3.77 6.63 -17.00
C CYS A 808 -5.10 6.82 -17.72
N SER A 809 -5.68 8.00 -17.65
CA SER A 809 -6.95 8.25 -18.33
C SER A 809 -6.80 8.09 -19.84
N TYR A 810 -5.63 8.42 -20.38
CA TYR A 810 -5.38 8.16 -21.79
C TYR A 810 -5.47 6.68 -22.10
N SER A 811 -4.86 5.85 -21.24
CA SER A 811 -4.94 4.40 -21.42
C SER A 811 -6.37 3.91 -21.25
N LEU A 812 -7.10 4.46 -20.28
CA LEU A 812 -8.49 4.07 -20.07
C LEU A 812 -9.32 4.38 -21.30
N ALA A 813 -9.16 5.58 -21.86
CA ALA A 813 -9.86 5.94 -23.09
C ALA A 813 -9.47 5.03 -24.25
N ASP A 814 -8.18 4.71 -24.37
CA ASP A 814 -7.75 3.78 -25.40
C ASP A 814 -8.40 2.41 -25.23
N MET A 815 -8.56 1.97 -23.98
CA MET A 815 -9.22 0.71 -23.68
C MET A 815 -10.67 0.69 -24.16
N LEU A 816 -11.32 1.85 -24.26
CA LEU A 816 -12.69 1.89 -24.77
C LEU A 816 -12.76 1.41 -26.22
N GLN A 817 -11.62 1.38 -26.91
CA GLN A 817 -11.56 0.88 -28.28
C GLN A 817 -11.74 -0.62 -28.37
N LEU A 818 -11.79 -1.33 -27.24
CA LEU A 818 -11.91 -2.77 -27.26
C LEU A 818 -13.29 -3.19 -27.80
N ARG A 819 -13.50 -4.50 -27.90
CA ARG A 819 -14.67 -5.02 -28.59
C ARG A 819 -15.52 -5.95 -27.73
N ASP A 820 -14.98 -6.48 -26.63
CA ASP A 820 -15.73 -7.42 -25.82
C ASP A 820 -16.92 -6.73 -25.15
N LYS A 821 -18.10 -7.34 -25.29
CA LYS A 821 -19.33 -6.72 -24.81
C LYS A 821 -19.30 -6.52 -23.29
N TYR A 822 -18.92 -7.57 -22.55
CA TYR A 822 -18.77 -7.41 -21.10
C TYR A 822 -17.67 -6.41 -20.76
N LEU A 823 -16.55 -6.47 -21.48
CA LEU A 823 -15.51 -5.46 -21.30
C LEU A 823 -16.03 -4.08 -21.69
N VAL A 824 -16.87 -4.01 -22.71
CA VAL A 824 -17.46 -2.74 -23.13
C VAL A 824 -18.28 -2.15 -21.98
N MET A 825 -19.15 -2.96 -21.40
CA MET A 825 -19.99 -2.51 -20.29
C MET A 825 -19.13 -2.09 -19.10
N GLY A 826 -18.12 -2.90 -18.77
CA GLY A 826 -17.25 -2.55 -17.66
C GLY A 826 -16.50 -1.25 -17.89
N ILE A 827 -15.99 -1.07 -19.11
CA ILE A 827 -15.25 0.14 -19.45
C ILE A 827 -16.18 1.35 -19.40
N ILE A 828 -17.41 1.20 -19.90
CA ILE A 828 -18.38 2.28 -19.85
C ILE A 828 -18.72 2.65 -18.41
N GLU A 829 -18.94 1.66 -17.56
CA GLU A 829 -19.25 1.94 -16.16
C GLU A 829 -18.07 2.57 -15.45
N THR A 830 -16.84 2.08 -15.71
CA THR A 830 -15.66 2.69 -15.12
C THR A 830 -15.49 4.12 -15.57
N ILE A 831 -15.60 4.36 -16.89
CA ILE A 831 -15.53 5.71 -17.44
C ILE A 831 -16.53 6.60 -16.74
N LYS A 832 -17.81 6.23 -16.80
CA LYS A 832 -18.86 7.04 -16.21
C LYS A 832 -18.55 7.34 -14.75
N LYS A 833 -18.46 6.31 -13.92
CA LYS A 833 -18.23 6.49 -12.49
C LYS A 833 -16.98 7.33 -12.22
N LEU A 834 -15.80 6.79 -12.53
CA LEU A 834 -14.55 7.42 -12.14
C LEU A 834 -14.39 8.80 -12.79
N LEU A 835 -14.53 8.86 -14.12
CA LEU A 835 -14.32 10.12 -14.82
C LEU A 835 -15.33 11.18 -14.42
N SER A 836 -16.61 10.81 -14.29
CA SER A 836 -17.62 11.79 -13.90
C SER A 836 -17.39 12.28 -12.48
N ARG A 837 -16.94 11.39 -11.58
CA ARG A 837 -16.56 11.82 -10.25
C ARG A 837 -15.35 12.75 -10.27
N LEU A 838 -14.37 12.45 -11.10
CA LEU A 838 -13.19 13.32 -11.21
C LEU A 838 -13.57 14.69 -11.74
N GLN A 839 -14.46 14.74 -12.73
CA GLN A 839 -15.00 16.03 -13.17
C GLN A 839 -15.76 16.72 -12.05
N GLU A 840 -16.56 15.95 -11.29
CA GLU A 840 -17.23 16.50 -10.12
C GLU A 840 -16.23 16.86 -9.04
N ASN A 841 -15.07 16.22 -9.05
CA ASN A 841 -13.98 16.58 -8.13
C ASN A 841 -13.35 17.91 -8.46
N GLU A 842 -13.81 18.59 -9.52
CA GLU A 842 -13.40 19.91 -9.98
C GLU A 842 -11.99 19.92 -10.57
N MET A 843 -11.32 18.78 -10.66
CA MET A 843 -10.00 18.70 -11.28
C MET A 843 -10.17 18.33 -12.74
N ASN A 844 -9.77 19.23 -13.63
CA ASN A 844 -9.92 19.00 -15.06
C ASN A 844 -9.07 17.81 -15.50
N LEU A 845 -9.61 17.05 -16.45
CA LEU A 845 -8.87 15.91 -16.98
C LEU A 845 -7.66 16.41 -17.77
N PRO A 846 -6.65 15.55 -17.95
CA PRO A 846 -5.46 15.99 -18.70
C PRO A 846 -5.81 16.40 -20.11
N GLN A 847 -5.06 17.38 -20.62
CA GLN A 847 -5.26 17.84 -21.99
C GLN A 847 -5.14 16.68 -22.97
N ARG A 848 -4.18 15.78 -22.73
CA ARG A 848 -4.10 14.56 -23.52
C ARG A 848 -5.35 13.70 -23.32
N THR A 849 -5.82 13.61 -22.08
CA THR A 849 -7.03 12.84 -21.81
C THR A 849 -8.24 13.44 -22.50
N ARG A 850 -8.39 14.77 -22.44
CA ARG A 850 -9.52 15.41 -23.11
C ARG A 850 -9.43 15.25 -24.62
N GLY A 851 -8.22 15.37 -25.17
CA GLY A 851 -8.06 15.15 -26.59
C GLY A 851 -8.41 13.74 -27.01
N HIS A 852 -7.95 12.75 -26.24
CA HIS A 852 -8.31 11.37 -26.54
C HIS A 852 -9.82 11.14 -26.43
N LEU A 853 -10.44 11.74 -25.42
CA LEU A 853 -11.89 11.63 -25.28
C LEU A 853 -12.60 12.22 -26.48
N ASP A 854 -12.14 13.38 -26.95
CA ASP A 854 -12.74 13.98 -28.14
C ASP A 854 -12.51 13.10 -29.37
N SER A 855 -11.31 12.56 -29.51
CA SER A 855 -10.96 11.80 -30.71
C SER A 855 -11.47 10.37 -30.68
N MET A 856 -12.06 9.94 -29.57
CA MET A 856 -12.57 8.58 -29.48
C MET A 856 -14.03 8.49 -29.08
N LEU A 857 -14.64 9.60 -28.68
CA LEU A 857 -16.03 9.60 -28.23
C LEU A 857 -16.86 10.76 -28.77
N LYS A 858 -16.26 11.91 -29.06
CA LYS A 858 -16.98 13.10 -29.46
C LYS A 858 -17.41 12.97 -30.91
N LYS A 859 -18.61 13.45 -31.21
CA LYS A 859 -19.15 13.35 -32.55
C LYS A 859 -18.48 14.34 -33.49
N THR A 860 -17.60 13.82 -34.32
CA THR A 860 -16.99 14.58 -35.40
C THR A 860 -17.26 13.84 -36.71
N LYS A 861 -17.28 14.59 -37.81
CA LYS A 861 -17.53 14.01 -39.12
C LYS A 861 -16.28 13.32 -39.63
N GLN A 862 -16.38 12.01 -39.91
CA GLN A 862 -15.26 11.26 -40.44
C GLN A 862 -14.97 11.66 -41.87
N ARG A 863 -13.93 11.04 -42.45
CA ARG A 863 -13.57 11.32 -43.83
C ARG A 863 -14.71 10.99 -44.77
N ASP A 864 -15.38 9.86 -44.53
CA ASP A 864 -16.55 9.47 -45.32
C ASP A 864 -17.80 10.24 -44.92
N GLY A 865 -17.71 11.12 -43.93
CA GLY A 865 -18.86 11.89 -43.48
C GLY A 865 -19.58 11.35 -42.27
N ARG A 866 -19.01 10.38 -41.57
CA ARG A 866 -19.63 9.80 -40.40
C ARG A 866 -19.44 10.70 -39.20
N MET A 867 -20.50 11.37 -38.78
CA MET A 867 -20.47 12.25 -37.62
C MET A 867 -20.66 11.39 -36.37
N ASP A 868 -19.58 10.70 -36.02
CA ASP A 868 -19.59 9.77 -34.89
C ASP A 868 -18.34 9.99 -34.05
N TYR A 869 -18.11 9.06 -33.12
CA TYR A 869 -16.86 9.08 -32.36
C TYR A 869 -15.67 9.03 -33.31
N LEU A 870 -14.73 9.96 -33.14
CA LEU A 870 -13.65 10.10 -34.11
C LEU A 870 -12.80 8.84 -34.19
N THR A 871 -12.75 8.07 -33.09
CA THR A 871 -12.25 6.70 -33.12
C THR A 871 -13.43 5.78 -32.83
N LYS A 872 -13.48 4.64 -33.52
CA LYS A 872 -14.64 3.77 -33.48
C LYS A 872 -14.89 3.26 -32.05
N THR A 873 -16.15 3.34 -31.63
CA THR A 873 -16.59 2.87 -30.33
C THR A 873 -18.03 2.36 -30.43
N ASN A 874 -18.19 1.05 -30.37
CA ASN A 874 -19.46 0.40 -30.63
C ASN A 874 -20.49 0.56 -29.52
N LEU A 875 -20.20 1.39 -28.52
CA LEU A 875 -21.15 1.60 -27.43
C LEU A 875 -22.49 2.10 -27.96
N THR A 876 -23.56 1.63 -27.34
CA THR A 876 -24.92 1.96 -27.76
C THR A 876 -25.14 3.46 -27.67
N ASP A 877 -26.16 3.94 -28.40
CA ASP A 877 -26.49 5.35 -28.45
C ASP A 877 -26.72 5.91 -27.05
N VAL A 878 -27.33 5.11 -26.17
CA VAL A 878 -27.47 5.52 -24.78
C VAL A 878 -26.10 5.63 -24.10
N GLN A 879 -25.24 4.64 -24.30
CA GLN A 879 -23.91 4.69 -23.72
C GLN A 879 -23.10 5.84 -24.29
N ARG A 880 -23.22 6.08 -25.60
CA ARG A 880 -22.55 7.22 -26.21
C ARG A 880 -23.07 8.53 -25.67
N ILE A 881 -24.39 8.65 -25.46
CA ILE A 881 -24.95 9.84 -24.87
C ILE A 881 -24.41 10.04 -23.46
N GLU A 882 -24.29 8.95 -22.70
CA GLU A 882 -23.69 9.03 -21.37
C GLU A 882 -22.24 9.50 -21.42
N LEU A 883 -21.47 8.97 -22.37
CA LEU A 883 -20.08 9.38 -22.52
C LEU A 883 -19.98 10.86 -22.85
N LEU A 884 -20.89 11.34 -23.71
CA LEU A 884 -20.97 12.77 -23.99
C LEU A 884 -21.36 13.57 -22.74
N LYS A 885 -22.30 13.06 -21.95
CA LYS A 885 -22.72 13.72 -20.73
C LYS A 885 -21.61 13.77 -19.70
N ALA A 886 -20.63 12.86 -19.80
CA ALA A 886 -19.44 12.96 -18.97
C ALA A 886 -18.76 14.31 -19.17
N LEU A 887 -18.65 14.76 -20.42
CA LEU A 887 -18.18 16.10 -20.70
C LEU A 887 -19.18 17.17 -20.29
N GLY A 888 -20.46 16.80 -20.15
CA GLY A 888 -21.46 17.75 -19.73
C GLY A 888 -21.78 18.85 -20.72
N GLU A 889 -21.86 18.54 -22.01
CA GLU A 889 -22.24 19.52 -23.04
C GLU A 889 -23.55 19.05 -23.67
N ASP A 890 -24.67 19.46 -23.07
CA ASP A 890 -25.98 19.05 -23.56
C ASP A 890 -26.25 19.59 -24.96
N ALA A 891 -25.71 20.77 -25.28
CA ALA A 891 -25.83 21.29 -26.64
C ALA A 891 -25.13 20.37 -27.63
N VAL A 892 -23.94 19.89 -27.28
CA VAL A 892 -23.23 18.94 -28.13
C VAL A 892 -24.00 17.64 -28.23
N ILE A 893 -24.61 17.19 -27.12
CA ILE A 893 -25.44 15.99 -27.14
C ILE A 893 -26.63 16.12 -28.08
N GLU A 894 -27.29 17.28 -28.09
CA GLU A 894 -28.42 17.49 -28.99
C GLU A 894 -27.95 17.59 -30.44
N GLU A 895 -26.94 18.42 -30.70
CA GLU A 895 -26.42 18.60 -32.06
C GLU A 895 -25.84 17.32 -32.63
N GLN A 896 -25.42 16.39 -31.79
CA GLN A 896 -24.88 15.12 -32.23
C GLN A 896 -25.92 14.01 -32.32
N PHE A 897 -26.86 13.97 -31.38
CA PHE A 897 -27.87 12.92 -31.33
C PHE A 897 -29.28 13.43 -31.57
N MET A 898 -29.72 14.44 -30.84
CA MET A 898 -31.08 14.95 -30.94
C MET A 898 -31.27 15.94 -32.07
N GLY A 899 -30.21 16.29 -32.79
CA GLY A 899 -30.32 17.21 -33.91
C GLY A 899 -30.67 18.63 -33.52
N THR A 900 -29.83 19.25 -32.69
CA THR A 900 -30.04 20.64 -32.28
C THR A 900 -28.72 21.29 -31.86
N ARG A 1102 -32.60 10.90 -19.07
CA ARG A 1102 -33.06 9.58 -19.51
C ARG A 1102 -32.39 8.47 -18.69
N LEU A 1103 -31.37 8.83 -17.93
CA LEU A 1103 -30.67 7.87 -17.08
C LEU A 1103 -30.93 8.20 -15.61
N ILE A 1104 -30.31 7.45 -14.71
CA ILE A 1104 -30.48 7.67 -13.28
C ILE A 1104 -29.59 8.82 -12.85
N PRO A 1105 -30.14 9.89 -12.31
CA PRO A 1105 -29.30 10.99 -11.88
C PRO A 1105 -28.67 10.69 -10.52
N PRO A 1106 -27.75 11.53 -10.07
CA PRO A 1106 -27.14 11.30 -8.75
C PRO A 1106 -28.16 11.44 -7.64
N MET A 1107 -28.45 10.32 -6.97
CA MET A 1107 -29.41 10.30 -5.87
C MET A 1107 -28.88 10.96 -4.61
N ASP A 1108 -27.59 11.34 -4.58
CA ASP A 1108 -27.01 11.92 -3.39
C ASP A 1108 -27.74 13.20 -2.96
N VAL A 1109 -28.31 13.93 -3.92
CA VAL A 1109 -29.09 15.12 -3.58
C VAL A 1109 -30.32 14.73 -2.78
N LEU A 1110 -31.16 13.86 -3.34
CA LEU A 1110 -32.35 13.38 -2.65
C LEU A 1110 -32.02 12.56 -1.41
N HIS A 1111 -30.95 11.75 -1.44
CA HIS A 1111 -30.56 10.99 -0.26
C HIS A 1111 -30.16 11.92 0.88
N GLN A 1112 -29.36 12.95 0.58
CA GLN A 1112 -28.98 13.92 1.60
C GLN A 1112 -30.19 14.69 2.11
N ALA A 1113 -31.10 15.04 1.20
CA ALA A 1113 -32.33 15.72 1.63
C ALA A 1113 -33.13 14.85 2.59
N ILE A 1114 -33.29 13.56 2.25
CA ILE A 1114 -34.05 12.65 3.11
C ILE A 1114 -33.35 12.48 4.46
N LEU A 1115 -32.04 12.30 4.45
CA LEU A 1115 -31.28 12.11 5.68
C LEU A 1115 -31.30 13.32 6.60
N GLU A 1116 -31.06 14.52 6.06
CA GLU A 1116 -31.09 15.73 6.87
C GLU A 1116 -32.50 16.06 7.36
N TRP A 1117 -33.50 15.90 6.50
CA TRP A 1117 -34.87 16.20 6.89
C TRP A 1117 -35.35 15.17 7.91
N ASP A 1118 -35.45 15.60 9.16
CA ASP A 1118 -35.82 14.71 10.26
C ASP A 1118 -37.32 14.42 10.18
N ILE A 1119 -37.65 13.16 9.94
CA ILE A 1119 -39.03 12.71 10.01
C ILE A 1119 -39.58 12.82 11.43
N PHE A 1120 -38.73 12.60 12.44
CA PHE A 1120 -39.14 12.72 13.83
C PHE A 1120 -39.36 14.17 14.27
N HIS A 1121 -39.00 15.14 13.43
CA HIS A 1121 -39.20 16.53 13.77
C HIS A 1121 -40.70 16.84 13.89
N GLU A 1122 -40.99 18.01 14.45
CA GLU A 1122 -42.37 18.37 14.73
C GLU A 1122 -42.78 19.65 14.02
N GLY A 1123 -42.48 19.74 12.73
CA GLY A 1123 -42.90 20.90 11.95
C GLY A 1123 -43.99 20.58 10.96
N ASN A 1124 -45.22 21.02 11.25
CA ASN A 1124 -46.30 20.89 10.28
C ASN A 1124 -45.98 21.72 9.03
N ASP A 1125 -45.53 22.95 9.21
CA ASP A 1125 -44.98 23.73 8.11
C ASP A 1125 -43.46 23.65 8.16
N PRO A 1126 -42.82 23.13 7.11
CA PRO A 1126 -41.37 22.98 7.17
C PRO A 1126 -40.68 24.32 7.28
N PRO A 1127 -39.42 24.35 7.71
CA PRO A 1127 -38.71 25.62 7.86
C PRO A 1127 -38.63 26.42 6.58
N ASN A 1128 -38.57 25.76 5.42
CA ASN A 1128 -38.64 26.42 4.12
C ASN A 1128 -40.01 27.00 3.83
N GLY A 1129 -41.05 26.56 4.56
CA GLY A 1129 -42.40 27.04 4.34
C GLY A 1129 -42.94 26.64 2.98
N TYR A 1130 -42.99 25.34 2.71
CA TYR A 1130 -43.44 24.80 1.44
C TYR A 1130 -44.96 24.76 1.43
N ARG A 1131 -45.54 24.94 0.24
CA ARG A 1131 -46.99 24.94 0.08
C ARG A 1131 -47.34 24.45 -1.32
N CYS A 1132 -48.58 24.00 -1.47
CA CYS A 1132 -49.06 23.51 -2.76
C CYS A 1132 -49.38 24.70 -3.66
N GLY A 1133 -50.03 24.43 -4.79
CA GLY A 1133 -50.38 25.50 -5.70
C GLY A 1133 -50.90 24.94 -7.01
N ASN A 1134 -51.22 25.85 -7.92
CA ASN A 1134 -51.72 25.47 -9.23
C ASN A 1134 -50.59 24.86 -10.07
N VAL A 1135 -50.99 24.08 -11.07
CA VAL A 1135 -50.04 23.46 -11.98
C VAL A 1135 -50.35 23.95 -13.39
N SER A 1136 -51.55 24.49 -13.59
CA SER A 1136 -52.03 24.92 -14.90
C SER A 1136 -52.06 23.74 -15.86
N ASP A 1137 -52.06 22.52 -15.29
CA ASP A 1137 -51.94 21.25 -16.00
C ASP A 1137 -50.55 21.09 -16.60
N THR A 1138 -49.74 22.14 -16.50
CA THR A 1138 -48.34 22.12 -16.94
C THR A 1138 -47.61 23.35 -16.39
N TYR A 1139 -46.64 23.14 -15.52
CA TYR A 1139 -45.89 24.27 -14.97
C TYR A 1139 -45.15 24.99 -16.09
N PRO A 1140 -45.08 26.32 -16.10
CA PRO A 1140 -44.70 27.01 -17.33
C PRO A 1140 -43.21 26.99 -17.64
N ASP A 1141 -42.57 25.82 -17.49
CA ASP A 1141 -41.28 25.47 -18.08
C ASP A 1141 -40.94 24.04 -17.70
N PRO A 1142 -40.20 23.31 -18.54
CA PRO A 1142 -39.60 22.07 -18.04
C PRO A 1142 -38.70 22.33 -16.84
N TYR A 1143 -37.98 23.45 -16.85
CA TYR A 1143 -37.20 23.88 -15.71
C TYR A 1143 -38.06 24.46 -14.59
N SER A 1144 -39.24 25.00 -14.92
CA SER A 1144 -40.16 25.44 -13.87
C SER A 1144 -40.59 24.27 -13.01
N TYR A 1145 -40.65 23.06 -13.59
CA TYR A 1145 -40.93 21.88 -12.79
C TYR A 1145 -39.93 21.79 -11.63
N LYS A 1146 -38.64 21.89 -11.93
CA LYS A 1146 -37.67 22.01 -10.85
C LYS A 1146 -37.97 23.22 -9.99
N GLN A 1147 -37.84 24.42 -10.55
CA GLN A 1147 -37.90 25.70 -9.84
C GLN A 1147 -39.05 25.80 -8.85
N THR A 1148 -40.17 25.11 -9.09
CA THR A 1148 -41.32 25.20 -8.19
C THR A 1148 -41.68 23.88 -7.53
N PHE A 1149 -41.85 22.80 -8.31
CA PHE A 1149 -42.23 21.52 -7.73
C PHE A 1149 -41.13 20.94 -6.84
N PHE A 1150 -39.86 21.37 -7.02
CA PHE A 1150 -38.81 20.92 -6.12
C PHE A 1150 -39.09 21.35 -4.68
N PRO A 1151 -39.51 22.57 -4.41
CA PRO A 1151 -40.07 22.85 -3.07
C PRO A 1151 -41.29 21.98 -2.77
N LEU A 1152 -42.15 21.76 -3.76
CA LEU A 1152 -43.26 20.84 -3.59
C LEU A 1152 -42.76 19.41 -3.40
N LEU A 1153 -41.67 19.05 -4.09
CA LEU A 1153 -41.07 17.74 -3.90
C LEU A 1153 -40.55 17.59 -2.47
N ILE A 1154 -39.93 18.65 -1.93
CA ILE A 1154 -39.45 18.61 -0.56
C ILE A 1154 -40.63 18.46 0.40
N ASN A 1155 -41.72 19.19 0.14
CA ASN A 1155 -42.91 19.05 0.97
C ASN A 1155 -43.46 17.63 0.91
N GLU A 1156 -43.53 17.05 -0.28
CA GLU A 1156 -44.05 15.69 -0.44
C GLU A 1156 -43.15 14.68 0.26
N ALA A 1157 -41.83 14.86 0.14
CA ALA A 1157 -40.90 13.96 0.81
C ALA A 1157 -41.00 14.06 2.32
N TRP A 1158 -41.13 15.28 2.86
CA TRP A 1158 -41.32 15.45 4.29
C TRP A 1158 -42.64 14.81 4.74
N ARG A 1159 -43.70 14.98 3.95
CA ARG A 1159 -44.98 14.37 4.27
C ARG A 1159 -44.89 12.85 4.28
N SER A 1160 -44.23 12.28 3.27
CA SER A 1160 -44.08 10.83 3.21
C SER A 1160 -43.25 10.31 4.38
N PHE A 1161 -42.16 11.01 4.72
CA PHE A 1161 -41.35 10.61 5.86
C PHE A 1161 -42.14 10.67 7.16
N VAL A 1162 -42.92 11.73 7.34
CA VAL A 1162 -43.74 11.86 8.54
C VAL A 1162 -44.78 10.74 8.60
N THR A 1163 -45.41 10.44 7.46
CA THR A 1163 -46.41 9.40 7.41
C THR A 1163 -45.81 8.03 7.73
N ALA A 1164 -44.63 7.72 7.19
CA ALA A 1164 -43.99 6.45 7.48
C ALA A 1164 -43.37 6.42 8.87
N LYS A 1165 -43.21 7.58 9.51
CA LYS A 1165 -42.56 7.64 10.82
C LYS A 1165 -43.39 6.93 11.88
N ASP A 1166 -44.72 7.08 11.84
CA ASP A 1166 -45.58 6.57 12.89
C ASP A 1166 -46.20 5.21 12.57
N GLU A 1167 -45.65 4.49 11.59
CA GLU A 1167 -46.18 3.19 11.18
C GLU A 1167 -45.14 2.10 11.39
N THR A 1168 -44.48 2.09 12.56
CA THR A 1168 -43.42 1.12 12.81
C THR A 1168 -43.95 -0.31 12.72
N THR A 1169 -44.81 -0.71 13.66
CA THR A 1169 -45.45 -2.03 13.66
C THR A 1169 -44.42 -3.15 13.44
N SER A 1170 -43.32 -3.06 14.18
CA SER A 1170 -42.21 -3.98 14.01
C SER A 1170 -41.69 -4.39 15.38
N LYS A 1171 -40.68 -5.27 15.37
CA LYS A 1171 -40.06 -5.79 16.58
C LYS A 1171 -38.68 -5.19 16.73
N PRO A 1172 -38.41 -4.46 17.81
CA PRO A 1172 -37.08 -3.89 18.00
C PRO A 1172 -36.01 -4.96 18.09
N PHE A 1173 -34.83 -4.63 17.57
CA PHE A 1173 -33.69 -5.54 17.59
C PHE A 1173 -32.45 -4.77 18.03
N GLY A 1174 -31.40 -5.53 18.33
CA GLY A 1174 -30.14 -4.94 18.73
C GLY A 1174 -29.00 -5.35 17.82
N ILE A 1175 -28.14 -4.40 17.47
CA ILE A 1175 -27.06 -4.64 16.54
C ILE A 1175 -25.74 -4.16 17.14
N LYS A 1176 -24.65 -4.81 16.75
CA LYS A 1176 -23.31 -4.43 17.17
C LYS A 1176 -22.65 -3.59 16.08
N VAL A 1177 -22.20 -2.40 16.44
CA VAL A 1177 -21.58 -1.49 15.50
C VAL A 1177 -20.11 -1.84 15.34
N LEU A 1178 -19.51 -1.36 14.26
CA LEU A 1178 -18.13 -1.67 13.92
C LEU A 1178 -17.19 -0.48 13.99
N SER A 1179 -17.50 0.61 13.29
CA SER A 1179 -16.61 1.76 13.27
C SER A 1179 -17.42 2.99 12.87
N ARG A 1180 -16.83 4.16 13.16
CA ARG A 1180 -17.47 5.45 12.87
C ARG A 1180 -16.49 6.29 12.04
N MET A 1181 -16.49 6.07 10.72
CA MET A 1181 -15.66 6.83 9.79
C MET A 1181 -16.56 7.75 8.97
N THR A 1182 -16.29 9.05 9.04
CA THR A 1182 -17.16 10.05 8.42
C THR A 1182 -16.74 10.26 6.98
N VAL A 1183 -17.71 10.23 6.07
CA VAL A 1183 -17.49 10.48 4.65
C VAL A 1183 -18.76 11.09 4.08
N ASP A 1184 -18.65 12.31 3.54
CA ASP A 1184 -19.77 13.03 2.93
C ASP A 1184 -20.97 13.09 3.88
N LYS A 1185 -20.70 13.44 5.14
CA LYS A 1185 -21.73 13.55 6.17
C LYS A 1185 -22.49 12.24 6.37
N PHE A 1186 -21.84 11.12 6.10
CA PHE A 1186 -22.44 9.81 6.30
C PHE A 1186 -21.37 8.91 6.94
N MET A 1187 -21.76 7.67 7.26
CA MET A 1187 -20.89 6.72 7.90
C MET A 1187 -21.32 5.30 7.54
N GLU A 1188 -20.54 4.32 7.96
CA GLU A 1188 -20.81 2.92 7.68
C GLU A 1188 -21.10 2.18 8.98
N VAL A 1189 -22.09 1.29 8.94
CA VAL A 1189 -22.43 0.44 10.08
C VAL A 1189 -22.40 -1.00 9.58
N THR A 1190 -21.29 -1.69 9.84
CA THR A 1190 -21.11 -3.05 9.35
C THR A 1190 -21.19 -4.05 10.50
N ALA A 1191 -21.87 -5.15 10.25
CA ALA A 1191 -22.03 -6.19 11.26
C ALA A 1191 -22.32 -7.52 10.60
N ALA A 1192 -21.82 -8.60 11.21
CA ALA A 1192 -22.05 -9.96 10.76
C ALA A 1192 -23.19 -10.53 11.60
N VAL A 1193 -24.41 -10.12 11.26
CA VAL A 1193 -25.61 -10.52 11.99
C VAL A 1193 -25.91 -11.97 11.66
N PRO A 1194 -26.47 -12.75 12.57
CA PRO A 1194 -26.84 -14.14 12.24
C PRO A 1194 -27.94 -14.18 11.20
N ALA A 1195 -27.99 -15.31 10.47
CA ALA A 1195 -28.99 -15.47 9.43
C ALA A 1195 -30.41 -15.37 10.00
N GLN A 1196 -30.60 -15.88 11.22
CA GLN A 1196 -31.90 -15.71 11.87
C GLN A 1196 -32.20 -14.23 12.11
N ILE A 1197 -31.21 -13.46 12.55
CA ILE A 1197 -31.41 -12.03 12.77
C ILE A 1197 -31.71 -11.33 11.45
N SER A 1198 -30.99 -11.72 10.38
CA SER A 1198 -31.22 -11.13 9.07
C SER A 1198 -32.64 -11.41 8.58
N LYS A 1199 -33.10 -12.65 8.74
CA LYS A 1199 -34.46 -12.99 8.33
C LYS A 1199 -35.49 -12.24 9.17
N ASP A 1200 -35.27 -12.14 10.48
CA ASP A 1200 -36.25 -11.49 11.34
C ASP A 1200 -36.33 -9.99 11.06
N ARG A 1201 -35.20 -9.30 11.14
CA ARG A 1201 -35.16 -7.87 10.87
C ARG A 1201 -35.47 -7.52 9.43
N GLY A 1202 -35.32 -8.46 8.50
CA GLY A 1202 -35.58 -8.20 7.10
C GLY A 1202 -34.65 -7.13 6.54
N LEU A 1203 -33.38 -7.21 6.89
CA LEU A 1203 -32.41 -6.18 6.50
C LEU A 1203 -32.01 -6.37 5.04
N THR A 1204 -32.12 -5.31 4.24
CA THR A 1204 -31.71 -5.31 2.85
C THR A 1204 -31.29 -3.91 2.45
N GLU A 1205 -30.54 -3.81 1.36
CA GLU A 1205 -30.03 -2.53 0.91
C GLU A 1205 -31.18 -1.58 0.57
N GLY A 1206 -30.99 -0.30 0.88
CA GLY A 1206 -31.97 0.72 0.62
C GLY A 1206 -33.06 0.85 1.66
N ASP A 1207 -32.93 0.19 2.79
CA ASP A 1207 -33.93 0.28 3.84
C ASP A 1207 -33.50 1.28 4.91
N ILE A 1208 -34.48 1.95 5.51
CA ILE A 1208 -34.24 2.91 6.59
C ILE A 1208 -34.60 2.25 7.90
N VAL A 1209 -33.66 2.27 8.84
CA VAL A 1209 -33.80 1.59 10.12
C VAL A 1209 -33.58 2.60 11.24
N ILE A 1210 -34.34 2.45 12.31
CA ILE A 1210 -34.23 3.31 13.49
C ILE A 1210 -33.08 2.78 14.34
N ILE A 1211 -31.89 3.32 14.13
CA ILE A 1211 -30.74 2.93 14.93
C ILE A 1211 -30.77 3.67 16.26
N SER A 1212 -30.82 2.92 17.35
CA SER A 1212 -31.05 3.51 18.66
C SER A 1212 -30.18 2.84 19.69
N LYS A 1213 -29.97 3.55 20.81
CA LYS A 1213 -29.30 2.99 21.97
C LYS A 1213 -30.18 2.91 23.20
N GLY A 1214 -31.29 3.64 23.25
CA GLY A 1214 -32.21 3.55 24.37
C GLY A 1214 -33.03 2.27 24.34
N GLU A 1215 -33.77 2.05 25.42
CA GLU A 1215 -34.52 0.81 25.57
C GLU A 1215 -35.78 0.82 24.69
N ASP A 1216 -36.71 1.72 24.97
CA ASP A 1216 -38.00 1.78 24.29
C ASP A 1216 -38.25 3.19 23.80
N PRO A 1217 -37.51 3.65 22.79
CA PRO A 1217 -37.73 5.00 22.27
C PRO A 1217 -39.07 5.21 21.58
N LEU A 1218 -39.90 4.17 21.49
CA LEU A 1218 -41.25 4.35 20.95
C LEU A 1218 -42.01 5.40 21.74
N ASN A 1219 -41.96 5.32 23.08
CA ASN A 1219 -42.37 6.43 23.94
C ASN A 1219 -41.22 6.69 24.90
N GLN A 1220 -40.19 7.40 24.40
CA GLN A 1220 -39.04 7.82 25.16
C GLN A 1220 -38.20 8.77 24.32
N PRO A 1221 -38.67 10.00 24.06
CA PRO A 1221 -37.90 10.89 23.19
C PRO A 1221 -36.53 11.26 23.74
N GLN A 1222 -36.31 11.08 25.04
CA GLN A 1222 -35.03 11.39 25.66
C GLN A 1222 -34.00 10.29 25.46
N GLU A 1223 -34.32 9.26 24.68
CA GLU A 1223 -33.39 8.17 24.38
C GLU A 1223 -32.65 8.48 23.07
N LEU A 1224 -31.52 7.80 22.89
CA LEU A 1224 -30.71 7.97 21.69
C LEU A 1224 -31.34 7.17 20.56
N HIS A 1225 -31.68 7.86 19.47
CA HIS A 1225 -32.34 7.23 18.34
C HIS A 1225 -32.24 8.14 17.12
N CYS A 1226 -31.78 7.57 16.01
CA CYS A 1226 -31.72 8.26 14.73
C CYS A 1226 -32.09 7.28 13.62
N LEU A 1227 -31.92 7.71 12.38
CA LEU A 1227 -32.27 6.91 11.22
C LEU A 1227 -31.01 6.60 10.41
N SER A 1228 -31.02 5.43 9.77
CA SER A 1228 -29.85 4.99 9.01
C SER A 1228 -30.30 4.23 7.77
N ARG A 1229 -29.62 4.47 6.66
CA ARG A 1229 -29.90 3.77 5.42
C ARG A 1229 -28.96 2.59 5.25
N ILE A 1230 -29.45 1.55 4.57
CA ILE A 1230 -28.69 0.32 4.37
C ILE A 1230 -28.02 0.38 3.00
N TRP A 1231 -26.72 0.09 2.96
CA TRP A 1231 -25.94 0.20 1.74
C TRP A 1231 -25.84 -1.12 0.98
N LYS A 1232 -25.26 -2.15 1.61
CA LYS A 1232 -25.05 -3.43 0.94
C LYS A 1232 -24.87 -4.53 1.98
N THR A 1233 -25.50 -5.68 1.74
CA THR A 1233 -25.48 -6.80 2.70
C THR A 1233 -24.87 -8.03 2.03
N THR A 1234 -23.56 -8.20 2.20
CA THR A 1234 -22.86 -9.40 1.74
C THR A 1234 -22.88 -10.45 2.85
N TYR A 1235 -22.08 -11.49 2.67
CA TYR A 1235 -21.85 -12.49 3.71
C TYR A 1235 -20.35 -12.57 3.96
N LYS A 1236 -19.93 -12.30 5.20
CA LYS A 1236 -18.50 -12.29 5.51
C LYS A 1236 -17.89 -13.68 5.35
N LYS A 1237 -18.25 -14.62 6.23
CA LYS A 1237 -17.94 -16.02 6.03
C LYS A 1237 -19.20 -16.88 6.05
N ASP A 1238 -19.98 -16.81 7.13
CA ASP A 1238 -21.23 -17.56 7.23
C ASP A 1238 -22.40 -16.72 7.72
N THR A 1239 -22.18 -15.70 8.54
CA THR A 1239 -23.23 -14.77 8.92
C THR A 1239 -23.44 -13.77 7.78
N VAL A 1240 -24.34 -12.82 7.98
CA VAL A 1240 -24.63 -11.80 6.97
C VAL A 1240 -23.89 -10.53 7.37
N GLU A 1241 -22.89 -10.17 6.58
CA GLU A 1241 -22.11 -8.95 6.80
C GLU A 1241 -22.83 -7.82 6.08
N VAL A 1242 -23.67 -7.10 6.81
CA VAL A 1242 -24.42 -5.97 6.28
C VAL A 1242 -23.70 -4.70 6.68
N VAL A 1243 -23.34 -3.90 5.69
CA VAL A 1243 -22.78 -2.56 5.89
C VAL A 1243 -23.81 -1.56 5.42
N TYR A 1244 -24.37 -0.80 6.35
CA TYR A 1244 -25.41 0.18 6.07
C TYR A 1244 -24.79 1.56 5.96
N ARG A 1245 -25.18 2.29 4.91
CA ARG A 1245 -24.75 3.67 4.71
C ARG A 1245 -25.56 4.56 5.62
N LEU A 1246 -25.18 4.61 6.89
CA LEU A 1246 -25.91 5.33 7.91
C LEU A 1246 -25.62 6.83 7.78
N ASN A 1247 -26.53 7.63 8.32
CA ASN A 1247 -26.37 9.07 8.32
C ASN A 1247 -25.47 9.50 9.48
N ALA A 1248 -24.47 10.31 9.17
CA ALA A 1248 -23.57 10.87 10.17
C ALA A 1248 -23.70 12.39 10.25
N LYS A 1249 -24.92 12.89 10.24
CA LYS A 1249 -25.18 14.32 10.27
C LYS A 1249 -24.64 15.01 11.51
N GLY A 1250 -24.43 14.28 12.60
CA GLY A 1250 -23.88 14.86 13.80
C GLY A 1250 -24.79 14.81 15.01
N ASN A 1251 -25.63 13.78 15.08
CA ASN A 1251 -26.49 13.60 16.24
C ASN A 1251 -25.64 13.27 17.47
N GLN A 1252 -26.31 13.18 18.63
CA GLN A 1252 -25.61 12.85 19.86
C GLN A 1252 -25.39 11.35 19.95
N ILE A 1253 -24.97 10.74 18.84
CA ILE A 1253 -24.52 9.36 18.83
C ILE A 1253 -23.17 9.19 18.14
N LEU A 1254 -22.67 10.18 17.42
CA LEU A 1254 -21.30 10.13 16.93
C LEU A 1254 -20.31 10.05 18.07
N PRO A 1255 -20.42 10.84 19.14
CA PRO A 1255 -19.53 10.63 20.29
C PRO A 1255 -19.69 9.25 20.90
N ALA A 1256 -20.86 8.63 20.75
CA ALA A 1256 -21.08 7.26 21.18
C ALA A 1256 -20.69 6.34 20.02
N LEU A 1257 -19.50 6.57 19.50
CA LEU A 1257 -18.95 5.80 18.40
C LEU A 1257 -18.57 4.41 18.92
N THR A 1258 -19.41 3.42 18.61
CA THR A 1258 -19.27 2.07 19.14
C THR A 1258 -18.40 1.22 18.22
N PRO A 1259 -17.12 1.05 18.55
CA PRO A 1259 -16.33 0.04 17.82
C PRO A 1259 -16.91 -1.35 17.92
N GLY A 1260 -17.39 -1.74 19.11
CA GLY A 1260 -18.07 -3.00 19.30
C GLY A 1260 -19.12 -2.93 20.39
N SER A 1261 -19.39 -1.72 20.88
CA SER A 1261 -20.24 -1.52 22.05
C SER A 1261 -21.71 -1.80 21.79
N GLU A 1262 -22.11 -1.99 20.53
CA GLU A 1262 -23.45 -2.39 20.16
C GLU A 1262 -24.50 -1.33 20.46
N PHE A 1263 -25.63 -1.40 19.74
CA PHE A 1263 -26.77 -0.53 19.97
C PHE A 1263 -28.03 -1.35 19.73
N GLN A 1264 -29.17 -0.67 19.68
CA GLN A 1264 -30.47 -1.32 19.42
C GLN A 1264 -31.00 -0.80 18.09
N VAL A 1265 -30.78 -1.55 17.03
CA VAL A 1265 -31.17 -1.14 15.69
C VAL A 1265 -32.39 -1.91 15.24
N VAL A 1266 -33.42 -1.18 14.80
CA VAL A 1266 -34.68 -1.77 14.35
C VAL A 1266 -35.05 -1.11 13.03
N LYS A 1267 -35.54 -1.92 12.09
CA LYS A 1267 -35.95 -1.40 10.79
C LYS A 1267 -37.15 -0.48 10.95
N ILE A 1268 -37.26 0.48 10.05
CA ILE A 1268 -38.35 1.46 10.09
C ILE A 1268 -39.21 1.31 8.84
N THR A 1269 -38.61 1.49 7.67
CA THR A 1269 -39.33 1.39 6.41
C THR A 1269 -38.36 1.07 5.26
N ASN A 1270 -38.92 1.01 4.05
CA ASN A 1270 -38.14 0.80 2.84
C ASN A 1270 -38.36 1.95 1.89
N MET A 1271 -37.26 2.49 1.35
CA MET A 1271 -37.31 3.65 0.47
C MET A 1271 -36.99 3.34 -0.97
N THR A 1272 -36.94 2.06 -1.36
CA THR A 1272 -36.64 1.72 -2.75
C THR A 1272 -37.65 2.33 -3.71
N THR A 1273 -38.95 2.14 -3.43
CA THR A 1273 -39.97 2.77 -4.25
C THR A 1273 -39.93 4.28 -4.10
N ILE A 1274 -39.66 4.77 -2.89
CA ILE A 1274 -39.52 6.20 -2.68
C ILE A 1274 -38.31 6.74 -3.43
N GLU A 1275 -37.20 6.01 -3.43
CA GLU A 1275 -36.03 6.43 -4.19
C GLU A 1275 -36.34 6.49 -5.68
N ARG A 1276 -37.05 5.48 -6.18
CA ARG A 1276 -37.45 5.49 -7.59
C ARG A 1276 -38.34 6.67 -7.91
N GLU A 1277 -39.31 6.96 -7.04
CA GLU A 1277 -40.21 8.09 -7.26
C GLU A 1277 -39.44 9.41 -7.29
N TYR A 1278 -38.55 9.61 -6.32
CA TYR A 1278 -37.75 10.83 -6.28
C TYR A 1278 -36.84 10.96 -7.49
N ALA A 1279 -36.21 9.86 -7.92
CA ALA A 1279 -35.36 9.91 -9.10
C ALA A 1279 -36.17 10.25 -10.34
N ALA A 1280 -37.35 9.65 -10.48
CA ALA A 1280 -38.20 9.94 -11.63
C ALA A 1280 -38.64 11.41 -11.63
N LEU A 1281 -39.00 11.93 -10.45
CA LEU A 1281 -39.40 13.33 -10.36
C LEU A 1281 -38.25 14.27 -10.72
N GLU A 1282 -37.04 13.94 -10.27
CA GLU A 1282 -35.89 14.81 -10.56
C GLU A 1282 -35.45 14.67 -12.02
N SER A 1283 -35.69 13.51 -12.64
CA SER A 1283 -35.12 13.20 -13.94
C SER A 1283 -36.06 13.47 -15.11
N LEU A 1284 -37.37 13.44 -14.89
CA LEU A 1284 -38.31 13.53 -16.00
C LEU A 1284 -38.44 14.93 -16.57
N GLN A 1285 -37.57 15.86 -16.17
CA GLN A 1285 -37.63 17.22 -16.71
C GLN A 1285 -37.24 17.29 -18.18
N TYR A 1286 -36.89 16.16 -18.80
CA TYR A 1286 -36.53 16.11 -20.22
C TYR A 1286 -37.50 15.21 -20.96
N TYR A 1287 -38.65 14.95 -20.35
CA TYR A 1287 -39.68 14.13 -20.96
C TYR A 1287 -40.43 14.92 -22.02
N ASP A 1288 -41.01 14.21 -22.98
CA ASP A 1288 -41.69 14.84 -24.10
C ASP A 1288 -43.05 15.43 -23.72
N LEU A 1289 -43.42 15.40 -22.44
CA LEU A 1289 -44.68 15.94 -21.99
C LEU A 1289 -44.58 17.41 -21.62
N MET A 1290 -43.73 18.17 -22.33
CA MET A 1290 -43.66 19.60 -22.10
C MET A 1290 -45.01 20.26 -22.33
N ASP A 1291 -45.59 20.08 -23.51
CA ASP A 1291 -46.90 20.64 -23.80
C ASP A 1291 -48.02 20.00 -22.99
N GLU A 1292 -47.75 18.86 -22.34
CA GLU A 1292 -48.76 18.17 -21.55
C GLU A 1292 -48.56 18.30 -20.05
N ILE A 1293 -47.32 18.41 -19.57
CA ILE A 1293 -47.06 18.45 -18.15
C ILE A 1293 -46.14 19.59 -17.72
N LEU A 1294 -45.46 20.27 -18.64
CA LEU A 1294 -44.49 21.27 -18.25
C LEU A 1294 -44.48 22.48 -19.18
N LYS A 1295 -45.53 22.71 -19.98
CA LYS A 1295 -45.56 24.01 -20.65
C LYS A 1295 -46.76 24.88 -20.30
N ALA A 1296 -47.99 24.48 -20.67
CA ALA A 1296 -49.12 25.34 -20.37
C ALA A 1296 -50.45 24.64 -20.07
N GLN A 1297 -50.55 23.33 -20.30
CA GLN A 1297 -51.87 22.73 -20.33
C GLN A 1297 -51.84 21.20 -20.41
N PRO A 1298 -53.00 20.55 -20.30
CA PRO A 1298 -53.05 19.09 -20.45
C PRO A 1298 -53.21 18.66 -21.90
N SER A 1299 -53.33 17.37 -22.14
CA SER A 1299 -53.43 16.87 -23.51
C SER A 1299 -54.73 17.32 -24.15
N PRO A 1300 -54.76 17.51 -25.46
CA PRO A 1300 -55.98 18.01 -26.12
C PRO A 1300 -56.98 16.91 -26.43
N MET A 1301 -58.23 17.30 -26.64
CA MET A 1301 -59.30 16.37 -27.03
C MET A 1301 -59.78 16.67 -28.45
N LEU A 1302 -60.40 15.65 -29.05
CA LEU A 1302 -60.94 15.79 -30.39
C LEU A 1302 -62.10 14.81 -30.55
N THR A 1303 -63.18 15.29 -31.17
CA THR A 1303 -64.36 14.46 -31.42
C THR A 1303 -64.27 13.82 -32.80
N PHE A 1304 -65.24 12.95 -33.09
CA PHE A 1304 -65.28 12.24 -34.35
C PHE A 1304 -66.66 11.65 -34.54
N GLY A 1305 -66.81 10.82 -35.57
CA GLY A 1305 -68.06 10.14 -35.84
C GLY A 1305 -68.26 8.97 -34.90
N ASP A 1306 -69.48 8.42 -34.97
CA ASP A 1306 -69.86 7.29 -34.12
C ASP A 1306 -70.45 6.15 -34.95
N GLU A 1307 -69.89 5.90 -36.12
CA GLU A 1307 -70.38 4.81 -36.97
C GLU A 1307 -69.93 3.45 -36.45
N ALA A 1308 -68.71 3.38 -35.91
CA ALA A 1308 -68.11 2.12 -35.48
C ALA A 1308 -68.28 1.84 -33.99
N ILE A 1309 -69.05 2.64 -33.27
CA ILE A 1309 -69.31 2.35 -31.86
C ILE A 1309 -70.05 1.03 -31.73
N LYS A 1310 -71.09 0.84 -32.55
CA LYS A 1310 -71.81 -0.43 -32.54
C LYS A 1310 -70.94 -1.57 -33.06
N ALA A 1311 -70.03 -1.29 -34.00
CA ALA A 1311 -69.10 -2.32 -34.47
C ALA A 1311 -68.18 -2.77 -33.34
N VAL A 1312 -67.68 -1.83 -32.54
CA VAL A 1312 -66.87 -2.18 -31.38
C VAL A 1312 -67.71 -2.95 -30.36
N MET A 1313 -68.98 -2.56 -30.20
CA MET A 1313 -69.88 -3.28 -29.30
C MET A 1313 -70.02 -4.73 -29.74
N ASP A 1314 -70.15 -4.95 -31.05
CA ASP A 1314 -70.31 -6.31 -31.58
C ASP A 1314 -69.02 -7.11 -31.53
N ASN A 1315 -67.87 -6.49 -31.73
CA ASN A 1315 -66.62 -7.23 -31.85
C ASN A 1315 -65.92 -7.44 -30.51
N TYR A 1316 -66.12 -6.55 -29.55
CA TYR A 1316 -65.42 -6.66 -28.27
C TYR A 1316 -66.32 -6.35 -27.08
N GLN A 1317 -67.63 -6.52 -27.22
CA GLN A 1317 -68.60 -6.27 -26.15
C GLN A 1317 -68.45 -4.87 -25.58
N LEU A 1318 -68.26 -3.91 -26.47
CA LEU A 1318 -68.15 -2.51 -26.10
C LEU A 1318 -69.54 -1.88 -26.11
N ASN A 1319 -69.59 -0.55 -26.03
CA ASN A 1319 -70.84 0.18 -26.10
C ASN A 1319 -70.60 1.58 -26.63
N PRO A 1320 -71.59 2.18 -27.28
CA PRO A 1320 -71.43 3.58 -27.71
C PRO A 1320 -71.15 4.53 -26.58
N GLY A 1321 -71.84 4.37 -25.44
CA GLY A 1321 -71.53 5.19 -24.28
C GLY A 1321 -70.12 4.98 -23.79
N GLN A 1322 -69.68 3.72 -23.75
CA GLN A 1322 -68.29 3.39 -23.50
C GLN A 1322 -67.35 3.92 -24.58
N ALA A 1323 -67.85 4.10 -25.81
CA ALA A 1323 -67.03 4.60 -26.91
C ALA A 1323 -67.10 6.11 -27.05
N ARG A 1324 -68.23 6.72 -26.70
CA ARG A 1324 -68.40 8.16 -26.89
C ARG A 1324 -67.31 8.94 -26.16
N ALA A 1325 -67.13 8.67 -24.86
CA ALA A 1325 -65.99 9.24 -24.15
C ALA A 1325 -64.69 8.81 -24.80
N ILE A 1326 -64.57 7.51 -25.11
CA ILE A 1326 -63.41 7.01 -25.84
C ILE A 1326 -63.26 7.66 -27.20
N LEU A 1327 -64.35 8.19 -27.76
CA LEU A 1327 -64.26 8.93 -29.01
C LEU A 1327 -63.26 10.07 -28.90
N ASN A 1328 -63.18 10.71 -27.73
CA ASN A 1328 -62.17 11.73 -27.51
C ASN A 1328 -60.79 11.15 -27.25
N ALA A 1329 -60.71 9.95 -26.66
CA ALA A 1329 -59.44 9.44 -26.16
C ALA A 1329 -58.76 8.49 -27.15
N LYS A 1330 -59.52 7.54 -27.72
CA LYS A 1330 -58.92 6.45 -28.48
C LYS A 1330 -58.15 6.92 -29.70
N GLU A 1331 -58.77 7.74 -30.56
CA GLU A 1331 -58.11 8.21 -31.77
C GLU A 1331 -56.98 9.20 -31.48
N ASN A 1332 -57.23 10.14 -30.56
CA ASN A 1332 -56.26 11.17 -30.23
C ASN A 1332 -55.07 10.56 -29.50
N ASP A 1333 -53.98 11.31 -29.39
CA ASP A 1333 -52.77 10.87 -28.72
C ASP A 1333 -52.47 11.77 -27.53
N GLY A 1334 -51.45 11.39 -26.78
CA GLY A 1334 -51.08 12.12 -25.58
C GLY A 1334 -51.42 11.37 -24.31
N PHE A 1335 -51.92 12.08 -23.31
CA PHE A 1335 -52.37 11.47 -22.06
C PHE A 1335 -53.84 11.75 -21.88
N THR A 1336 -54.66 10.73 -22.10
CA THR A 1336 -56.12 10.86 -22.03
C THR A 1336 -56.68 9.99 -20.91
N LEU A 1337 -57.81 10.44 -20.37
CA LEU A 1337 -58.46 9.77 -19.25
C LEU A 1337 -59.96 9.69 -19.50
N ILE A 1338 -60.58 8.63 -19.00
CA ILE A 1338 -62.02 8.43 -19.10
C ILE A 1338 -62.60 8.36 -17.70
N GLN A 1339 -63.58 9.21 -17.41
CA GLN A 1339 -64.23 9.26 -16.11
C GLN A 1339 -65.52 8.44 -16.15
N GLY A 1340 -65.87 7.84 -15.02
CA GLY A 1340 -67.07 7.04 -14.93
C GLY A 1340 -67.13 6.21 -13.66
N PRO A 1341 -68.32 5.84 -13.23
CA PRO A 1341 -68.46 5.04 -12.01
C PRO A 1341 -67.83 3.67 -12.19
N PRO A 1342 -67.37 3.04 -11.10
CA PRO A 1342 -66.75 1.72 -11.22
C PRO A 1342 -67.71 0.66 -11.73
N GLY A 1343 -69.01 0.91 -11.62
CA GLY A 1343 -70.01 -0.05 -12.06
C GLY A 1343 -70.33 0.08 -13.53
N THR A 1344 -69.62 0.95 -14.22
CA THR A 1344 -69.80 1.12 -15.66
C THR A 1344 -68.97 0.10 -16.42
N GLY A 1345 -68.56 -0.96 -15.75
CA GLY A 1345 -67.71 -1.97 -16.35
C GLY A 1345 -66.28 -1.55 -16.55
N LYS A 1346 -65.70 -0.79 -15.62
CA LYS A 1346 -64.37 -0.21 -15.83
C LYS A 1346 -63.33 -1.30 -16.09
N THR A 1347 -63.43 -2.44 -15.41
CA THR A 1347 -62.54 -3.55 -15.70
C THR A 1347 -62.88 -4.21 -17.03
N LYS A 1348 -64.16 -4.45 -17.28
CA LYS A 1348 -64.59 -4.97 -18.58
C LYS A 1348 -64.26 -3.97 -19.69
N THR A 1349 -64.47 -2.68 -19.43
CA THR A 1349 -64.09 -1.67 -20.41
C THR A 1349 -62.58 -1.62 -20.61
N ILE A 1350 -61.80 -1.94 -19.57
CA ILE A 1350 -60.35 -1.98 -19.72
C ILE A 1350 -59.93 -3.16 -20.59
N VAL A 1351 -60.59 -4.31 -20.41
CA VAL A 1351 -60.34 -5.45 -21.29
C VAL A 1351 -60.74 -5.12 -22.71
N ALA A 1352 -61.89 -4.47 -22.89
CA ALA A 1352 -62.32 -4.06 -24.22
C ALA A 1352 -61.37 -3.03 -24.83
N MET A 1353 -60.79 -2.17 -23.99
CA MET A 1353 -59.77 -1.22 -24.44
C MET A 1353 -58.47 -1.90 -24.86
N VAL A 1354 -58.06 -2.95 -24.15
CA VAL A 1354 -56.93 -3.75 -24.61
C VAL A 1354 -57.24 -4.38 -25.95
N GLY A 1355 -58.45 -4.93 -26.10
CA GLY A 1355 -58.86 -5.49 -27.38
C GLY A 1355 -58.87 -4.45 -28.50
N CYS A 1356 -59.34 -3.24 -28.19
CA CYS A 1356 -59.39 -2.18 -29.20
C CYS A 1356 -58.01 -1.68 -29.54
N LEU A 1357 -57.11 -1.62 -28.56
CA LEU A 1357 -55.72 -1.26 -28.83
C LEU A 1357 -55.07 -2.31 -29.73
N LEU A 1358 -55.35 -3.59 -29.47
CA LEU A 1358 -54.90 -4.64 -30.38
C LEU A 1358 -55.47 -4.45 -31.77
N THR A 1359 -56.77 -4.13 -31.87
CA THR A 1359 -57.38 -3.85 -33.16
C THR A 1359 -56.69 -2.67 -33.85
N GLY A 1360 -56.14 -1.75 -33.05
CA GLY A 1360 -55.41 -0.63 -33.62
C GLY A 1360 -53.94 -0.90 -33.82
N VAL A 1361 -53.38 -1.84 -33.06
CA VAL A 1361 -51.96 -2.18 -33.13
C VAL A 1361 -51.73 -3.53 -33.82
N LEU A 1362 -52.28 -4.60 -33.25
CA LEU A 1362 -52.10 -5.93 -33.80
C LEU A 1362 -53.15 -6.24 -34.86
N LYS A 1388 -43.48 -2.18 -27.01
CA LYS A 1388 -43.97 -3.01 -25.93
C LYS A 1388 -45.08 -2.31 -25.16
N LEU A 1389 -46.30 -2.83 -25.27
CA LEU A 1389 -47.44 -2.28 -24.58
C LEU A 1389 -47.26 -2.37 -23.07
N LEU A 1390 -47.17 -1.22 -22.42
CA LEU A 1390 -46.89 -1.13 -20.99
C LEU A 1390 -48.20 -0.86 -20.25
N VAL A 1391 -48.60 -1.80 -19.39
CA VAL A 1391 -49.79 -1.69 -18.57
C VAL A 1391 -49.33 -1.32 -17.17
N CYS A 1392 -49.34 -0.03 -16.86
CA CYS A 1392 -49.01 0.48 -15.55
C CYS A 1392 -50.25 0.46 -14.67
N ALA A 1393 -50.10 -0.08 -13.46
CA ALA A 1393 -51.21 -0.18 -12.52
C ALA A 1393 -50.75 0.33 -11.16
N PRO A 1394 -51.69 0.83 -10.34
CA PRO A 1394 -51.30 1.32 -9.01
C PRO A 1394 -51.30 0.24 -7.94
N SER A 1395 -51.91 -0.93 -8.19
CA SER A 1395 -52.01 -1.99 -7.22
C SER A 1395 -51.60 -3.32 -7.87
N ASN A 1396 -50.94 -4.17 -7.09
CA ASN A 1396 -50.50 -5.46 -7.61
C ASN A 1396 -51.67 -6.41 -7.85
N ALA A 1397 -52.68 -6.39 -6.96
CA ALA A 1397 -53.84 -7.24 -7.16
C ALA A 1397 -54.62 -6.84 -8.41
N ALA A 1398 -54.78 -5.53 -8.62
CA ALA A 1398 -55.40 -5.06 -9.85
C ALA A 1398 -54.55 -5.43 -11.07
N VAL A 1399 -53.22 -5.43 -10.90
CA VAL A 1399 -52.33 -5.86 -11.97
C VAL A 1399 -52.59 -7.32 -12.30
N ASP A 1400 -52.75 -8.17 -11.28
CA ASP A 1400 -53.04 -9.58 -11.52
C ASP A 1400 -54.40 -9.76 -12.19
N GLU A 1401 -55.40 -9.00 -11.76
CA GLU A 1401 -56.70 -9.07 -12.40
C GLU A 1401 -56.62 -8.67 -13.87
N LEU A 1402 -55.90 -7.59 -14.17
CA LEU A 1402 -55.74 -7.15 -15.54
C LEU A 1402 -54.98 -8.19 -16.36
N VAL A 1403 -53.97 -8.81 -15.75
CA VAL A 1403 -53.23 -9.87 -16.42
C VAL A 1403 -54.16 -11.02 -16.77
N LEU A 1404 -54.99 -11.45 -15.83
CA LEU A 1404 -55.97 -12.48 -16.13
C LEU A 1404 -56.87 -12.06 -17.29
N ARG A 1405 -57.48 -10.88 -17.19
CA ARG A 1405 -58.43 -10.44 -18.20
C ARG A 1405 -57.79 -10.28 -19.57
N LEU A 1406 -56.51 -9.96 -19.64
CA LEU A 1406 -55.88 -9.65 -20.92
C LEU A 1406 -55.12 -10.85 -21.50
N LYS A 1407 -54.17 -11.40 -20.74
CA LYS A 1407 -53.46 -12.60 -21.18
C LYS A 1407 -54.38 -13.80 -21.28
N ALA A 1408 -55.23 -14.03 -20.27
CA ALA A 1408 -56.09 -15.21 -20.30
C ALA A 1408 -57.09 -15.15 -21.45
N GLY A 1409 -57.69 -13.99 -21.70
CA GLY A 1409 -58.56 -13.83 -22.85
C GLY A 1409 -57.88 -13.02 -23.94
N VAL A 1410 -57.43 -13.72 -24.98
CA VAL A 1410 -56.71 -13.08 -26.08
C VAL A 1410 -57.52 -13.27 -27.35
N LYS A 1411 -57.88 -12.15 -27.99
CA LYS A 1411 -58.62 -12.18 -29.25
C LYS A 1411 -58.26 -10.94 -30.06
N THR A 1412 -57.32 -11.09 -30.99
CA THR A 1412 -56.91 -10.01 -31.86
C THR A 1412 -57.94 -9.84 -32.98
N MET A 1413 -57.62 -9.02 -33.97
CA MET A 1413 -58.54 -8.84 -35.10
C MET A 1413 -58.36 -9.98 -36.10
N ASN A 1414 -58.36 -11.22 -35.60
CA ASN A 1414 -58.29 -12.40 -36.45
C ASN A 1414 -59.22 -13.52 -36.03
N GLY A 1415 -59.83 -13.46 -34.84
CA GLY A 1415 -60.71 -14.49 -34.36
C GLY A 1415 -60.03 -15.61 -33.59
N THR A 1416 -58.71 -15.60 -33.49
CA THR A 1416 -57.97 -16.62 -32.78
C THR A 1416 -57.40 -16.09 -31.48
N PHE A 1417 -56.70 -16.95 -30.75
CA PHE A 1417 -56.08 -16.59 -29.48
C PHE A 1417 -54.67 -16.03 -29.75
N HIS A 1418 -54.63 -15.05 -30.64
CA HIS A 1418 -53.37 -14.36 -30.93
C HIS A 1418 -53.09 -13.32 -29.85
N LYS A 1419 -51.92 -13.43 -29.24
CA LYS A 1419 -51.57 -12.55 -28.13
C LYS A 1419 -50.12 -12.10 -28.27
N ILE A 1420 -49.85 -10.90 -27.75
CA ILE A 1420 -48.51 -10.38 -27.63
C ILE A 1420 -47.88 -11.04 -26.41
N GLU A 1421 -46.60 -11.40 -26.52
CA GLU A 1421 -45.91 -12.04 -25.40
C GLU A 1421 -46.11 -11.23 -24.13
N VAL A 1422 -46.80 -11.81 -23.16
CA VAL A 1422 -47.23 -11.10 -21.97
C VAL A 1422 -46.29 -11.41 -20.82
N LEU A 1423 -45.73 -10.37 -20.23
CA LEU A 1423 -44.84 -10.50 -19.08
C LEU A 1423 -45.35 -9.65 -17.92
N ARG A 1424 -45.55 -10.28 -16.78
CA ARG A 1424 -46.03 -9.61 -15.57
C ARG A 1424 -44.81 -9.25 -14.72
N LEU A 1425 -44.28 -8.05 -14.93
CA LEU A 1425 -43.12 -7.58 -14.16
C LEU A 1425 -43.59 -7.01 -12.83
N GLY A 1426 -44.35 -7.84 -12.12
CA GLY A 1426 -44.91 -7.44 -10.84
C GLY A 1426 -44.64 -8.48 -9.79
N ARG A 1427 -44.87 -8.08 -8.53
CA ARG A 1427 -44.68 -8.99 -7.41
C ARG A 1427 -45.52 -10.24 -7.58
N SER A 1428 -44.88 -11.41 -7.44
CA SER A 1428 -45.57 -12.69 -7.52
C SER A 1428 -45.61 -13.40 -6.17
N ASP A 1429 -44.77 -13.00 -5.22
CA ASP A 1429 -44.83 -13.59 -3.88
C ASP A 1429 -46.18 -13.34 -3.24
N VAL A 1430 -46.61 -12.08 -3.20
CA VAL A 1430 -47.98 -11.77 -2.80
C VAL A 1430 -48.83 -11.74 -4.05
N ILE A 1431 -49.18 -12.94 -4.54
CA ILE A 1431 -49.99 -13.07 -5.75
C ILE A 1431 -50.42 -14.53 -5.84
N ASN A 1432 -51.49 -14.77 -6.59
CA ASN A 1432 -51.83 -16.15 -6.94
C ASN A 1432 -50.75 -16.72 -7.85
N ALA A 1433 -50.62 -18.04 -7.82
CA ALA A 1433 -49.57 -18.68 -8.62
C ALA A 1433 -49.98 -18.84 -10.07
N ALA A 1434 -51.23 -18.51 -10.41
CA ALA A 1434 -51.73 -18.67 -11.77
C ALA A 1434 -50.91 -17.88 -12.79
N VAL A 1435 -50.50 -16.66 -12.44
CA VAL A 1435 -49.65 -15.86 -13.32
C VAL A 1435 -48.18 -16.02 -13.00
N LYS A 1436 -47.83 -16.88 -12.03
CA LYS A 1436 -46.45 -17.08 -11.65
C LYS A 1436 -45.59 -17.62 -12.78
N ASP A 1437 -46.20 -18.21 -13.81
CA ASP A 1437 -45.44 -18.68 -14.97
C ASP A 1437 -44.94 -17.54 -15.84
N VAL A 1438 -45.37 -16.31 -15.58
CA VAL A 1438 -45.00 -15.18 -16.42
C VAL A 1438 -44.27 -14.13 -15.60
N THR A 1439 -43.60 -14.57 -14.54
CA THR A 1439 -42.83 -13.66 -13.70
C THR A 1439 -41.52 -13.21 -14.34
N LEU A 1440 -40.99 -14.01 -15.28
CA LEU A 1440 -39.75 -13.73 -16.01
C LEU A 1440 -38.53 -13.85 -15.12
N ASP A 1441 -38.75 -13.97 -13.81
CA ASP A 1441 -37.68 -14.24 -12.85
C ASP A 1441 -37.57 -15.74 -12.56
N GLU A 1442 -38.71 -16.41 -12.33
CA GLU A 1442 -38.72 -17.86 -12.32
C GLU A 1442 -38.26 -18.41 -13.66
N LEU A 1443 -38.60 -17.74 -14.76
CA LEU A 1443 -38.08 -18.15 -16.07
C LEU A 1443 -36.57 -18.03 -16.11
N VAL A 1444 -36.03 -16.94 -15.59
CA VAL A 1444 -34.58 -16.74 -15.57
C VAL A 1444 -33.90 -17.82 -14.75
N LYS A 1445 -34.43 -18.08 -13.55
CA LYS A 1445 -33.87 -19.11 -12.69
C LYS A 1445 -33.95 -20.49 -13.33
N ALA A 1446 -35.07 -20.80 -13.98
CA ALA A 1446 -35.22 -22.10 -14.63
C ALA A 1446 -34.24 -22.26 -15.78
N ARG A 1447 -34.09 -21.21 -16.60
CA ARG A 1447 -33.13 -21.27 -17.70
C ARG A 1447 -31.71 -21.43 -17.18
N MET A 1448 -31.35 -20.70 -16.12
CA MET A 1448 -30.00 -20.82 -15.56
C MET A 1448 -29.77 -22.21 -14.99
N ASP A 1449 -30.77 -22.77 -14.29
CA ASP A 1449 -30.63 -24.12 -13.77
C ASP A 1449 -30.49 -25.14 -14.88
N ALA A 1450 -31.26 -24.97 -15.96
CA ALA A 1450 -31.11 -25.85 -17.12
C ALA A 1450 -29.70 -25.75 -17.69
N GLU A 1451 -29.17 -24.53 -17.79
CA GLU A 1451 -27.77 -24.35 -18.17
C GLU A 1451 -26.84 -24.98 -17.13
N LEU A 1452 -27.18 -24.80 -15.85
CA LEU A 1452 -26.38 -25.38 -14.76
C LEU A 1452 -26.71 -26.85 -14.56
N ARG A 1461 -12.25 -27.60 -4.69
CA ARG A 1461 -13.09 -28.75 -4.97
C ARG A 1461 -13.11 -29.70 -3.78
N ASP A 1462 -14.12 -30.58 -3.75
CA ASP A 1462 -14.18 -31.59 -2.71
C ASP A 1462 -12.97 -32.51 -2.76
N GLN A 1463 -12.61 -32.96 -3.97
CA GLN A 1463 -11.39 -33.73 -4.12
C GLN A 1463 -10.17 -32.90 -3.75
N LEU A 1464 -10.16 -31.61 -4.11
CA LEU A 1464 -9.08 -30.74 -3.71
C LEU A 1464 -8.98 -30.62 -2.20
N HIS A 1465 -10.12 -30.46 -1.52
CA HIS A 1465 -10.10 -30.37 -0.06
C HIS A 1465 -9.61 -31.66 0.58
N LYS A 1466 -10.05 -32.80 0.05
CA LYS A 1466 -9.60 -34.08 0.58
C LYS A 1466 -8.11 -34.27 0.37
N GLU A 1467 -7.60 -33.90 -0.82
CA GLU A 1467 -6.17 -33.98 -1.07
C GLU A 1467 -5.39 -33.05 -0.16
N ALA A 1468 -5.92 -31.85 0.10
CA ALA A 1468 -5.26 -30.93 1.00
C ALA A 1468 -5.20 -31.48 2.42
N GLY A 1469 -6.30 -32.08 2.89
CA GLY A 1469 -6.28 -32.71 4.19
C GLY A 1469 -5.29 -33.86 4.27
N GLU A 1470 -5.25 -34.70 3.23
CA GLU A 1470 -4.30 -35.81 3.20
C GLU A 1470 -2.86 -35.32 3.17
N ILE A 1471 -2.59 -34.26 2.41
CA ILE A 1471 -1.24 -33.69 2.35
C ILE A 1471 -0.86 -33.07 3.68
N LYS A 1472 -1.80 -32.39 4.34
CA LYS A 1472 -1.52 -31.81 5.65
C LYS A 1472 -1.23 -32.91 6.67
N ALA A 1473 -2.00 -34.00 6.62
CA ALA A 1473 -1.74 -35.12 7.51
C ALA A 1473 -0.40 -35.78 7.24
N LYS A 1474 -0.04 -35.95 5.96
CA LYS A 1474 1.26 -36.52 5.61
C LYS A 1474 2.39 -35.61 6.08
N LEU A 1475 2.21 -34.29 5.93
CA LEU A 1475 3.20 -33.35 6.39
C LEU A 1475 3.35 -33.39 7.91
N ALA A 1476 2.23 -33.51 8.62
CA ALA A 1476 2.29 -33.64 10.07
C ALA A 1476 3.01 -34.91 10.48
N GLU A 1477 2.73 -36.02 9.79
CA GLU A 1477 3.42 -37.28 10.05
C GLU A 1477 4.91 -37.20 9.76
N ILE A 1478 5.29 -36.53 8.68
CA ILE A 1478 6.71 -36.30 8.40
C ILE A 1478 7.34 -35.40 9.44
N ARG A 1479 6.59 -34.44 9.97
CA ARG A 1479 7.09 -33.63 11.07
C ARG A 1479 7.50 -34.45 12.27
N PRO A 1480 6.77 -35.50 12.67
CA PRO A 1480 7.35 -36.44 13.65
C PRO A 1480 8.61 -37.10 13.14
N GLN A 1481 8.62 -37.54 11.88
CA GLN A 1481 9.83 -38.08 11.29
C GLN A 1481 10.91 -37.00 11.17
N LEU A 1482 10.48 -35.74 10.95
CA LEU A 1482 11.43 -34.64 10.89
C LEU A 1482 12.11 -34.45 12.25
N ASP A 1483 11.33 -34.49 13.32
CA ASP A 1483 11.91 -34.41 14.67
C ASP A 1483 12.80 -35.61 14.95
N ALA A 1484 12.43 -36.79 14.47
CA ALA A 1484 13.24 -37.97 14.69
C ALA A 1484 14.59 -37.85 14.00
N ALA A 1485 14.58 -37.60 12.69
CA ALA A 1485 15.81 -37.52 11.90
C ALA A 1485 16.58 -36.22 12.09
N ARG A 1486 15.98 -35.23 12.76
CA ARG A 1486 16.69 -33.97 13.01
C ARG A 1486 17.88 -34.20 13.93
N LEU A 1487 17.71 -35.01 14.97
CA LEU A 1487 18.78 -35.36 15.89
C LEU A 1487 19.59 -36.56 15.44
N SER A 1488 19.30 -37.12 14.27
CA SER A 1488 20.05 -38.28 13.78
C SER A 1488 21.52 -37.94 13.58
N ASP A 1489 21.81 -36.78 13.01
CA ASP A 1489 23.17 -36.30 12.78
C ASP A 1489 23.98 -37.26 11.92
N ASP A 1490 23.32 -37.96 11.01
CA ASP A 1490 23.97 -38.85 10.05
C ASP A 1490 23.87 -38.22 8.66
N ARG A 1491 25.01 -38.14 7.96
CA ARG A 1491 25.06 -37.39 6.72
C ARG A 1491 24.05 -37.89 5.70
N ALA A 1492 24.03 -39.20 5.44
CA ALA A 1492 23.04 -39.75 4.52
C ALA A 1492 21.62 -39.56 5.06
N SER A 1493 21.43 -39.84 6.34
CA SER A 1493 20.11 -39.66 6.94
C SER A 1493 19.69 -38.20 6.95
N ALA A 1494 20.61 -37.30 7.27
CA ALA A 1494 20.29 -35.88 7.27
C ALA A 1494 19.91 -35.40 5.87
N MET A 1495 20.67 -35.83 4.86
CA MET A 1495 20.37 -35.44 3.49
C MET A 1495 19.02 -35.97 3.05
N LYS A 1496 18.74 -37.25 3.31
CA LYS A 1496 17.47 -37.83 2.90
C LYS A 1496 16.29 -37.16 3.62
N LEU A 1497 16.45 -36.90 4.91
CA LEU A 1497 15.39 -36.24 5.67
C LEU A 1497 15.16 -34.81 5.19
N GLN A 1498 16.25 -34.07 4.93
CA GLN A 1498 16.10 -32.71 4.42
C GLN A 1498 15.42 -32.70 3.06
N ARG A 1499 15.80 -33.65 2.18
CA ARG A 1499 15.16 -33.74 0.88
C ARG A 1499 13.67 -34.08 1.01
N GLU A 1500 13.32 -35.01 1.91
CA GLU A 1500 11.93 -35.36 2.11
C GLU A 1500 11.14 -34.17 2.65
N PHE A 1501 11.71 -33.45 3.61
CA PHE A 1501 11.04 -32.29 4.19
C PHE A 1501 10.85 -31.20 3.15
N ASP A 1502 11.86 -30.97 2.30
CA ASP A 1502 11.75 -29.95 1.26
C ASP A 1502 10.70 -30.35 0.22
N GLU A 1503 10.69 -31.63 -0.16
CA GLU A 1503 9.67 -32.09 -1.11
C GLU A 1503 8.27 -31.96 -0.52
N LEU A 1504 8.12 -32.28 0.77
CA LEU A 1504 6.83 -32.11 1.43
C LEU A 1504 6.43 -30.65 1.48
N LYS A 1505 7.38 -29.76 1.77
CA LYS A 1505 7.09 -28.33 1.79
C LYS A 1505 6.66 -27.84 0.42
N ARG A 1506 7.36 -28.27 -0.63
CA ARG A 1506 6.99 -27.87 -1.99
C ARG A 1506 5.61 -28.38 -2.38
N ARG A 1507 5.33 -29.65 -2.08
CA ARG A 1507 4.01 -30.21 -2.39
C ARG A 1507 2.91 -29.50 -1.61
N GLN A 1508 3.16 -29.20 -0.33
CA GLN A 1508 2.19 -28.48 0.47
C GLN A 1508 1.97 -27.07 -0.06
N ALA A 1509 3.04 -26.40 -0.49
CA ALA A 1509 2.89 -25.08 -1.07
C ALA A 1509 2.05 -25.13 -2.35
N HIS A 1510 2.32 -26.11 -3.22
CA HIS A 1510 1.53 -26.23 -4.43
C HIS A 1510 0.06 -26.52 -4.12
N ILE A 1511 -0.18 -27.41 -3.15
CA ILE A 1511 -1.56 -27.77 -2.81
C ILE A 1511 -2.29 -26.57 -2.20
N GLY A 1512 -1.63 -25.84 -1.30
CA GLY A 1512 -2.26 -24.67 -0.71
C GLY A 1512 -2.50 -23.58 -1.73
N ALA A 1513 -1.58 -23.41 -2.68
CA ALA A 1513 -1.81 -22.46 -3.76
C ALA A 1513 -3.01 -22.86 -4.61
N LYS A 1514 -3.13 -24.16 -4.90
CA LYS A 1514 -4.27 -24.64 -5.66
C LYS A 1514 -5.57 -24.42 -4.90
N ILE A 1515 -5.55 -24.65 -3.58
CA ILE A 1515 -6.75 -24.45 -2.77
C ILE A 1515 -7.13 -22.97 -2.72
N ASP A 1516 -6.15 -22.09 -2.54
CA ASP A 1516 -6.43 -20.66 -2.53
C ASP A 1516 -6.95 -20.20 -3.89
N ALA A 1517 -6.41 -20.75 -4.98
CA ALA A 1517 -6.89 -20.41 -6.31
C ALA A 1517 -8.32 -20.87 -6.51
N ASP A 1518 -8.64 -22.08 -6.03
CA ASP A 1518 -10.03 -22.55 -6.10
C ASP A 1518 -10.96 -21.64 -5.30
N LYS A 1519 -10.52 -21.20 -4.13
CA LYS A 1519 -11.32 -20.26 -3.35
C LYS A 1519 -11.52 -18.95 -4.09
N ALA A 1520 -10.46 -18.44 -4.72
CA ALA A 1520 -10.55 -17.19 -5.47
C ALA A 1520 -11.41 -17.33 -6.72
N SER A 1521 -11.49 -18.54 -7.27
CA SER A 1521 -12.29 -18.79 -8.47
C SER A 1521 -13.77 -18.52 -8.27
N GLY A 1522 -14.21 -18.36 -7.02
CA GLY A 1522 -15.60 -18.01 -6.78
C GLY A 1522 -15.98 -16.69 -7.41
N ASN A 1523 -15.08 -15.71 -7.37
CA ASN A 1523 -15.36 -14.42 -7.98
C ASN A 1523 -15.53 -14.56 -9.49
N THR A 1524 -14.66 -15.33 -10.14
CA THR A 1524 -14.77 -15.53 -11.58
C THR A 1524 -16.05 -16.27 -11.93
N TYR A 1525 -16.39 -17.31 -11.16
CA TYR A 1525 -17.61 -18.04 -11.41
C TYR A 1525 -18.84 -17.14 -11.23
N ALA A 1526 -18.83 -16.31 -10.19
CA ALA A 1526 -19.94 -15.39 -9.97
C ALA A 1526 -20.07 -14.37 -11.08
N ARG A 1527 -18.94 -13.84 -11.56
CA ARG A 1527 -18.98 -12.88 -12.66
C ARG A 1527 -19.53 -13.53 -13.93
N GLU A 1528 -19.06 -14.74 -14.25
CA GLU A 1528 -19.57 -15.43 -15.43
C GLU A 1528 -21.05 -15.73 -15.29
N THR A 1529 -21.49 -16.15 -14.11
CA THR A 1529 -22.90 -16.44 -13.88
C THR A 1529 -23.75 -15.18 -14.02
N GLU A 1530 -23.26 -14.06 -13.48
CA GLU A 1530 -24.01 -12.81 -13.60
C GLU A 1530 -24.10 -12.36 -15.05
N ILE A 1531 -23.01 -12.49 -15.80
CA ILE A 1531 -23.04 -12.14 -17.22
C ILE A 1531 -24.04 -13.02 -17.96
N LYS A 1532 -24.02 -14.32 -17.70
CA LYS A 1532 -24.95 -15.24 -18.36
C LYS A 1532 -26.39 -14.91 -17.97
N ARG A 1533 -26.63 -14.58 -16.71
CA ARG A 1533 -27.98 -14.21 -16.28
C ARG A 1533 -28.47 -12.95 -16.96
N ARG A 1534 -27.59 -11.93 -17.06
CA ARG A 1534 -27.97 -10.71 -17.77
C ARG A 1534 -28.26 -10.98 -19.24
N GLN A 1535 -27.42 -11.81 -19.88
CA GLN A 1535 -27.65 -12.16 -21.28
C GLN A 1535 -28.98 -12.89 -21.44
N ILE A 1536 -29.27 -13.84 -20.55
CA ILE A 1536 -30.52 -14.57 -20.62
C ILE A 1536 -31.72 -13.64 -20.43
N GLN A 1537 -31.63 -12.73 -19.47
CA GLN A 1537 -32.72 -11.78 -19.24
C GLN A 1537 -32.95 -10.90 -20.46
N GLN A 1538 -31.86 -10.40 -21.06
CA GLN A 1538 -31.99 -9.56 -22.25
C GLN A 1538 -32.60 -10.34 -23.42
N GLU A 1539 -32.13 -11.58 -23.62
CA GLU A 1539 -32.64 -12.40 -24.71
C GLU A 1539 -34.11 -12.75 -24.52
N ILE A 1540 -34.54 -13.01 -23.28
CA ILE A 1540 -35.95 -13.27 -23.01
C ILE A 1540 -36.80 -12.01 -23.17
N LEU A 1541 -36.30 -10.85 -22.73
CA LEU A 1541 -37.03 -9.61 -22.94
C LEU A 1541 -37.14 -9.27 -24.41
N ASP A 1542 -36.17 -9.70 -25.22
CA ASP A 1542 -36.24 -9.50 -26.66
C ASP A 1542 -37.44 -10.19 -27.28
N LYS A 1543 -37.89 -11.32 -26.72
CA LYS A 1543 -39.06 -12.04 -27.21
C LYS A 1543 -40.36 -11.48 -26.66
N ALA A 1544 -40.29 -10.60 -25.66
CA ALA A 1544 -41.47 -10.01 -25.06
C ALA A 1544 -42.10 -8.98 -26.00
N GLN A 1545 -43.41 -8.80 -25.86
CA GLN A 1545 -44.15 -7.90 -26.73
C GLN A 1545 -45.07 -6.98 -25.92
N VAL A 1546 -45.46 -7.40 -24.73
CA VAL A 1546 -46.33 -6.62 -23.86
C VAL A 1546 -46.03 -6.97 -22.42
N LEU A 1547 -46.07 -5.96 -21.54
CA LEU A 1547 -45.73 -6.14 -20.14
C LEU A 1547 -46.70 -5.37 -19.27
N CYS A 1548 -46.95 -5.89 -18.07
CA CYS A 1548 -47.78 -5.23 -17.07
C CYS A 1548 -47.04 -5.16 -15.75
N ALA A 1549 -47.08 -4.00 -15.11
CA ALA A 1549 -46.33 -3.77 -13.88
C ALA A 1549 -46.83 -2.49 -13.22
N THR A 1550 -46.05 -2.02 -12.25
CA THR A 1550 -46.34 -0.78 -11.53
C THR A 1550 -45.19 0.21 -11.69
N LEU A 1551 -45.32 1.34 -10.98
CA LEU A 1551 -44.26 2.35 -11.02
C LEU A 1551 -42.95 1.81 -10.46
N SER A 1552 -42.99 1.19 -9.28
CA SER A 1552 -41.77 0.63 -8.69
C SER A 1552 -41.25 -0.53 -9.52
N GLY A 1553 -42.11 -1.12 -10.36
CA GLY A 1553 -41.69 -2.16 -11.28
C GLY A 1553 -40.58 -1.67 -12.19
N SER A 1554 -40.74 -0.44 -12.68
CA SER A 1554 -39.68 0.23 -13.42
C SER A 1554 -38.58 0.76 -12.50
N GLY A 1555 -38.76 0.69 -11.19
CA GLY A 1555 -37.77 1.20 -10.26
C GLY A 1555 -36.58 0.29 -10.11
N HIS A 1556 -36.63 -0.88 -10.75
CA HIS A 1556 -35.48 -1.76 -10.80
C HIS A 1556 -34.46 -1.24 -11.80
N GLU A 1557 -33.21 -1.10 -11.35
CA GLU A 1557 -32.16 -0.50 -12.17
C GLU A 1557 -31.84 -1.33 -13.41
N MET A 1558 -32.25 -2.59 -13.46
CA MET A 1558 -31.98 -3.46 -14.60
C MET A 1558 -32.60 -2.94 -15.90
N PHE A 1559 -33.70 -2.19 -15.81
CA PHE A 1559 -34.31 -1.60 -17.00
C PHE A 1559 -33.35 -0.69 -17.74
N LYS A 1560 -32.45 -0.01 -17.02
CA LYS A 1560 -31.48 0.86 -17.67
C LYS A 1560 -30.57 0.07 -18.61
N ASN A 1561 -30.14 -1.12 -18.19
CA ASN A 1561 -29.33 -1.99 -19.03
C ASN A 1561 -30.16 -2.70 -20.11
N LEU A 1562 -31.48 -2.62 -20.04
CA LEU A 1562 -32.35 -3.26 -21.01
C LEU A 1562 -32.75 -2.28 -22.09
N ASN A 1563 -32.88 -2.79 -23.31
CA ASN A 1563 -33.31 -2.01 -24.46
C ASN A 1563 -34.72 -2.44 -24.85
N VAL A 1564 -35.68 -1.52 -24.71
CA VAL A 1564 -37.07 -1.80 -25.01
C VAL A 1564 -37.66 -0.65 -25.80
N GLU A 1565 -38.75 -0.92 -26.51
CA GLU A 1565 -39.45 0.08 -27.29
C GLU A 1565 -40.88 0.17 -26.81
N PHE A 1566 -41.35 1.40 -26.61
CA PHE A 1566 -42.71 1.62 -26.16
C PHE A 1566 -43.19 2.99 -26.63
N GLU A 1567 -44.30 2.98 -27.37
CA GLU A 1567 -44.96 4.21 -27.79
C GLU A 1567 -46.38 4.34 -27.29
N THR A 1568 -46.95 3.30 -26.69
CA THR A 1568 -48.30 3.33 -26.17
C THR A 1568 -48.31 2.80 -24.74
N VAL A 1569 -49.06 3.46 -23.86
CA VAL A 1569 -49.11 3.10 -22.45
C VAL A 1569 -50.57 3.09 -21.99
N ILE A 1570 -50.87 2.18 -21.07
CA ILE A 1570 -52.21 2.05 -20.50
C ILE A 1570 -52.06 2.16 -18.99
N ILE A 1571 -52.65 3.20 -18.40
CA ILE A 1571 -52.57 3.46 -16.97
C ILE A 1571 -53.91 3.12 -16.33
N ASP A 1572 -53.88 2.31 -15.28
CA ASP A 1572 -55.08 1.86 -14.60
C ASP A 1572 -55.23 2.58 -13.26
N GLU A 1573 -56.46 3.02 -12.98
CA GLU A 1573 -56.80 3.69 -11.72
C GLU A 1573 -55.91 4.91 -11.47
N ALA A 1574 -56.00 5.89 -12.36
CA ALA A 1574 -55.21 7.11 -12.20
C ALA A 1574 -55.54 7.85 -10.92
N ALA A 1575 -56.76 7.69 -10.40
CA ALA A 1575 -57.18 8.33 -9.16
C ALA A 1575 -56.53 7.73 -7.92
N GLN A 1576 -55.84 6.61 -8.06
CA GLN A 1576 -55.24 5.92 -6.92
C GLN A 1576 -53.71 5.92 -7.00
N CYS A 1577 -53.13 7.05 -7.41
CA CYS A 1577 -51.68 7.17 -7.54
C CYS A 1577 -51.26 8.61 -7.32
N VAL A 1578 -50.00 8.78 -6.92
CA VAL A 1578 -49.44 10.11 -6.76
C VAL A 1578 -48.91 10.62 -8.10
N GLU A 1579 -49.13 11.90 -8.37
CA GLU A 1579 -48.77 12.49 -9.65
C GLU A 1579 -47.28 12.34 -9.93
N LEU A 1580 -46.46 12.39 -8.87
CA LEU A 1580 -45.02 12.21 -9.04
C LEU A 1580 -44.67 10.86 -9.67
N SER A 1581 -45.23 9.76 -9.15
CA SER A 1581 -44.94 8.45 -9.71
C SER A 1581 -45.58 8.27 -11.09
N ALA A 1582 -46.65 9.04 -11.38
CA ALA A 1582 -47.32 8.92 -12.66
C ALA A 1582 -46.39 9.20 -13.84
N LEU A 1583 -45.45 10.12 -13.68
CA LEU A 1583 -44.48 10.44 -14.71
C LEU A 1583 -43.52 9.28 -15.01
N ILE A 1584 -43.22 8.46 -14.00
CA ILE A 1584 -42.28 7.34 -14.20
C ILE A 1584 -42.71 6.43 -15.35
N PRO A 1585 -44.00 6.13 -15.52
CA PRO A 1585 -44.44 5.23 -16.60
C PRO A 1585 -44.16 5.75 -18.00
N LEU A 1586 -43.83 7.04 -18.09
CA LEU A 1586 -43.50 7.66 -19.36
C LEU A 1586 -42.02 7.63 -19.69
N LYS A 1587 -41.19 6.98 -18.87
CA LYS A 1587 -39.75 6.93 -19.13
C LYS A 1587 -39.41 6.16 -20.39
N TYR A 1588 -40.31 5.32 -20.89
CA TYR A 1588 -40.07 4.51 -22.09
C TYR A 1588 -40.28 5.30 -23.37
N GLY A 1589 -40.42 6.61 -23.27
CA GLY A 1589 -40.63 7.43 -24.45
C GLY A 1589 -41.91 7.14 -25.19
N CYS A 1590 -43.02 6.95 -24.47
CA CYS A 1590 -44.28 6.66 -25.12
C CYS A 1590 -44.85 7.91 -25.80
N ASN A 1591 -45.66 7.68 -26.83
CA ASN A 1591 -46.31 8.77 -27.55
C ASN A 1591 -47.82 8.79 -27.36
N LYS A 1592 -48.48 7.63 -27.33
CA LYS A 1592 -49.91 7.55 -27.07
C LYS A 1592 -50.11 6.90 -25.71
N CYS A 1593 -50.95 7.51 -24.88
CA CYS A 1593 -51.22 6.97 -23.56
C CYS A 1593 -52.70 7.14 -23.24
N ILE A 1594 -53.26 6.11 -22.62
CA ILE A 1594 -54.66 6.11 -22.22
C ILE A 1594 -54.71 5.77 -20.73
N LEU A 1595 -55.39 6.61 -19.95
CA LEU A 1595 -55.51 6.42 -18.52
C LEU A 1595 -56.97 6.19 -18.15
N VAL A 1596 -57.18 5.43 -17.08
CA VAL A 1596 -58.52 5.18 -16.56
C VAL A 1596 -58.60 5.81 -15.18
N GLY A 1597 -59.39 6.88 -15.06
CA GLY A 1597 -59.56 7.55 -13.79
C GLY A 1597 -60.80 8.40 -13.79
N ASP A 1598 -61.62 8.19 -12.76
CA ASP A 1598 -62.84 8.98 -12.62
C ASP A 1598 -62.64 10.09 -11.60
N PRO A 1599 -63.17 11.30 -11.82
CA PRO A 1599 -63.11 12.32 -10.78
C PRO A 1599 -63.80 11.90 -9.49
N LYS A 1600 -64.82 11.07 -9.58
CA LYS A 1600 -65.49 10.52 -8.41
C LYS A 1600 -64.60 9.46 -7.78
N GLN A 1601 -65.16 8.76 -6.77
CA GLN A 1601 -64.45 7.70 -6.04
C GLN A 1601 -63.24 8.27 -5.29
N LEU A 1602 -63.14 9.59 -5.25
CA LEU A 1602 -62.03 10.27 -4.59
C LEU A 1602 -62.35 11.74 -4.41
N TYR A 1614 -54.50 19.45 2.36
CA TYR A 1614 -53.15 19.51 1.78
C TYR A 1614 -53.23 19.43 0.26
N GLY A 1615 -53.75 18.33 -0.27
CA GLY A 1615 -53.87 18.15 -1.70
C GLY A 1615 -52.57 18.00 -2.43
N TYR A 1616 -51.49 17.64 -1.75
CA TYR A 1616 -50.18 17.57 -2.39
C TYR A 1616 -50.08 16.49 -3.45
N ASP A 1617 -51.02 15.55 -3.49
CA ASP A 1617 -51.02 14.47 -4.46
C ASP A 1617 -52.43 14.24 -4.99
N GLN A 1618 -53.09 15.32 -5.42
CA GLN A 1618 -54.48 15.20 -5.83
C GLN A 1618 -54.66 14.28 -7.02
N SER A 1619 -54.15 14.69 -8.18
CA SER A 1619 -54.15 13.87 -9.38
C SER A 1619 -53.49 14.65 -10.52
N LEU A 1620 -53.12 13.93 -11.57
CA LEU A 1620 -52.77 14.57 -12.83
C LEU A 1620 -54.01 14.74 -13.70
N PHE A 1621 -54.89 13.74 -13.71
CA PHE A 1621 -56.15 13.86 -14.41
C PHE A 1621 -57.05 14.92 -13.78
N VAL A 1622 -56.80 15.26 -12.52
CA VAL A 1622 -57.53 16.35 -11.88
C VAL A 1622 -57.30 17.65 -12.62
N ARG A 1623 -56.05 17.93 -13.01
CA ARG A 1623 -55.78 19.12 -13.81
C ARG A 1623 -56.49 19.06 -15.15
N MET A 1624 -56.45 17.89 -15.80
CA MET A 1624 -57.12 17.73 -17.10
C MET A 1624 -58.61 18.00 -17.00
N GLN A 1625 -59.24 17.60 -15.90
CA GLN A 1625 -60.68 17.76 -15.76
C GLN A 1625 -61.03 19.17 -15.29
N LYS A 1626 -60.53 19.57 -14.12
CA LYS A 1626 -60.86 20.89 -13.59
C LYS A 1626 -60.42 22.00 -14.53
N ASN A 1627 -59.17 21.98 -14.98
CA ASN A 1627 -58.66 23.05 -15.83
C ASN A 1627 -59.27 23.04 -17.22
N HIS A 1628 -59.48 21.87 -17.81
CA HIS A 1628 -60.01 21.76 -19.17
C HIS A 1628 -61.14 20.74 -19.20
N PRO A 1629 -62.27 21.07 -18.57
CA PRO A 1629 -63.43 20.16 -18.64
C PRO A 1629 -63.89 19.86 -20.07
N LYS A 1630 -63.84 20.85 -20.96
CA LYS A 1630 -64.19 20.61 -22.36
C LYS A 1630 -63.24 19.61 -23.00
N ASP A 1631 -61.94 19.74 -22.71
CA ASP A 1631 -60.94 18.82 -23.23
C ASP A 1631 -61.03 17.43 -22.59
N VAL A 1632 -61.99 17.22 -21.69
CA VAL A 1632 -62.20 15.91 -21.10
C VAL A 1632 -63.43 15.28 -21.74
N HIS A 1633 -63.59 13.97 -21.58
CA HIS A 1633 -64.73 13.23 -22.09
C HIS A 1633 -65.33 12.40 -20.98
N LEU A 1634 -66.27 12.97 -20.25
CA LEU A 1634 -66.96 12.29 -19.16
C LEU A 1634 -68.26 11.69 -19.70
N LEU A 1635 -68.38 10.37 -19.63
CA LEU A 1635 -69.56 9.67 -20.11
C LEU A 1635 -70.73 10.00 -19.20
N ASP A 1636 -71.90 10.21 -19.80
CA ASP A 1636 -73.12 10.43 -19.03
C ASP A 1636 -73.99 9.16 -18.97
N MET A 1637 -74.32 8.61 -20.12
CA MET A 1637 -75.04 7.34 -20.16
C MET A 1637 -74.12 6.21 -19.69
N GLN A 1638 -74.72 5.24 -18.98
CA GLN A 1638 -73.97 4.12 -18.43
C GLN A 1638 -74.89 2.90 -18.42
N TYR A 1639 -74.37 1.78 -17.95
CA TYR A 1639 -75.15 0.54 -17.91
C TYR A 1639 -74.76 -0.30 -16.70
N ARG A 1640 -75.33 -1.51 -16.60
CA ARG A 1640 -75.05 -2.55 -15.62
C ARG A 1640 -75.51 -2.17 -14.22
N MET A 1641 -76.56 -1.38 -14.05
CA MET A 1641 -77.05 -1.01 -12.72
C MET A 1641 -78.57 -0.85 -12.76
N HIS A 1642 -79.18 -1.06 -11.60
CA HIS A 1642 -80.63 -0.87 -11.49
C HIS A 1642 -80.95 0.62 -11.43
N PRO A 1643 -81.94 1.08 -12.20
CA PRO A 1643 -82.31 2.50 -12.13
C PRO A 1643 -82.70 2.94 -10.73
N GLU A 1644 -83.43 2.11 -9.99
CA GLU A 1644 -83.73 2.43 -8.59
C GLU A 1644 -82.46 2.45 -7.75
N ILE A 1645 -81.58 1.48 -7.95
CA ILE A 1645 -80.33 1.43 -7.19
C ILE A 1645 -79.42 2.58 -7.56
N SER A 1646 -79.28 2.84 -8.87
CA SER A 1646 -78.36 3.85 -9.35
C SER A 1646 -78.91 5.27 -9.25
N ARG A 1647 -80.20 5.43 -8.95
CA ARG A 1647 -80.77 6.77 -8.84
C ARG A 1647 -80.13 7.56 -7.72
N PHE A 1648 -80.03 6.96 -6.53
CA PHE A 1648 -79.34 7.62 -5.43
C PHE A 1648 -77.88 7.89 -5.78
N PRO A 1649 -77.11 6.94 -6.30
CA PRO A 1649 -75.74 7.24 -6.71
C PRO A 1649 -75.66 8.33 -7.78
N SER A 1650 -76.59 8.32 -8.74
CA SER A 1650 -76.57 9.34 -9.78
C SER A 1650 -76.92 10.72 -9.22
N LYS A 1651 -77.98 10.79 -8.41
CA LYS A 1651 -78.45 12.10 -7.95
C LYS A 1651 -77.57 12.65 -6.83
N GLU A 1652 -77.45 11.92 -5.72
CA GLU A 1652 -76.73 12.43 -4.57
C GLU A 1652 -75.24 12.62 -4.86
N PHE A 1653 -74.66 11.74 -5.68
CA PHE A 1653 -73.22 11.70 -5.88
C PHE A 1653 -72.77 12.12 -7.28
N TYR A 1654 -73.31 11.49 -8.32
CA TYR A 1654 -72.88 11.72 -9.70
C TYR A 1654 -73.52 12.94 -10.36
N GLU A 1655 -74.15 13.82 -9.57
CA GLU A 1655 -74.77 15.04 -10.10
C GLU A 1655 -75.78 14.74 -11.21
N GLY A 1656 -76.39 13.56 -11.14
CA GLY A 1656 -77.36 13.14 -12.13
C GLY A 1656 -76.81 12.92 -13.53
N LEU A 1657 -75.52 13.16 -13.75
CA LEU A 1657 -74.90 12.92 -15.04
C LEU A 1657 -74.85 11.44 -15.39
N LEU A 1658 -74.53 10.58 -14.43
CA LEU A 1658 -74.36 9.14 -14.68
C LEU A 1658 -75.75 8.52 -14.86
N GLN A 1659 -76.19 8.45 -16.11
CA GLN A 1659 -77.46 7.82 -16.42
C GLN A 1659 -77.41 6.34 -16.03
N ASP A 1660 -78.46 5.88 -15.37
CA ASP A 1660 -78.49 4.54 -14.79
C ASP A 1660 -78.45 3.47 -15.89
N GLY A 1661 -78.38 2.22 -15.45
CA GLY A 1661 -78.30 1.09 -16.35
C GLY A 1661 -79.63 0.82 -17.03
N ALA A 1662 -79.58 -0.06 -18.03
CA ALA A 1662 -80.75 -0.37 -18.83
C ALA A 1662 -81.39 -1.68 -18.38
N ASP A 1663 -82.59 -1.57 -17.82
CA ASP A 1663 -83.45 -2.69 -17.48
C ASP A 1663 -82.76 -3.75 -16.62
N MET A 1664 -82.09 -3.35 -15.53
CA MET A 1664 -81.50 -4.34 -14.64
C MET A 1664 -82.54 -5.22 -13.97
N ALA A 1665 -83.81 -4.83 -14.00
CA ALA A 1665 -84.88 -5.75 -13.62
C ALA A 1665 -85.12 -6.80 -14.71
N ARG A 1666 -84.70 -6.51 -15.94
CA ARG A 1666 -84.87 -7.41 -17.07
C ARG A 1666 -83.54 -7.89 -17.65
N LEU A 1667 -82.61 -6.97 -17.91
CA LEU A 1667 -81.27 -7.38 -18.33
C LEU A 1667 -80.58 -8.20 -17.25
N ARG A 1668 -80.56 -7.67 -16.02
CA ARG A 1668 -80.09 -8.43 -14.87
C ARG A 1668 -81.25 -9.08 -14.14
N LEU A 1669 -82.04 -9.86 -14.88
CA LEU A 1669 -83.23 -10.52 -14.34
C LEU A 1669 -82.87 -11.83 -13.64
N GLN A 1670 -81.63 -11.91 -13.19
CA GLN A 1670 -81.16 -13.03 -12.38
C GLN A 1670 -81.84 -12.96 -11.01
N PRO A 1671 -81.53 -13.89 -10.10
CA PRO A 1671 -82.22 -13.89 -8.80
C PRO A 1671 -82.26 -12.52 -8.13
N TRP A 1672 -81.18 -11.74 -8.26
CA TRP A 1672 -81.14 -10.37 -7.75
C TRP A 1672 -82.44 -9.63 -8.05
N HIS A 1673 -82.82 -9.58 -9.33
CA HIS A 1673 -84.10 -9.02 -9.71
C HIS A 1673 -85.22 -10.05 -9.73
N GLN A 1674 -84.90 -11.34 -9.83
CA GLN A 1674 -85.92 -12.38 -9.91
C GLN A 1674 -86.54 -12.69 -8.55
N SER A 1675 -85.78 -12.56 -7.47
CA SER A 1675 -86.31 -12.72 -6.12
C SER A 1675 -86.88 -11.38 -5.67
N VAL A 1676 -88.22 -11.29 -5.65
CA VAL A 1676 -88.87 -10.03 -5.34
C VAL A 1676 -88.61 -9.62 -3.89
N LEU A 1677 -88.93 -10.51 -2.95
CA LEU A 1677 -88.70 -10.22 -1.54
C LEU A 1677 -87.22 -10.06 -1.21
N LEU A 1678 -86.36 -10.93 -1.75
CA LEU A 1678 -84.93 -10.74 -1.62
C LEU A 1678 -84.44 -9.82 -2.72
N GLY A 1679 -84.90 -8.56 -2.71
CA GLY A 1679 -84.62 -7.63 -3.76
C GLY A 1679 -83.17 -7.25 -3.85
N PRO A 1680 -82.65 -7.14 -5.08
CA PRO A 1680 -81.26 -6.70 -5.26
C PRO A 1680 -80.99 -5.33 -4.67
N TYR A 1681 -82.00 -4.47 -4.59
CA TYR A 1681 -81.83 -3.15 -3.99
C TYR A 1681 -82.84 -3.02 -2.85
N ARG A 1682 -82.46 -3.48 -1.67
CA ARG A 1682 -83.33 -3.37 -0.50
C ARG A 1682 -82.88 -2.16 0.30
N PHE A 1683 -83.81 -1.23 0.50
CA PHE A 1683 -83.52 0.06 1.09
C PHE A 1683 -83.92 0.07 2.56
N PHE A 1684 -82.93 0.08 3.43
CA PHE A 1684 -83.14 0.11 4.88
C PHE A 1684 -82.16 1.09 5.53
N ASP A 1685 -82.57 1.59 6.71
CA ASP A 1685 -81.76 2.52 7.47
C ASP A 1685 -82.00 2.28 8.95
N VAL A 1686 -81.02 2.65 9.77
CA VAL A 1686 -81.12 2.57 11.22
C VAL A 1686 -81.52 3.94 11.74
N LYS A 1687 -82.05 3.99 12.95
CA LYS A 1687 -82.43 5.24 13.59
C LYS A 1687 -82.56 5.07 15.11
N SER A 1698 -73.46 3.91 17.34
CA SER A 1698 -72.26 4.23 18.11
C SER A 1698 -71.08 3.35 17.68
N LEU A 1699 -71.34 2.43 16.75
CA LEU A 1699 -70.35 1.55 16.14
C LEU A 1699 -69.85 0.48 17.12
N VAL A 1700 -70.33 0.52 18.35
CA VAL A 1700 -70.33 -0.63 19.23
C VAL A 1700 -71.76 -1.11 19.47
N ASN A 1701 -72.56 -0.30 20.14
CA ASN A 1701 -73.96 -0.07 19.80
C ASN A 1701 -74.68 -1.36 19.41
N GLU A 1702 -74.91 -2.20 20.44
CA GLU A 1702 -75.62 -3.46 20.22
C GLU A 1702 -76.81 -3.30 19.29
N GLU A 1703 -77.41 -2.11 19.22
CA GLU A 1703 -78.33 -1.78 18.13
C GLU A 1703 -77.69 -2.09 16.78
N GLU A 1704 -76.57 -1.44 16.46
CA GLU A 1704 -75.98 -1.57 15.13
C GLU A 1704 -75.37 -2.96 14.90
N VAL A 1705 -74.50 -3.40 15.82
CA VAL A 1705 -73.83 -4.67 15.64
C VAL A 1705 -74.84 -5.82 15.66
N LYS A 1706 -75.78 -5.78 16.60
CA LYS A 1706 -76.83 -6.78 16.64
C LYS A 1706 -77.79 -6.67 15.47
N VAL A 1707 -77.92 -5.49 14.85
CA VAL A 1707 -78.72 -5.38 13.65
C VAL A 1707 -78.02 -6.04 12.48
N ALA A 1708 -76.70 -5.91 12.39
CA ALA A 1708 -75.95 -6.67 11.40
C ALA A 1708 -76.07 -8.17 11.65
N MET A 1709 -75.99 -8.57 12.92
CA MET A 1709 -76.15 -9.98 13.28
C MET A 1709 -77.53 -10.48 12.91
N GLN A 1710 -78.56 -9.67 13.14
CA GLN A 1710 -79.93 -10.02 12.78
C GLN A 1710 -80.16 -10.04 11.28
N LEU A 1711 -79.50 -9.15 10.54
CA LEU A 1711 -79.54 -9.22 9.08
C LEU A 1711 -78.94 -10.52 8.58
N TYR A 1712 -77.81 -10.94 9.16
CA TYR A 1712 -77.25 -12.24 8.83
C TYR A 1712 -78.17 -13.38 9.23
N MET A 1713 -78.81 -13.27 10.40
CA MET A 1713 -79.72 -14.31 10.85
C MET A 1713 -80.99 -14.36 10.02
N ARG A 1714 -81.35 -13.25 9.36
CA ARG A 1714 -82.47 -13.27 8.43
C ARG A 1714 -82.06 -13.79 7.06
N PHE A 1715 -80.84 -13.47 6.63
CA PHE A 1715 -80.32 -14.04 5.39
C PHE A 1715 -80.10 -15.54 5.50
N ARG A 1716 -79.88 -16.06 6.71
CA ARG A 1716 -79.71 -17.49 6.91
C ARG A 1716 -80.93 -18.17 7.52
N SER A 1717 -81.92 -17.42 8.00
CA SER A 1717 -83.12 -18.00 8.60
C SER A 1717 -84.39 -17.57 7.88
N ASP A 1718 -84.60 -16.26 7.67
CA ASP A 1718 -85.75 -15.82 6.89
C ASP A 1718 -85.59 -16.25 5.43
N TYR A 1719 -84.57 -15.74 4.76
CA TYR A 1719 -83.97 -16.42 3.63
C TYR A 1719 -83.04 -17.49 4.18
N ARG A 1720 -82.78 -18.52 3.39
CA ARG A 1720 -82.12 -19.70 3.94
C ARG A 1720 -80.88 -20.16 3.19
N ASP A 1721 -80.73 -19.85 1.90
CA ASP A 1721 -79.64 -20.43 1.13
C ASP A 1721 -78.79 -19.38 0.44
N ILE A 1722 -78.35 -18.37 1.19
CA ILE A 1722 -77.52 -17.29 0.65
C ILE A 1722 -76.09 -17.54 1.10
N ASP A 1723 -75.19 -17.72 0.14
CA ASP A 1723 -73.77 -17.85 0.42
C ASP A 1723 -73.06 -16.53 0.13
N LEU A 1724 -72.23 -16.08 1.08
CA LEU A 1724 -71.59 -14.77 1.00
C LEU A 1724 -70.07 -14.93 0.98
N THR A 1725 -69.59 -15.90 0.21
CA THR A 1725 -68.15 -16.09 0.04
C THR A 1725 -67.62 -14.97 -0.84
N GLY A 1726 -67.17 -13.88 -0.21
CA GLY A 1726 -66.80 -12.69 -0.95
C GLY A 1726 -67.99 -11.98 -1.56
N LYS A 1727 -69.20 -12.29 -1.09
CA LYS A 1727 -70.42 -11.67 -1.61
C LYS A 1727 -71.13 -10.83 -0.55
N ILE A 1728 -70.54 -10.69 0.64
CA ILE A 1728 -71.10 -9.86 1.70
C ILE A 1728 -70.42 -8.51 1.66
N GLY A 1729 -71.20 -7.46 1.40
CA GLY A 1729 -70.66 -6.13 1.30
C GLY A 1729 -70.55 -5.42 2.63
N ILE A 1730 -70.03 -6.12 3.65
CA ILE A 1730 -69.88 -5.55 4.98
C ILE A 1730 -68.67 -4.63 4.98
N ILE A 1731 -68.91 -3.33 4.79
CA ILE A 1731 -67.86 -2.32 4.74
C ILE A 1731 -68.13 -1.31 5.84
N THR A 1732 -67.11 -1.00 6.63
CA THR A 1732 -67.22 -0.06 7.73
C THR A 1732 -66.07 0.93 7.64
N PRO A 1733 -66.26 2.15 8.16
CA PRO A 1733 -65.19 3.16 8.06
C PRO A 1733 -64.16 3.09 9.17
N TYR A 1734 -64.28 2.15 10.10
CA TYR A 1734 -63.36 2.04 11.23
C TYR A 1734 -62.78 0.63 11.29
N LYS A 1735 -61.48 0.55 11.56
CA LYS A 1735 -60.82 -0.75 11.71
C LYS A 1735 -61.28 -1.47 12.98
N ALA A 1736 -61.49 -0.73 14.07
CA ALA A 1736 -62.01 -1.34 15.30
C ALA A 1736 -63.39 -1.93 15.05
N GLN A 1737 -64.23 -1.24 14.29
CA GLN A 1737 -65.53 -1.78 13.94
C GLN A 1737 -65.40 -3.05 13.11
N LEU A 1738 -64.46 -3.09 12.17
CA LEU A 1738 -64.26 -4.28 11.35
C LEU A 1738 -63.81 -5.46 12.21
N GLN A 1739 -62.89 -5.21 13.14
CA GLN A 1739 -62.43 -6.27 14.04
C GLN A 1739 -63.55 -6.75 14.95
N ARG A 1740 -64.35 -5.83 15.49
CA ARG A 1740 -65.48 -6.22 16.31
C ARG A 1740 -66.50 -7.01 15.51
N LEU A 1741 -66.67 -6.66 14.23
CA LEU A 1741 -67.59 -7.42 13.38
C LEU A 1741 -67.07 -8.82 13.13
N ARG A 1742 -65.76 -8.96 12.90
CA ARG A 1742 -65.18 -10.29 12.74
C ARG A 1742 -65.36 -11.12 14.00
N GLN A 1743 -65.09 -10.53 15.16
CA GLN A 1743 -65.28 -11.25 16.42
C GLN A 1743 -66.74 -11.60 16.65
N LYS A 1744 -67.66 -10.68 16.35
CA LYS A 1744 -69.08 -10.95 16.52
C LYS A 1744 -69.55 -12.06 15.61
N PHE A 1745 -69.07 -12.09 14.37
CA PHE A 1745 -69.37 -13.21 13.49
C PHE A 1745 -68.87 -14.51 14.10
N VAL A 1746 -67.59 -14.55 14.47
CA VAL A 1746 -66.98 -15.79 14.96
C VAL A 1746 -67.63 -16.25 16.25
N GLU A 1747 -68.29 -15.33 16.97
CA GLU A 1747 -68.89 -15.72 18.24
C GLU A 1747 -70.39 -15.99 18.13
N ARG A 1748 -71.18 -15.00 17.74
CA ARG A 1748 -72.62 -15.17 17.63
C ARG A 1748 -73.00 -16.06 16.45
N TYR A 1749 -72.41 -15.82 15.28
CA TYR A 1749 -72.70 -16.61 14.10
C TYR A 1749 -71.85 -17.87 14.02
N GLY A 1750 -70.87 -18.02 14.90
CA GLY A 1750 -69.98 -19.16 14.89
C GLY A 1750 -68.67 -18.88 14.17
N GLU A 1751 -67.62 -19.52 14.66
CA GLU A 1751 -66.31 -19.37 14.02
C GLU A 1751 -66.30 -19.92 12.60
N SER A 1752 -67.14 -20.91 12.31
CA SER A 1752 -67.32 -21.37 10.94
C SER A 1752 -67.98 -20.32 10.05
N ILE A 1753 -68.72 -19.38 10.65
CA ILE A 1753 -69.32 -18.29 9.88
C ILE A 1753 -68.38 -17.11 9.70
N THR A 1754 -67.15 -17.18 10.25
CA THR A 1754 -66.17 -16.14 9.98
C THR A 1754 -65.79 -16.12 8.51
N GLU A 1755 -65.76 -17.30 7.87
CA GLU A 1755 -65.51 -17.37 6.44
C GLU A 1755 -66.80 -17.30 5.64
N GLN A 1756 -67.96 -17.35 6.29
CA GLN A 1756 -69.22 -17.28 5.57
C GLN A 1756 -69.45 -15.89 5.00
N ILE A 1757 -68.99 -14.85 5.70
CA ILE A 1757 -69.19 -13.46 5.29
C ILE A 1757 -67.84 -12.78 5.19
N GLU A 1758 -67.63 -12.06 4.10
CA GLU A 1758 -66.39 -11.31 3.91
C GLU A 1758 -66.46 -9.97 4.66
N PHE A 1759 -65.50 -9.77 5.55
CA PHE A 1759 -65.42 -8.55 6.36
C PHE A 1759 -64.20 -7.77 5.91
N ASN A 1760 -64.41 -6.75 5.09
CA ASN A 1760 -63.31 -5.95 4.55
C ASN A 1760 -63.72 -4.49 4.57
N THR A 1761 -62.71 -3.62 4.58
CA THR A 1761 -62.92 -2.18 4.53
C THR A 1761 -63.27 -1.77 3.10
N THR A 1762 -64.07 -0.70 2.98
CA THR A 1762 -64.48 -0.24 1.65
C THR A 1762 -63.30 0.22 0.83
N ASP A 1763 -62.32 0.87 1.46
CA ASP A 1763 -61.16 1.38 0.74
C ASP A 1763 -60.37 0.27 0.04
N ALA A 1764 -60.30 -0.93 0.62
CA ALA A 1764 -59.54 -2.04 0.06
C ALA A 1764 -60.42 -3.04 -0.66
N PHE A 1765 -61.61 -2.62 -1.08
CA PHE A 1765 -62.56 -3.49 -1.80
C PHE A 1765 -62.65 -3.08 -3.27
N GLN A 1766 -61.68 -2.31 -3.73
CA GLN A 1766 -61.65 -1.86 -5.12
C GLN A 1766 -61.37 -3.05 -6.03
N GLY A 1767 -62.10 -3.10 -7.14
CA GLY A 1767 -61.97 -4.21 -8.08
C GLY A 1767 -62.75 -5.43 -7.65
N ARG A 1768 -62.59 -5.84 -6.40
CA ARG A 1768 -63.32 -6.97 -5.85
C ARG A 1768 -64.81 -6.66 -5.81
N GLU A 1769 -65.61 -7.63 -6.19
CA GLU A 1769 -67.05 -7.46 -6.31
C GLU A 1769 -67.78 -8.38 -5.34
N CYS A 1770 -68.85 -7.86 -4.75
CA CYS A 1770 -69.71 -8.60 -3.84
C CYS A 1770 -71.16 -8.43 -4.25
N GLU A 1771 -71.95 -9.49 -4.09
CA GLU A 1771 -73.34 -9.51 -4.50
C GLU A 1771 -74.27 -8.90 -3.47
N ILE A 1772 -74.32 -9.45 -2.26
CA ILE A 1772 -75.13 -8.91 -1.18
C ILE A 1772 -74.30 -7.83 -0.50
N ILE A 1773 -74.45 -6.60 -0.96
CA ILE A 1773 -73.65 -5.48 -0.47
C ILE A 1773 -74.40 -4.89 0.73
N ILE A 1774 -74.21 -5.50 1.90
CA ILE A 1774 -74.83 -5.04 3.13
C ILE A 1774 -73.80 -4.14 3.82
N PHE A 1775 -73.84 -2.85 3.50
CA PHE A 1775 -72.85 -1.91 3.99
C PHE A 1775 -73.38 -1.18 5.22
N SER A 1776 -72.49 -0.83 6.13
CA SER A 1776 -72.82 -0.08 7.34
C SER A 1776 -71.67 0.87 7.63
N CYS A 1777 -71.86 2.14 7.31
CA CYS A 1777 -70.84 3.14 7.57
C CYS A 1777 -70.69 3.37 9.08
N VAL A 1778 -69.47 3.70 9.50
CA VAL A 1778 -69.19 3.90 10.92
C VAL A 1778 -69.56 5.32 11.31
N ARG A 1779 -68.81 6.29 10.80
CA ARG A 1779 -69.03 7.70 11.13
C ARG A 1779 -68.24 8.55 10.14
N ALA A 1780 -68.24 9.86 10.39
CA ALA A 1780 -67.49 10.80 9.57
C ALA A 1780 -66.09 10.98 10.12
N SER A 1781 -65.10 10.96 9.23
CA SER A 1781 -63.71 11.10 9.64
C SER A 1781 -63.39 12.54 10.01
N GLY A 1787 -64.07 13.69 6.95
CA GLY A 1787 -64.36 15.11 6.81
C GLY A 1787 -64.59 15.52 5.37
N PHE A 1788 -65.74 15.14 4.82
CA PHE A 1788 -66.18 15.50 3.47
C PHE A 1788 -65.33 14.85 2.41
N MET A 1789 -64.21 14.25 2.82
CA MET A 1789 -63.34 13.49 1.93
C MET A 1789 -63.29 12.01 2.28
N THR A 1790 -62.99 11.68 3.53
CA THR A 1790 -63.18 10.32 4.03
C THR A 1790 -64.56 10.15 4.65
N ASP A 1791 -65.40 11.19 4.58
CA ASP A 1791 -66.77 11.13 5.07
C ASP A 1791 -67.79 11.29 3.94
N ILE A 1792 -67.69 12.34 3.14
CA ILE A 1792 -68.64 12.53 2.04
C ILE A 1792 -68.10 12.04 0.71
N ARG A 1793 -66.83 12.25 0.42
CA ARG A 1793 -66.24 11.64 -0.77
C ARG A 1793 -66.05 10.14 -0.59
N ARG A 1794 -65.75 9.68 0.62
CA ARG A 1794 -65.85 8.25 0.89
C ARG A 1794 -67.29 7.77 0.74
N MET A 1795 -68.27 8.60 1.10
CA MET A 1795 -69.66 8.28 0.83
C MET A 1795 -69.96 8.14 -0.65
N ASN A 1796 -69.43 9.02 -1.49
CA ASN A 1796 -69.56 8.86 -2.93
C ASN A 1796 -68.88 7.58 -3.40
N VAL A 1797 -67.72 7.26 -2.83
CA VAL A 1797 -67.02 6.03 -3.18
C VAL A 1797 -67.88 4.82 -2.85
N GLY A 1798 -68.51 4.84 -1.68
CA GLY A 1798 -69.40 3.77 -1.25
C GLY A 1798 -70.62 3.67 -2.14
N LEU A 1799 -71.16 4.81 -2.54
CA LEU A 1799 -72.23 4.85 -3.54
C LEU A 1799 -71.79 4.32 -4.89
N THR A 1800 -70.50 4.34 -5.19
CA THR A 1800 -69.96 3.73 -6.39
C THR A 1800 -69.46 2.31 -6.16
N ARG A 1801 -68.72 2.06 -5.08
CA ARG A 1801 -68.22 0.71 -4.78
C ARG A 1801 -69.35 -0.23 -4.42
N ALA A 1802 -70.07 0.05 -3.34
CA ALA A 1802 -71.24 -0.75 -3.00
C ALA A 1802 -72.31 -0.56 -4.06
N ARG A 1803 -72.96 -1.65 -4.45
CA ARG A 1803 -73.84 -1.64 -5.61
C ARG A 1803 -75.28 -2.02 -5.29
N SER A 1804 -75.52 -3.08 -4.51
CA SER A 1804 -76.84 -3.71 -4.49
C SER A 1804 -77.69 -3.29 -3.31
N SER A 1805 -77.26 -3.53 -2.07
CA SER A 1805 -78.19 -3.46 -0.95
C SER A 1805 -78.03 -2.19 -0.13
N LEU A 1806 -79.03 -1.31 -0.18
CA LEU A 1806 -79.03 -0.10 0.65
C LEU A 1806 -79.52 -0.43 2.05
N TRP A 1807 -78.83 -1.34 2.75
CA TRP A 1807 -79.13 -1.66 4.14
C TRP A 1807 -78.29 -0.77 5.05
N ILE A 1808 -78.56 0.53 4.96
CA ILE A 1808 -77.74 1.51 5.65
C ILE A 1808 -77.95 1.41 7.17
N LEU A 1809 -76.96 1.86 7.93
CA LEU A 1809 -77.01 1.91 9.38
C LEU A 1809 -76.46 3.25 9.85
N GLY A 1810 -77.25 3.95 10.64
CA GLY A 1810 -76.83 5.26 11.14
C GLY A 1810 -77.95 5.93 11.90
N ASP A 1811 -77.83 7.25 12.01
CA ASP A 1811 -78.83 8.10 12.63
C ASP A 1811 -78.85 9.45 11.93
N SER A 1812 -80.05 9.94 11.61
CA SER A 1812 -80.17 11.20 10.88
C SER A 1812 -79.55 12.35 11.66
N ARG A 1813 -79.82 12.41 12.97
CA ARG A 1813 -79.19 13.43 13.80
C ARG A 1813 -77.69 13.21 13.91
N ALA A 1814 -77.25 11.98 14.11
CA ALA A 1814 -75.83 11.68 14.23
C ALA A 1814 -75.10 11.74 12.89
N LEU A 1815 -75.79 11.53 11.78
CA LEU A 1815 -75.20 11.68 10.46
C LEU A 1815 -75.58 12.98 9.79
N VAL A 1816 -76.00 13.98 10.56
CA VAL A 1816 -76.35 15.30 10.01
C VAL A 1816 -75.10 15.93 9.41
N GLN A 1817 -73.92 15.49 9.85
CA GLN A 1817 -72.68 15.93 9.23
C GLN A 1817 -72.66 15.62 7.75
N GLY A 1818 -73.29 14.52 7.35
CA GLY A 1818 -73.46 14.18 5.95
C GLY A 1818 -74.88 14.43 5.50
N GLU A 1819 -75.07 15.50 4.73
CA GLU A 1819 -76.39 15.84 4.23
C GLU A 1819 -76.93 14.79 3.27
N PHE A 1820 -76.07 13.92 2.72
CA PHE A 1820 -76.56 12.83 1.89
C PHE A 1820 -77.43 11.87 2.69
N TRP A 1821 -77.12 11.70 3.98
CA TRP A 1821 -77.97 10.88 4.84
C TRP A 1821 -79.36 11.52 5.00
N ALA A 1822 -79.39 12.84 5.17
CA ALA A 1822 -80.68 13.54 5.25
C ALA A 1822 -81.45 13.40 3.94
N LYS A 1823 -80.76 13.50 2.80
CA LYS A 1823 -81.41 13.30 1.51
C LYS A 1823 -81.95 11.88 1.38
N LEU A 1824 -81.19 10.88 1.85
CA LEU A 1824 -81.66 9.51 1.81
C LEU A 1824 -82.91 9.32 2.67
N ILE A 1825 -82.93 9.95 3.85
CA ILE A 1825 -84.10 9.84 4.72
C ILE A 1825 -85.31 10.50 4.07
N GLU A 1826 -85.10 11.67 3.46
CA GLU A 1826 -86.19 12.35 2.77
C GLU A 1826 -86.73 11.51 1.61
N ASP A 1827 -85.82 10.88 0.87
CA ASP A 1827 -86.26 10.02 -0.24
C ASP A 1827 -86.95 8.77 0.28
N ALA A 1828 -86.54 8.28 1.44
CA ALA A 1828 -87.27 7.19 2.09
C ALA A 1828 -88.70 7.61 2.40
N LYS A 1829 -88.86 8.82 2.95
CA LYS A 1829 -90.18 9.38 3.12
C LYS A 1829 -90.88 9.66 1.79
N GLN A 1830 -90.14 9.70 0.69
CA GLN A 1830 -90.69 10.03 -0.62
C GLN A 1830 -90.84 8.83 -1.53
N ARG A 1831 -89.78 8.07 -1.77
CA ARG A 1831 -89.81 6.97 -2.73
C ARG A 1831 -89.23 5.68 -2.13
N ASP A 1832 -89.36 5.51 -0.81
CA ASP A 1832 -88.92 4.32 -0.10
C ASP A 1832 -87.47 3.98 -0.43
N ARG A 1833 -86.61 4.97 -0.20
CA ARG A 1833 -85.18 4.85 -0.45
C ARG A 1833 -84.46 4.40 0.83
N TYR A 1834 -85.25 4.15 1.87
CA TYR A 1834 -84.76 3.62 3.14
C TYR A 1834 -85.96 3.28 4.01
N THR A 1835 -85.67 2.73 5.18
CA THR A 1835 -86.72 2.37 6.14
C THR A 1835 -86.06 2.29 7.51
N ASN A 1836 -86.46 3.17 8.41
CA ASN A 1836 -85.87 3.25 9.74
C ASN A 1836 -86.66 2.35 10.71
N GLY A 1837 -86.36 2.49 12.00
CA GLY A 1837 -87.06 1.71 13.01
C GLY A 1837 -86.22 0.54 13.52
N ASN A 1838 -86.84 -0.21 14.44
CA ASN A 1838 -86.22 -1.37 15.04
C ASN A 1838 -86.63 -2.61 14.24
N ILE A 1839 -85.70 -3.13 13.44
CA ILE A 1839 -86.00 -4.27 12.59
C ILE A 1839 -85.96 -5.59 13.36
N MET A 1840 -85.60 -5.55 14.65
CA MET A 1840 -85.60 -6.77 15.44
C MET A 1840 -86.98 -7.41 15.51
N ALA A 1841 -88.02 -6.59 15.67
CA ALA A 1841 -89.39 -7.11 15.61
C ALA A 1841 -89.72 -7.58 14.21
N LEU A 1842 -89.22 -6.89 13.19
CA LEU A 1842 -89.45 -7.29 11.80
C LEU A 1842 -88.84 -8.65 11.48
N LEU A 1843 -87.69 -8.97 12.06
CA LEU A 1843 -87.06 -10.27 11.86
C LEU A 1843 -87.71 -11.37 12.68
N SER A 1844 -88.57 -11.02 13.64
CA SER A 1844 -89.24 -12.00 14.47
C SER A 1844 -90.41 -12.63 13.72
#